data_9G03
#
_entry.id   9G03
#
_cell.length_a   1.00
_cell.length_b   1.00
_cell.length_c   1.00
_cell.angle_alpha   90.00
_cell.angle_beta   90.00
_cell.angle_gamma   90.00
#
_symmetry.space_group_name_H-M   'P 1'
#
loop_
_entity.id
_entity.type
_entity.pdbx_description
1 polymer 'CO-methylating acetyl-CoA synthase'
2 polymer 'Carbon monoxide dehydrogenase/acetyl-CoA synthase beta subunit'
3 polymer Ferredoxin
4 non-polymer 'IRON/SULFUR CLUSTER'
5 non-polymer 'Fe(3)-Ni(1)-S(4) cluster'
#
loop_
_entity_poly.entity_id
_entity_poly.type
_entity_poly.pdbx_seq_one_letter_code
_entity_poly.pdbx_strand_id
1 'polypeptide(L)'
;MNLFQTVFTGSKQALAAAEGIVKQAVDEKGRDYKVAFPDTAYSLPVIFAATGKKITNVGELEGALDIVRSLIVEEEMLDK
LLNSGLATAVAAEIIEAAKYVLSDAPYAEPCVGFISDPIIRSLGVPLVTGDIPGVAVILGECPDSETAAKIIKDYQSKGL
LTCLVGKVIDQAIEGKVKMGLDLRVIPLGYDVTSVIHVVTIAIRAALIFGGIKGGQLNDILKYTAERVPAFVNAFGPLSE
LVVSAGAGAIALGFPVLTDQVVPEVPTLLLTQKDYDKMVKTSLEARNIKIKITEIPIPVSFAAAFEGERIRKNDMLAEFG
GNKTKAWELVMCADQGEVEDHKIEVIGPDIDTIDKAPGRMPLGMLIKVSGTNMQKDFEPVLERRLHYFLNYIEGVMHVGQ
RNLTWVRIGKEAFEKGFRLKHFGEVIYAKMLDEFGSVVDKCEVTIITDPGKAEELEGKYAVPRYKERDARLESLVDEKVD
TFYSCNLCQSFAPAHVCIVTPERLGLCGAVSWLDAKATLELNPTGPCQAVPKEGVVDENLGIWEKVNETVSKISQGAVTS
VTLYSILQDPMTSCGCFECITGIMPEANGVVMVNREFGATTPLGMTFGELASMTGGGVQTPGFMGHGRQFIASKKFMKGE
GGLGRIVWMPKELKDFVAEKLNKTAKELYNIDNFADMICDETIATESEEVVKFLEEKGHPALKMDPIM
;
A,D
2 'polypeptide(L)'
;EEKAKSIDQATLQLLDKAKQDGVETVWDRKADMKVQCGFGSAGVCCRNCSMGPCRVSPVPGKGVERGICGATADVIVSRN
FARMVAAGTAAHSDHGRSIALSLYHTSKDGDIKVKDENKLKEVAKSFNVETEGRDIYDIAHDVAKEGLSNYGKQLGEVTL
PPSLPEKRKELWRKLGVYPRAVDREIAAVMHSTHIGCNADAEAMIKMSMRCSLTDGWMGSFMGTEFSDIMFGTPHSIDTE
ANLGVLEKNSVNVVLHGHEPLLSEMVVEAASDPELVELAKSVGADGINLCGMCCTGNEVSMRHGIKIAGNFMQQELAVVT
GAVDGLIVDVQCIMPALAKLSKSYHTKFITTSPKAHITDSIYMEFDEENPLDSAKKILKEAILNFKNRDQSKVMIPELKC
KAILGYSVEEIINKLDKVVNTQIGPMQTVKPLADVLVSGVLRGAAAVVGCNNPKVVQDSAHIETIKGLIKNDVIVVVTGC
AAQAAAKYGLLQKEAAEKYAGPGLATVCKLVDIPPVLHMGSCVDISRILDLVGRVANLLGVDMSDLPVAGVAPEWMSEKA
VAIGTYVVTSGIDTWLGVAPPVTGGPEVVDILTNKMEDWVGAKFFIETDPHKAVEQIVNRMNEKRKKLGI
;
B,C
3 'polypeptide(L)' MAYKITEDCVSCGSCASECPADAISQGDSQFVIDPEKCIECGNCANVCPVGAPVEES E
#
loop_
_chem_comp.id
_chem_comp.type
_chem_comp.name
_chem_comp.formula
RQM non-polymer 'Fe(3)-Ni(1)-S(4) cluster' 'Fe4 Ni S4'
SF4 non-polymer 'IRON/SULFUR CLUSTER' 'Fe4 S4'
#
# COMPACT_ATOMS: atom_id res chain seq x y z
N MET A 1 9.33 -48.59 2.83
CA MET A 1 10.63 -48.89 2.17
C MET A 1 10.61 -48.42 0.72
N ASN A 2 11.49 -47.47 0.41
CA ASN A 2 11.54 -46.89 -0.92
C ASN A 2 12.34 -47.81 -1.86
N LEU A 3 12.49 -47.37 -3.11
CA LEU A 3 13.15 -48.18 -4.12
C LEU A 3 14.60 -48.48 -3.75
N PHE A 4 15.34 -47.46 -3.33
CA PHE A 4 16.75 -47.66 -2.99
C PHE A 4 16.89 -48.64 -1.83
N GLN A 5 16.07 -48.48 -0.81
CA GLN A 5 16.15 -49.38 0.35
C GLN A 5 15.72 -50.78 -0.04
N THR A 6 14.72 -50.92 -0.90
CA THR A 6 14.34 -52.25 -1.36
C THR A 6 15.50 -52.92 -2.10
N VAL A 7 16.17 -52.18 -2.99
CA VAL A 7 17.29 -52.76 -3.74
C VAL A 7 18.44 -53.12 -2.80
N PHE A 8 18.76 -52.26 -1.85
CA PHE A 8 19.83 -52.56 -0.90
C PHE A 8 19.50 -53.79 -0.07
N THR A 9 18.26 -53.90 0.40
CA THR A 9 17.85 -55.07 1.18
C THR A 9 17.94 -56.34 0.34
N GLY A 10 17.50 -56.28 -0.91
CA GLY A 10 17.61 -57.43 -1.78
C GLY A 10 19.05 -57.84 -2.02
N SER A 11 19.94 -56.87 -2.22
CA SER A 11 21.35 -57.17 -2.43
C SER A 11 21.98 -57.79 -1.19
N LYS A 12 21.61 -57.30 -0.01
CA LYS A 12 22.13 -57.88 1.22
C LYS A 12 21.64 -59.31 1.40
N GLN A 13 20.37 -59.58 1.07
CA GLN A 13 19.85 -60.94 1.14
C GLN A 13 20.58 -61.85 0.16
N ALA A 14 20.85 -61.35 -1.04
CA ALA A 14 21.60 -62.15 -2.01
C ALA A 14 23.01 -62.44 -1.50
N LEU A 15 23.65 -61.44 -0.89
CA LEU A 15 24.98 -61.64 -0.30
C LEU A 15 24.94 -62.69 0.81
N ALA A 16 23.92 -62.64 1.67
CA ALA A 16 23.80 -63.62 2.73
C ALA A 16 23.62 -65.03 2.19
N ALA A 17 22.78 -65.19 1.17
CA ALA A 17 22.60 -66.51 0.56
C ALA A 17 23.89 -67.01 -0.07
N ALA A 18 24.61 -66.12 -0.77
CA ALA A 18 25.88 -66.50 -1.37
C ALA A 18 26.89 -66.90 -0.31
N GLU A 19 26.96 -66.15 0.79
CA GLU A 19 27.89 -66.51 1.87
C GLU A 19 27.54 -67.87 2.46
N GLY A 20 26.25 -68.14 2.67
CA GLY A 20 25.86 -69.44 3.22
C GLY A 20 26.22 -70.58 2.29
N ILE A 21 25.91 -70.44 1.00
CA ILE A 21 26.18 -71.54 0.07
C ILE A 21 27.68 -71.71 -0.13
N VAL A 22 28.45 -70.63 -0.11
CA VAL A 22 29.90 -70.74 -0.23
C VAL A 22 30.48 -71.43 1.00
N LYS A 23 29.95 -71.12 2.19
CA LYS A 23 30.41 -71.82 3.39
C LYS A 23 30.09 -73.31 3.30
N GLN A 24 28.92 -73.65 2.79
CA GLN A 24 28.59 -75.07 2.62
C GLN A 24 29.54 -75.73 1.63
N ALA A 25 29.84 -75.06 0.52
CA ALA A 25 30.77 -75.62 -0.45
C ALA A 25 32.17 -75.79 0.14
N VAL A 26 32.62 -74.81 0.94
CA VAL A 26 33.92 -74.91 1.59
C VAL A 26 33.96 -76.08 2.56
N ASP A 27 32.86 -76.28 3.30
CA ASP A 27 32.81 -77.37 4.27
C ASP A 27 32.83 -78.72 3.56
N GLU A 28 31.96 -78.91 2.57
CA GLU A 28 31.90 -80.21 1.90
C GLU A 28 33.11 -80.48 1.01
N LYS A 29 33.47 -79.55 0.12
CA LYS A 29 34.43 -79.89 -0.92
C LYS A 29 35.85 -79.34 -0.79
N GLY A 30 36.13 -78.33 0.02
CA GLY A 30 37.51 -77.90 0.07
C GLY A 30 37.83 -76.72 -0.84
N ARG A 31 38.82 -75.92 -0.43
CA ARG A 31 39.13 -74.68 -1.14
C ARG A 31 39.96 -74.91 -2.40
N ASP A 32 40.59 -76.08 -2.55
CA ASP A 32 41.29 -76.47 -3.75
C ASP A 32 40.39 -77.12 -4.78
N TYR A 33 39.16 -77.44 -4.41
CA TYR A 33 38.24 -78.08 -5.33
C TYR A 33 37.88 -77.13 -6.46
N LYS A 34 37.77 -77.68 -7.67
CA LYS A 34 37.60 -76.87 -8.87
C LYS A 34 36.21 -76.25 -8.90
N VAL A 35 36.14 -75.02 -9.42
CA VAL A 35 34.89 -74.30 -9.62
C VAL A 35 34.80 -73.94 -11.11
N ALA A 36 33.73 -74.37 -11.76
CA ALA A 36 33.56 -74.10 -13.17
C ALA A 36 32.09 -74.25 -13.56
N PHE A 37 31.74 -73.68 -14.70
CA PHE A 37 30.48 -73.79 -15.41
C PHE A 37 30.65 -74.69 -16.63
N PRO A 38 29.62 -75.47 -16.99
CA PRO A 38 29.79 -76.46 -18.06
C PRO A 38 30.00 -75.78 -19.42
N ASP A 39 31.15 -76.05 -20.03
CA ASP A 39 31.46 -75.64 -21.40
C ASP A 39 31.39 -74.11 -21.57
N THR A 40 32.27 -73.43 -20.85
CA THR A 40 32.45 -71.99 -20.99
C THR A 40 33.94 -71.68 -21.00
N ALA A 41 34.29 -70.59 -21.68
CA ALA A 41 35.67 -70.12 -21.77
C ALA A 41 35.92 -68.85 -20.98
N TYR A 42 34.94 -68.38 -20.20
CA TYR A 42 35.07 -67.14 -19.45
C TYR A 42 34.85 -67.36 -17.96
N SER A 43 35.12 -68.58 -17.49
CA SER A 43 34.98 -68.92 -16.08
C SER A 43 33.60 -68.55 -15.55
N LEU A 44 33.56 -67.60 -14.61
CA LEU A 44 32.30 -67.02 -14.17
C LEU A 44 32.10 -65.71 -14.92
N PRO A 45 31.19 -65.64 -15.89
CA PRO A 45 31.18 -64.49 -16.80
C PRO A 45 30.98 -63.13 -16.13
N VAL A 46 30.14 -63.03 -15.10
CA VAL A 46 29.88 -61.73 -14.49
C VAL A 46 31.12 -61.23 -13.77
N ILE A 47 31.76 -62.08 -12.98
CA ILE A 47 32.98 -61.70 -12.27
C ILE A 47 34.09 -61.39 -13.27
N PHE A 48 34.19 -62.20 -14.34
CA PHE A 48 35.22 -61.96 -15.33
C PHE A 48 35.02 -60.62 -16.02
N ALA A 49 33.78 -60.26 -16.33
CA ALA A 49 33.50 -58.97 -16.95
C ALA A 49 33.76 -57.82 -15.98
N ALA A 50 33.40 -58.01 -14.70
CA ALA A 50 33.52 -56.91 -13.74
C ALA A 50 34.97 -56.65 -13.36
N THR A 51 35.77 -57.70 -13.22
CA THR A 51 37.13 -57.57 -12.70
C THR A 51 38.21 -58.17 -13.60
N GLY A 52 37.88 -59.10 -14.48
CA GLY A 52 38.87 -59.80 -15.27
C GLY A 52 39.42 -61.04 -14.64
N LYS A 53 39.09 -61.30 -13.37
CA LYS A 53 39.57 -62.49 -12.68
C LYS A 53 38.75 -63.71 -13.05
N LYS A 54 39.43 -64.84 -13.21
CA LYS A 54 38.77 -66.11 -13.47
C LYS A 54 38.75 -66.93 -12.19
N ILE A 55 37.56 -67.35 -11.78
CA ILE A 55 37.37 -68.14 -10.57
C ILE A 55 37.54 -69.61 -10.95
N THR A 56 38.54 -70.27 -10.37
CA THR A 56 38.85 -71.65 -10.72
C THR A 56 38.68 -72.63 -9.57
N ASN A 57 38.85 -72.20 -8.33
CA ASN A 57 38.73 -73.07 -7.17
C ASN A 57 37.75 -72.47 -6.17
N VAL A 58 37.40 -73.26 -5.17
CA VAL A 58 36.42 -72.84 -4.17
C VAL A 58 36.96 -71.69 -3.33
N GLY A 59 38.26 -71.67 -3.05
CA GLY A 59 38.82 -70.57 -2.29
C GLY A 59 38.66 -69.24 -3.01
N GLU A 60 38.88 -69.23 -4.32
CA GLU A 60 38.64 -68.01 -5.09
C GLU A 60 37.17 -67.64 -5.11
N LEU A 61 36.28 -68.63 -5.12
CA LEU A 61 34.85 -68.34 -5.05
C LEU A 61 34.51 -67.66 -3.73
N GLU A 62 35.10 -68.14 -2.63
CA GLU A 62 34.92 -67.48 -1.33
C GLU A 62 35.52 -66.08 -1.33
N GLY A 63 36.64 -65.89 -2.01
CA GLY A 63 37.20 -64.55 -2.13
C GLY A 63 36.45 -63.63 -3.06
N ALA A 64 35.52 -64.17 -3.86
CA ALA A 64 34.71 -63.36 -4.76
C ALA A 64 33.55 -62.68 -4.04
N LEU A 65 33.26 -63.06 -2.80
CA LEU A 65 32.23 -62.37 -2.03
C LEU A 65 32.64 -60.92 -1.72
N ASP A 66 33.94 -60.64 -1.71
CA ASP A 66 34.39 -59.27 -1.49
C ASP A 66 33.94 -58.34 -2.60
N ILE A 67 33.82 -58.85 -3.83
CA ILE A 67 33.27 -58.04 -4.92
C ILE A 67 31.84 -57.64 -4.61
N VAL A 68 31.03 -58.60 -4.16
CA VAL A 68 29.65 -58.31 -3.79
C VAL A 68 29.60 -57.30 -2.67
N ARG A 69 30.46 -57.47 -1.66
CA ARG A 69 30.48 -56.55 -0.53
C ARG A 69 30.86 -55.15 -0.95
N SER A 70 31.85 -55.01 -1.83
CA SER A 70 32.29 -53.70 -2.26
C SER A 70 31.33 -53.03 -3.23
N LEU A 71 30.47 -53.80 -3.89
CA LEU A 71 29.49 -53.22 -4.80
C LEU A 71 28.23 -52.73 -4.11
N ILE A 72 28.10 -52.91 -2.81
CA ILE A 72 26.93 -52.47 -2.06
C ILE A 72 27.35 -51.29 -1.20
N VAL A 73 27.00 -50.09 -1.65
CA VAL A 73 27.20 -48.86 -0.89
C VAL A 73 25.82 -48.25 -0.69
N GLU A 74 25.37 -48.17 0.56
CA GLU A 74 24.00 -47.78 0.87
C GLU A 74 23.88 -46.26 0.95
N GLU A 75 23.96 -45.63 -0.21
CA GLU A 75 23.71 -44.20 -0.36
C GLU A 75 22.71 -44.01 -1.50
N GLU A 76 21.68 -43.21 -1.25
CA GLU A 76 20.55 -43.10 -2.16
C GLU A 76 20.89 -42.18 -3.34
N MET A 77 21.74 -42.70 -4.21
CA MET A 77 22.04 -42.08 -5.50
C MET A 77 22.01 -43.18 -6.56
N LEU A 78 21.70 -42.78 -7.78
CA LEU A 78 21.40 -43.75 -8.83
C LEU A 78 22.57 -44.69 -9.10
N ASP A 79 23.80 -44.16 -9.11
CA ASP A 79 24.96 -45.01 -9.36
C ASP A 79 25.09 -46.11 -8.32
N LYS A 80 24.85 -45.79 -7.04
CA LYS A 80 24.91 -46.81 -6.00
C LYS A 80 23.81 -47.85 -6.20
N LEU A 81 22.63 -47.44 -6.65
CA LEU A 81 21.57 -48.40 -6.91
C LEU A 81 21.97 -49.35 -8.04
N LEU A 82 22.57 -48.83 -9.11
CA LEU A 82 23.01 -49.70 -10.20
C LEU A 82 24.13 -50.64 -9.73
N ASN A 83 25.07 -50.13 -8.93
CA ASN A 83 26.13 -50.98 -8.39
C ASN A 83 25.56 -52.06 -7.48
N SER A 84 24.51 -51.75 -6.73
CA SER A 84 23.88 -52.73 -5.86
C SER A 84 23.16 -53.80 -6.68
N GLY A 85 22.52 -53.41 -7.77
CA GLY A 85 21.97 -54.40 -8.69
C GLY A 85 23.04 -55.32 -9.25
N LEU A 86 24.19 -54.75 -9.62
CA LEU A 86 25.31 -55.55 -10.08
C LEU A 86 25.85 -56.47 -8.98
N ALA A 87 25.82 -56.00 -7.73
CA ALA A 87 26.21 -56.86 -6.61
C ALA A 87 25.26 -58.05 -6.50
N THR A 88 23.97 -57.82 -6.67
CA THR A 88 23.02 -58.93 -6.67
C THR A 88 23.32 -59.90 -7.81
N ALA A 89 23.67 -59.39 -8.99
CA ALA A 89 23.99 -60.27 -10.11
C ALA A 89 25.23 -61.11 -9.81
N VAL A 90 26.26 -60.50 -9.23
CA VAL A 90 27.47 -61.24 -8.88
C VAL A 90 27.15 -62.29 -7.82
N ALA A 91 26.34 -61.94 -6.82
CA ALA A 91 25.97 -62.91 -5.79
C ALA A 91 25.18 -64.08 -6.39
N ALA A 92 24.27 -63.79 -7.33
CA ALA A 92 23.53 -64.87 -7.99
C ALA A 92 24.46 -65.77 -8.78
N GLU A 93 25.44 -65.19 -9.46
CA GLU A 93 26.40 -66.02 -10.18
C GLU A 93 27.19 -66.91 -9.22
N ILE A 94 27.59 -66.35 -8.07
CA ILE A 94 28.32 -67.15 -7.09
C ILE A 94 27.45 -68.29 -6.57
N ILE A 95 26.17 -68.01 -6.32
CA ILE A 95 25.25 -69.06 -5.86
C ILE A 95 25.13 -70.15 -6.91
N GLU A 96 25.00 -69.78 -8.19
CA GLU A 96 24.89 -70.79 -9.24
C GLU A 96 26.16 -71.61 -9.37
N ALA A 97 27.33 -70.96 -9.26
CA ALA A 97 28.59 -71.69 -9.32
C ALA A 97 28.71 -72.66 -8.15
N ALA A 98 28.30 -72.24 -6.95
CA ALA A 98 28.31 -73.13 -5.80
C ALA A 98 27.35 -74.30 -5.99
N LYS A 99 26.20 -74.05 -6.60
CA LYS A 99 25.27 -75.13 -6.93
C LYS A 99 25.94 -76.14 -7.85
N TYR A 100 26.65 -75.67 -8.87
CA TYR A 100 27.29 -76.58 -9.82
C TYR A 100 28.44 -77.35 -9.16
N VAL A 101 29.17 -76.74 -8.23
CA VAL A 101 30.25 -77.48 -7.60
C VAL A 101 29.75 -78.40 -6.48
N LEU A 102 28.55 -78.18 -5.96
CA LEU A 102 28.01 -79.05 -4.92
C LEU A 102 27.32 -80.27 -5.49
N SER A 103 26.55 -80.12 -6.57
CA SER A 103 25.80 -81.20 -7.17
C SER A 103 26.29 -81.45 -8.59
N ASP A 104 26.34 -82.73 -8.97
CA ASP A 104 26.78 -83.09 -10.31
C ASP A 104 25.82 -82.56 -11.37
N ALA A 105 24.52 -82.65 -11.11
CA ALA A 105 23.47 -82.19 -12.02
C ALA A 105 22.51 -81.29 -11.25
N PRO A 106 22.87 -80.02 -11.04
CA PRO A 106 21.99 -79.12 -10.27
C PRO A 106 20.63 -78.92 -10.87
N TYR A 107 20.50 -78.94 -12.19
CA TYR A 107 19.25 -78.65 -12.88
C TYR A 107 18.75 -79.89 -13.60
N ALA A 108 17.47 -80.19 -13.40
CA ALA A 108 16.81 -81.32 -14.01
C ALA A 108 15.73 -80.79 -14.94
N GLU A 109 15.66 -81.37 -16.12
CA GLU A 109 14.73 -80.91 -17.15
C GLU A 109 13.33 -80.71 -16.57
N PRO A 110 12.59 -79.70 -17.05
CA PRO A 110 12.88 -78.95 -18.27
C PRO A 110 13.88 -77.81 -18.05
N CYS A 111 14.32 -77.58 -16.82
CA CYS A 111 15.26 -76.50 -16.56
C CYS A 111 16.61 -76.83 -17.17
N VAL A 112 17.25 -75.82 -17.78
CA VAL A 112 18.53 -76.03 -18.43
C VAL A 112 19.70 -75.45 -17.66
N GLY A 113 19.46 -74.51 -16.74
CA GLY A 113 20.54 -73.94 -15.97
C GLY A 113 21.47 -73.11 -16.84
N PHE A 114 22.77 -73.36 -16.73
CA PHE A 114 23.76 -72.58 -17.44
C PHE A 114 23.70 -72.85 -18.94
N ILE A 115 23.96 -71.80 -19.72
CA ILE A 115 23.97 -71.88 -21.17
C ILE A 115 25.41 -71.81 -21.63
N SER A 116 25.83 -72.82 -22.40
CA SER A 116 27.22 -72.94 -22.79
C SER A 116 27.56 -71.94 -23.89
N ASP A 117 28.87 -71.75 -24.09
CA ASP A 117 29.34 -70.86 -25.14
C ASP A 117 28.89 -71.26 -26.54
N PRO A 118 28.93 -72.52 -26.96
CA PRO A 118 28.46 -72.84 -28.31
C PRO A 118 27.01 -72.45 -28.56
N ILE A 119 26.14 -72.54 -27.56
CA ILE A 119 24.76 -72.08 -27.74
C ILE A 119 24.73 -70.57 -27.94
N ILE A 120 25.57 -69.84 -27.22
CA ILE A 120 25.66 -68.39 -27.41
C ILE A 120 26.09 -68.06 -28.83
N ARG A 121 27.11 -68.77 -29.33
CA ARG A 121 27.57 -68.52 -30.69
C ARG A 121 26.50 -68.90 -31.71
N SER A 122 25.76 -69.98 -31.47
CA SER A 122 24.68 -70.35 -32.37
C SER A 122 23.60 -69.28 -32.41
N LEU A 123 23.25 -68.72 -31.25
CA LEU A 123 22.21 -67.69 -31.19
C LEU A 123 22.71 -66.32 -31.65
N GLY A 124 24.03 -66.12 -31.72
CA GLY A 124 24.54 -64.83 -32.17
C GLY A 124 24.18 -64.48 -33.60
N VAL A 125 24.19 -65.47 -34.50
CA VAL A 125 23.87 -65.19 -35.90
C VAL A 125 22.45 -64.69 -36.07
N PRO A 126 21.41 -65.33 -35.52
CA PRO A 126 20.07 -64.76 -35.62
C PRO A 126 19.86 -63.55 -34.73
N LEU A 127 20.75 -63.31 -33.76
CA LEU A 127 20.59 -62.16 -32.88
C LEU A 127 20.84 -60.88 -33.67
N VAL A 128 22.03 -60.78 -34.27
CA VAL A 128 22.38 -59.59 -35.02
C VAL A 128 21.58 -59.54 -36.32
N THR A 129 21.23 -60.70 -36.89
CA THR A 129 20.52 -60.67 -38.16
C THR A 129 19.16 -60.00 -38.01
N GLY A 130 18.45 -60.27 -36.92
CA GLY A 130 17.11 -59.74 -36.71
C GLY A 130 16.04 -60.80 -36.63
N ASP A 131 16.36 -62.06 -36.92
CA ASP A 131 15.42 -63.14 -36.68
C ASP A 131 15.08 -63.26 -35.21
N ILE A 132 16.01 -62.88 -34.34
CA ILE A 132 15.72 -62.72 -32.92
C ILE A 132 15.73 -61.23 -32.63
N PRO A 133 14.57 -60.57 -32.64
CA PRO A 133 14.54 -59.12 -32.41
C PRO A 133 14.61 -58.72 -30.93
N GLY A 134 14.62 -59.68 -30.01
CA GLY A 134 14.72 -59.34 -28.60
C GLY A 134 14.78 -60.58 -27.76
N VAL A 135 15.07 -60.37 -26.47
CA VAL A 135 15.11 -61.43 -25.49
C VAL A 135 14.14 -61.07 -24.37
N ALA A 136 13.13 -61.90 -24.18
CA ALA A 136 12.10 -61.69 -23.17
C ALA A 136 12.45 -62.54 -21.95
N VAL A 137 12.83 -61.88 -20.86
CA VAL A 137 13.16 -62.54 -19.61
C VAL A 137 11.91 -62.48 -18.74
N ILE A 138 11.22 -63.61 -18.62
CA ILE A 138 9.97 -63.70 -17.88
C ILE A 138 10.26 -64.35 -16.53
N LEU A 139 9.97 -63.63 -15.45
CA LEU A 139 10.27 -64.08 -14.10
C LEU A 139 9.03 -63.99 -13.23
N GLY A 140 8.83 -64.98 -12.36
CA GLY A 140 7.76 -64.94 -11.40
C GLY A 140 6.62 -65.87 -11.74
N GLU A 141 5.40 -65.45 -11.42
CA GLU A 141 4.19 -66.23 -11.68
C GLU A 141 3.07 -65.30 -12.14
N CYS A 142 2.38 -65.67 -13.22
CA CYS A 142 1.20 -64.96 -13.65
C CYS A 142 -0.02 -65.40 -12.85
N PRO A 143 -1.07 -64.57 -12.81
CA PRO A 143 -2.28 -64.98 -12.07
C PRO A 143 -2.87 -66.29 -12.56
N ASP A 144 -2.72 -66.62 -13.84
CA ASP A 144 -3.24 -67.86 -14.41
C ASP A 144 -2.18 -68.48 -15.29
N SER A 145 -2.33 -69.79 -15.52
CA SER A 145 -1.51 -70.45 -16.53
C SER A 145 -1.87 -69.99 -17.94
N GLU A 146 -3.13 -69.68 -18.17
CA GLU A 146 -3.58 -69.29 -19.50
C GLU A 146 -2.92 -67.98 -19.94
N THR A 147 -2.88 -66.98 -19.05
CA THR A 147 -2.28 -65.71 -19.42
C THR A 147 -0.77 -65.83 -19.61
N ALA A 148 -0.12 -66.63 -18.76
CA ALA A 148 1.32 -66.86 -18.95
C ALA A 148 1.59 -67.52 -20.29
N ALA A 149 0.81 -68.54 -20.64
CA ALA A 149 0.96 -69.20 -21.93
C ALA A 149 0.69 -68.23 -23.08
N LYS A 150 -0.33 -67.39 -22.94
CA LYS A 150 -0.64 -66.42 -23.99
C LYS A 150 0.52 -65.46 -24.22
N ILE A 151 1.07 -64.92 -23.14
CA ILE A 151 2.18 -63.96 -23.28
C ILE A 151 3.40 -64.65 -23.87
N ILE A 152 3.72 -65.84 -23.37
CA ILE A 152 4.91 -66.56 -23.83
C ILE A 152 4.78 -66.90 -25.31
N LYS A 153 3.60 -67.37 -25.72
CA LYS A 153 3.43 -67.73 -27.12
C LYS A 153 3.32 -66.50 -28.02
N ASP A 154 2.83 -65.37 -27.51
CA ASP A 154 2.90 -64.14 -28.29
C ASP A 154 4.34 -63.73 -28.56
N TYR A 155 5.19 -63.80 -27.52
CA TYR A 155 6.60 -63.52 -27.74
C TYR A 155 7.21 -64.52 -28.70
N GLN A 156 6.85 -65.80 -28.57
CA GLN A 156 7.44 -66.82 -29.42
C GLN A 156 7.04 -66.61 -30.87
N SER A 157 5.76 -66.27 -31.11
CA SER A 157 5.28 -66.07 -32.47
C SER A 157 5.91 -64.84 -33.11
N LYS A 158 6.47 -63.95 -32.28
CA LYS A 158 7.14 -62.77 -32.83
C LYS A 158 8.64 -62.98 -33.04
N GLY A 159 9.16 -64.17 -32.74
CA GLY A 159 10.54 -64.53 -32.98
C GLY A 159 11.48 -64.26 -31.82
N LEU A 160 10.99 -63.66 -30.75
CA LEU A 160 11.81 -63.32 -29.59
C LEU A 160 12.28 -64.58 -28.88
N LEU A 161 13.50 -64.57 -28.34
CA LEU A 161 14.00 -65.66 -27.52
C LEU A 161 13.58 -65.41 -26.07
N THR A 162 12.61 -66.17 -25.58
CA THR A 162 12.07 -65.98 -24.24
C THR A 162 12.71 -66.98 -23.26
N CYS A 163 13.14 -66.46 -22.10
CA CYS A 163 13.69 -67.26 -21.01
C CYS A 163 12.74 -67.19 -19.82
N LEU A 164 12.58 -68.31 -19.11
CA LEU A 164 11.61 -68.43 -18.04
C LEU A 164 12.31 -68.73 -16.72
N VAL A 165 11.97 -67.96 -15.69
CA VAL A 165 12.49 -68.14 -14.34
C VAL A 165 11.30 -68.21 -13.39
N GLY A 166 11.29 -69.23 -12.53
CA GLY A 166 10.28 -69.34 -11.50
C GLY A 166 9.10 -70.19 -11.90
N LYS A 167 7.99 -69.96 -11.19
CA LYS A 167 6.78 -70.75 -11.36
C LYS A 167 6.13 -70.54 -12.72
N VAL A 168 6.54 -69.53 -13.49
CA VAL A 168 6.02 -69.36 -14.83
C VAL A 168 6.38 -70.54 -15.71
N ILE A 169 7.43 -71.29 -15.36
CA ILE A 169 7.77 -72.49 -16.09
C ILE A 169 6.65 -73.52 -15.97
N ASP A 170 6.17 -73.74 -14.75
CA ASP A 170 5.08 -74.70 -14.54
C ASP A 170 3.80 -74.22 -15.19
N GLN A 171 3.52 -72.93 -15.11
CA GLN A 171 2.33 -72.37 -15.75
C GLN A 171 2.39 -72.55 -17.26
N ALA A 172 3.57 -72.34 -17.86
CA ALA A 172 3.72 -72.53 -19.30
C ALA A 172 3.58 -74.00 -19.67
N ILE A 173 4.08 -74.90 -18.83
CA ILE A 173 3.90 -76.33 -19.09
C ILE A 173 2.43 -76.69 -19.05
N GLU A 174 1.69 -76.16 -18.08
CA GLU A 174 0.24 -76.37 -18.02
C GLU A 174 -0.45 -75.72 -19.21
N GLY A 175 0.15 -74.68 -19.78
CA GLY A 175 -0.38 -73.99 -20.94
C GLY A 175 0.04 -74.57 -22.26
N LYS A 176 0.70 -75.73 -22.26
CA LYS A 176 1.09 -76.43 -23.49
C LYS A 176 2.02 -75.59 -24.36
N VAL A 177 2.94 -74.87 -23.72
CA VAL A 177 3.95 -74.12 -24.44
C VAL A 177 5.10 -75.07 -24.78
N LYS A 178 5.45 -75.15 -26.06
CA LYS A 178 6.51 -76.04 -26.51
C LYS A 178 7.86 -75.36 -26.30
N MET A 179 8.74 -76.00 -25.55
CA MET A 179 9.98 -75.40 -25.09
C MET A 179 11.19 -76.03 -25.75
N GLY A 180 12.28 -75.28 -25.78
CA GLY A 180 13.53 -75.74 -26.33
C GLY A 180 14.30 -74.58 -26.92
N LEU A 181 15.55 -74.88 -27.30
CA LEU A 181 16.40 -73.86 -27.91
C LEU A 181 15.93 -73.51 -29.32
N ASP A 182 15.49 -74.50 -30.08
CA ASP A 182 14.97 -74.23 -31.41
C ASP A 182 13.59 -73.58 -31.36
N LEU A 183 12.81 -73.88 -30.32
CA LEU A 183 11.52 -73.24 -30.11
C LEU A 183 11.63 -71.91 -29.38
N ARG A 184 12.83 -71.52 -28.96
CA ARG A 184 13.10 -70.22 -28.37
C ARG A 184 12.33 -69.99 -27.07
N VAL A 185 12.09 -71.05 -26.30
CA VAL A 185 11.50 -70.95 -24.97
C VAL A 185 12.42 -71.74 -24.04
N ILE A 186 13.24 -71.04 -23.28
CA ILE A 186 14.30 -71.66 -22.50
C ILE A 186 13.94 -71.53 -21.02
N PRO A 187 13.65 -72.63 -20.32
CA PRO A 187 13.46 -72.57 -18.86
C PRO A 187 14.80 -72.64 -18.16
N LEU A 188 15.15 -71.59 -17.42
CA LEU A 188 16.45 -71.52 -16.76
C LEU A 188 16.44 -72.22 -15.41
N GLY A 189 15.43 -71.96 -14.58
CA GLY A 189 15.36 -72.57 -13.27
C GLY A 189 14.28 -71.95 -12.41
N TYR A 190 13.86 -72.65 -11.36
CA TYR A 190 12.78 -72.17 -10.52
C TYR A 190 13.23 -71.12 -9.51
N ASP A 191 14.52 -71.02 -9.25
CA ASP A 191 15.05 -70.03 -8.31
C ASP A 191 15.36 -68.72 -9.02
N VAL A 192 15.26 -67.62 -8.28
CA VAL A 192 15.47 -66.30 -8.85
C VAL A 192 16.89 -66.17 -9.42
N THR A 193 17.87 -66.75 -8.71
CA THR A 193 19.26 -66.65 -9.14
C THR A 193 19.48 -67.23 -10.54
N SER A 194 18.60 -68.13 -10.99
CA SER A 194 18.73 -68.68 -12.33
C SER A 194 18.64 -67.62 -13.40
N VAL A 195 18.09 -66.44 -13.09
CA VAL A 195 18.05 -65.36 -14.06
C VAL A 195 19.46 -64.97 -14.48
N ILE A 196 20.45 -65.20 -13.62
CA ILE A 196 21.81 -64.87 -14.01
C ILE A 196 22.22 -65.63 -15.25
N HIS A 197 21.62 -66.81 -15.48
CA HIS A 197 21.98 -67.62 -16.63
C HIS A 197 21.59 -66.96 -17.95
N VAL A 198 20.67 -66.00 -17.95
CA VAL A 198 20.45 -65.21 -19.16
C VAL A 198 21.30 -63.94 -19.12
N VAL A 199 21.60 -63.44 -17.93
CA VAL A 199 22.47 -62.26 -17.84
C VAL A 199 23.84 -62.58 -18.44
N THR A 200 24.39 -63.74 -18.10
CA THR A 200 25.66 -64.16 -18.68
C THR A 200 25.57 -64.35 -20.19
N ILE A 201 24.36 -64.56 -20.73
CA ILE A 201 24.20 -64.59 -22.17
C ILE A 201 24.55 -63.22 -22.75
N ALA A 202 24.04 -62.16 -22.13
CA ALA A 202 24.36 -60.80 -22.59
C ALA A 202 25.82 -60.48 -22.34
N ILE A 203 26.33 -60.80 -21.16
CA ILE A 203 27.71 -60.45 -20.82
C ILE A 203 28.67 -61.10 -21.80
N ARG A 204 28.52 -62.40 -22.02
CA ARG A 204 29.38 -63.10 -22.98
C ARG A 204 29.15 -62.59 -24.40
N ALA A 205 27.95 -62.10 -24.69
CA ALA A 205 27.72 -61.47 -25.99
C ALA A 205 28.64 -60.28 -26.18
N ALA A 206 28.90 -59.53 -25.11
CA ALA A 206 29.89 -58.47 -25.18
C ALA A 206 31.31 -59.04 -25.26
N LEU A 207 31.55 -60.19 -24.62
CA LEU A 207 32.89 -60.77 -24.62
C LEU A 207 33.23 -61.40 -25.96
N ILE A 208 32.24 -62.02 -26.61
CA ILE A 208 32.48 -62.75 -27.85
C ILE A 208 32.26 -61.84 -29.05
N PHE A 209 31.03 -61.34 -29.19
CA PHE A 209 30.70 -60.54 -30.37
C PHE A 209 31.31 -59.16 -30.32
N GLY A 210 31.25 -58.52 -29.15
CA GLY A 210 31.78 -57.17 -29.02
C GLY A 210 33.28 -57.08 -28.94
N GLY A 211 33.95 -58.15 -28.53
CA GLY A 211 35.39 -58.13 -28.42
C GLY A 211 35.92 -57.37 -27.23
N ILE A 212 35.05 -56.94 -26.30
CA ILE A 212 35.51 -56.21 -25.13
C ILE A 212 36.25 -57.16 -24.20
N LYS A 213 37.44 -56.77 -23.79
CA LYS A 213 38.24 -57.62 -22.90
C LYS A 213 37.65 -57.61 -21.50
N GLY A 214 37.98 -58.66 -20.74
CA GLY A 214 37.49 -58.77 -19.38
C GLY A 214 38.03 -57.66 -18.50
N GLY A 215 37.19 -57.21 -17.56
CA GLY A 215 37.54 -56.13 -16.67
C GLY A 215 37.08 -54.76 -17.13
N GLN A 216 36.71 -54.61 -18.40
CA GLN A 216 36.19 -53.34 -18.90
C GLN A 216 34.68 -53.28 -18.67
N LEU A 217 34.32 -53.12 -17.39
CA LEU A 217 32.93 -53.26 -16.98
C LEU A 217 32.03 -52.22 -17.65
N ASN A 218 32.49 -50.97 -17.73
CA ASN A 218 31.67 -49.94 -18.35
C ASN A 218 31.43 -50.21 -19.83
N ASP A 219 32.46 -50.70 -20.53
CA ASP A 219 32.28 -51.06 -21.93
C ASP A 219 31.29 -52.21 -22.07
N ILE A 220 31.35 -53.19 -21.17
CA ILE A 220 30.40 -54.30 -21.20
C ILE A 220 28.98 -53.80 -21.00
N LEU A 221 28.78 -52.93 -20.01
CA LEU A 221 27.44 -52.40 -19.74
C LEU A 221 26.93 -51.58 -20.91
N LYS A 222 27.79 -50.75 -21.50
CA LYS A 222 27.39 -49.99 -22.68
C LYS A 222 27.00 -50.92 -23.82
N TYR A 223 27.78 -51.99 -24.04
CA TYR A 223 27.47 -52.93 -25.11
C TYR A 223 26.14 -53.62 -24.87
N THR A 224 25.89 -54.08 -23.64
CA THR A 224 24.62 -54.73 -23.35
C THR A 224 23.46 -53.76 -23.50
N ALA A 225 23.67 -52.50 -23.11
CA ALA A 225 22.59 -51.52 -23.23
C ALA A 225 22.28 -51.19 -24.68
N GLU A 226 23.29 -51.08 -25.54
CA GLU A 226 23.06 -50.61 -26.90
C GLU A 226 22.96 -51.72 -27.94
N ARG A 227 23.23 -52.97 -27.58
CA ARG A 227 23.30 -54.04 -28.57
C ARG A 227 22.40 -55.22 -28.22
N VAL A 228 22.25 -55.56 -26.94
CA VAL A 228 21.47 -56.72 -26.53
C VAL A 228 20.03 -56.23 -26.28
N PRO A 229 19.06 -56.66 -27.08
CA PRO A 229 17.68 -56.18 -26.90
C PRO A 229 16.88 -57.03 -25.89
N ALA A 230 17.35 -57.04 -24.66
CA ALA A 230 16.74 -57.81 -23.58
C ALA A 230 15.85 -56.92 -22.71
N PHE A 231 14.82 -57.54 -22.14
CA PHE A 231 13.92 -56.87 -21.21
C PHE A 231 13.37 -57.93 -20.25
N VAL A 232 12.86 -57.47 -19.11
CA VAL A 232 12.39 -58.32 -18.03
C VAL A 232 10.90 -58.09 -17.83
N ASN A 233 10.13 -59.17 -17.80
CA ASN A 233 8.72 -59.12 -17.41
C ASN A 233 8.59 -59.89 -16.09
N ALA A 234 8.47 -59.15 -15.00
CA ALA A 234 8.37 -59.71 -13.66
C ALA A 234 6.90 -59.77 -13.27
N PHE A 235 6.36 -60.98 -13.17
CA PHE A 235 4.96 -61.19 -12.83
C PHE A 235 4.84 -61.73 -11.41
N GLY A 236 3.73 -61.38 -10.75
CA GLY A 236 3.50 -61.83 -9.40
C GLY A 236 4.17 -60.96 -8.38
N PRO A 237 3.90 -61.21 -7.10
CA PRO A 237 4.51 -60.38 -6.04
C PRO A 237 6.02 -60.46 -6.11
N LEU A 238 6.67 -59.32 -5.87
CA LEU A 238 8.11 -59.17 -6.02
C LEU A 238 8.75 -58.98 -4.66
N SER A 239 9.67 -59.88 -4.30
CA SER A 239 10.42 -59.70 -3.07
C SER A 239 11.54 -58.69 -3.28
N GLU A 240 12.22 -58.36 -2.18
CA GLU A 240 13.34 -57.43 -2.26
C GLU A 240 14.45 -57.99 -3.14
N LEU A 241 14.69 -59.30 -3.07
CA LEU A 241 15.69 -59.91 -3.92
C LEU A 241 15.33 -59.78 -5.40
N VAL A 242 14.06 -59.96 -5.73
CA VAL A 242 13.63 -59.81 -7.12
C VAL A 242 13.83 -58.37 -7.58
N VAL A 243 13.54 -57.40 -6.72
CA VAL A 243 13.73 -56.00 -7.08
C VAL A 243 15.20 -55.68 -7.26
N SER A 244 16.06 -56.28 -6.43
CA SER A 244 17.50 -56.08 -6.57
C SER A 244 18.02 -56.68 -7.87
N ALA A 245 17.53 -57.87 -8.22
CA ALA A 245 17.89 -58.49 -9.50
C ALA A 245 17.40 -57.64 -10.68
N GLY A 246 16.22 -57.04 -10.55
CA GLY A 246 15.76 -56.12 -11.56
C GLY A 246 16.63 -54.89 -11.66
N ALA A 247 17.15 -54.42 -10.53
CA ALA A 247 18.11 -53.33 -10.53
C ALA A 247 19.38 -53.74 -11.28
N GLY A 248 19.80 -54.99 -11.13
CA GLY A 248 20.91 -55.49 -11.92
C GLY A 248 20.59 -55.48 -13.41
N ALA A 249 19.38 -55.92 -13.78
CA ALA A 249 18.98 -55.88 -15.19
C ALA A 249 18.99 -54.45 -15.73
N ILE A 250 18.53 -53.49 -14.92
CA ILE A 250 18.57 -52.09 -15.29
C ILE A 250 20.00 -51.60 -15.45
N ALA A 251 20.89 -52.04 -14.56
CA ALA A 251 22.29 -51.67 -14.70
C ALA A 251 22.86 -52.15 -16.03
N LEU A 252 22.42 -53.30 -16.53
CA LEU A 252 22.79 -53.76 -17.86
C LEU A 252 21.98 -53.07 -18.97
N GLY A 253 21.20 -52.04 -18.64
CA GLY A 253 20.43 -51.35 -19.65
C GLY A 253 19.16 -52.05 -20.08
N PHE A 254 18.73 -53.09 -19.35
CA PHE A 254 17.53 -53.83 -19.72
C PHE A 254 16.34 -53.32 -18.92
N PRO A 255 15.31 -52.77 -19.56
CA PRO A 255 14.15 -52.30 -18.80
C PRO A 255 13.37 -53.41 -18.14
N VAL A 256 12.80 -53.10 -16.99
CA VAL A 256 12.06 -54.08 -16.20
C VAL A 256 10.59 -53.65 -16.19
N LEU A 257 9.72 -54.55 -16.64
CA LEU A 257 8.28 -54.31 -16.67
C LEU A 257 7.62 -55.32 -15.75
N THR A 258 6.60 -54.87 -15.02
CA THR A 258 5.94 -55.72 -14.03
C THR A 258 4.47 -55.38 -13.99
N ASP A 259 3.68 -56.31 -13.48
CA ASP A 259 2.27 -56.10 -13.21
C ASP A 259 2.01 -55.62 -11.79
N GLN A 260 3.06 -55.41 -11.01
CA GLN A 260 2.95 -54.99 -9.62
C GLN A 260 3.14 -53.47 -9.50
N VAL A 261 2.62 -52.92 -8.41
CA VAL A 261 2.80 -51.50 -8.09
C VAL A 261 4.23 -51.33 -7.56
N VAL A 262 5.05 -50.59 -8.31
CA VAL A 262 6.43 -50.32 -7.91
C VAL A 262 6.71 -48.85 -8.12
N PRO A 263 7.75 -48.31 -7.48
CA PRO A 263 8.14 -46.93 -7.79
C PRO A 263 8.72 -46.84 -9.18
N GLU A 264 7.94 -46.30 -10.12
CA GLU A 264 8.28 -46.35 -11.52
C GLU A 264 9.44 -45.41 -11.84
N VAL A 265 10.29 -45.84 -12.76
CA VAL A 265 11.35 -45.03 -13.33
C VAL A 265 11.13 -45.03 -14.84
N PRO A 266 10.92 -43.86 -15.46
CA PRO A 266 10.59 -43.85 -16.90
C PRO A 266 11.65 -44.55 -17.74
N THR A 267 11.15 -45.36 -18.67
CA THR A 267 11.95 -46.13 -19.62
C THR A 267 12.75 -47.25 -18.96
N LEU A 268 12.73 -47.35 -17.64
CA LEU A 268 13.54 -48.35 -16.93
C LEU A 268 12.70 -49.29 -16.09
N LEU A 269 11.81 -48.77 -15.26
CA LEU A 269 10.97 -49.59 -14.40
C LEU A 269 9.54 -49.15 -14.62
N LEU A 270 8.73 -50.05 -15.18
CA LEU A 270 7.39 -49.72 -15.62
C LEU A 270 6.37 -50.73 -15.11
N THR A 271 5.21 -50.22 -14.74
CA THR A 271 4.10 -51.05 -14.29
C THR A 271 3.06 -51.14 -15.40
N GLN A 272 2.68 -52.36 -15.74
CA GLN A 272 1.63 -52.60 -16.75
C GLN A 272 0.75 -53.72 -16.20
N LYS A 273 -0.41 -53.37 -15.68
CA LYS A 273 -1.33 -54.38 -15.15
C LYS A 273 -1.98 -55.18 -16.27
N ASP A 274 -2.29 -54.53 -17.38
CA ASP A 274 -3.04 -55.16 -18.47
C ASP A 274 -2.17 -56.20 -19.17
N TYR A 275 -2.45 -57.48 -18.92
CA TYR A 275 -1.68 -58.56 -19.53
C TYR A 275 -1.87 -58.63 -21.04
N ASP A 276 -2.96 -58.07 -21.56
CA ASP A 276 -3.19 -58.04 -22.99
C ASP A 276 -2.32 -57.03 -23.71
N LYS A 277 -1.69 -56.10 -23.00
CA LYS A 277 -0.81 -55.11 -23.61
C LYS A 277 0.62 -55.22 -23.14
N MET A 278 0.96 -56.25 -22.36
CA MET A 278 2.32 -56.36 -21.84
C MET A 278 3.35 -56.58 -22.94
N VAL A 279 3.01 -57.38 -23.96
CA VAL A 279 3.95 -57.64 -25.03
C VAL A 279 4.27 -56.37 -25.79
N LYS A 280 3.24 -55.62 -26.18
CA LYS A 280 3.45 -54.37 -26.90
C LYS A 280 4.18 -53.36 -26.02
N THR A 281 3.83 -53.31 -24.73
CA THR A 281 4.52 -52.39 -23.83
C THR A 281 6.01 -52.71 -23.76
N SER A 282 6.37 -54.00 -23.68
CA SER A 282 7.77 -54.38 -23.61
C SER A 282 8.48 -54.10 -24.92
N LEU A 283 7.83 -54.36 -26.05
CA LEU A 283 8.46 -54.08 -27.34
C LEU A 283 8.72 -52.60 -27.52
N GLU A 284 7.78 -51.74 -27.08
CA GLU A 284 8.02 -50.31 -27.12
C GLU A 284 9.11 -49.88 -26.14
N ALA A 285 9.12 -50.46 -24.95
CA ALA A 285 10.10 -50.05 -23.95
C ALA A 285 11.51 -50.44 -24.36
N ARG A 286 11.66 -51.56 -25.04
CA ARG A 286 12.96 -51.99 -25.53
C ARG A 286 13.22 -51.56 -26.96
N ASN A 287 12.30 -50.81 -27.56
CA ASN A 287 12.46 -50.28 -28.93
C ASN A 287 12.67 -51.40 -29.95
N ILE A 288 11.87 -52.45 -29.83
CA ILE A 288 11.98 -53.64 -30.67
C ILE A 288 10.98 -53.53 -31.81
N LYS A 289 11.45 -53.75 -33.03
CA LYS A 289 10.62 -53.75 -34.23
C LYS A 289 10.46 -55.19 -34.72
N ILE A 290 9.21 -55.57 -34.98
CA ILE A 290 8.93 -56.92 -35.48
C ILE A 290 8.82 -56.88 -37.00
N GLU B 2 40.47 -5.49 -2.77
CA GLU B 2 39.96 -6.44 -1.74
C GLU B 2 39.10 -7.52 -2.38
N LYS B 3 37.81 -7.56 -2.03
CA LYS B 3 36.91 -8.56 -2.57
C LYS B 3 36.67 -8.34 -4.06
N ALA B 4 36.58 -9.44 -4.80
CA ALA B 4 36.24 -9.36 -6.21
C ALA B 4 34.83 -8.85 -6.38
N LYS B 5 34.62 -8.10 -7.46
CA LYS B 5 33.30 -7.52 -7.71
C LYS B 5 32.38 -8.50 -8.43
N SER B 6 32.94 -9.42 -9.21
CA SER B 6 32.11 -10.36 -9.94
C SER B 6 32.96 -11.57 -10.31
N ILE B 7 32.28 -12.67 -10.64
CA ILE B 7 32.95 -13.83 -11.22
C ILE B 7 32.93 -13.79 -12.74
N ASP B 8 32.19 -12.87 -13.36
CA ASP B 8 32.05 -12.79 -14.80
C ASP B 8 33.18 -11.96 -15.41
N GLN B 9 33.90 -12.54 -16.37
CA GLN B 9 35.06 -11.87 -16.94
C GLN B 9 34.66 -10.64 -17.74
N ALA B 10 33.55 -10.70 -18.50
CA ALA B 10 33.09 -9.53 -19.23
C ALA B 10 32.75 -8.38 -18.29
N THR B 11 32.11 -8.71 -17.16
CA THR B 11 31.85 -7.71 -16.13
C THR B 11 33.14 -7.06 -15.64
N LEU B 12 34.18 -7.87 -15.41
CA LEU B 12 35.46 -7.35 -14.93
C LEU B 12 36.15 -6.45 -15.97
N GLN B 13 36.11 -6.85 -17.24
CA GLN B 13 36.70 -6.01 -18.28
C GLN B 13 35.99 -4.67 -18.36
N LEU B 14 34.66 -4.68 -18.29
CA LEU B 14 33.92 -3.43 -18.33
C LEU B 14 34.10 -2.60 -17.06
N LEU B 15 34.34 -3.23 -15.91
CA LEU B 15 34.66 -2.45 -14.71
C LEU B 15 36.00 -1.75 -14.86
N ASP B 16 36.98 -2.42 -15.45
CA ASP B 16 38.24 -1.74 -15.76
C ASP B 16 38.01 -0.57 -16.72
N LYS B 17 37.18 -0.78 -17.75
CA LYS B 17 36.87 0.31 -18.68
C LYS B 17 36.18 1.48 -17.97
N ALA B 18 35.25 1.17 -17.06
CA ALA B 18 34.55 2.23 -16.34
C ALA B 18 35.50 2.99 -15.44
N LYS B 19 36.45 2.29 -14.82
CA LYS B 19 37.48 2.99 -14.07
C LYS B 19 38.31 3.89 -14.98
N GLN B 20 38.67 3.40 -16.17
CA GLN B 20 39.45 4.23 -17.09
C GLN B 20 38.66 5.43 -17.58
N ASP B 21 37.35 5.30 -17.71
CA ASP B 21 36.51 6.37 -18.20
C ASP B 21 36.09 7.35 -17.11
N GLY B 22 36.42 7.09 -15.85
CA GLY B 22 36.04 7.98 -14.77
C GLY B 22 34.55 8.05 -14.50
N VAL B 23 33.84 6.93 -14.57
CA VAL B 23 32.41 6.88 -14.27
C VAL B 23 32.21 5.98 -13.06
N GLU B 24 31.17 6.27 -12.29
CA GLU B 24 30.90 5.51 -11.09
C GLU B 24 29.93 4.38 -11.38
N THR B 25 30.09 3.29 -10.65
CA THR B 25 29.20 2.15 -10.77
C THR B 25 28.49 1.92 -9.45
N VAL B 26 27.65 0.89 -9.44
CA VAL B 26 26.98 0.49 -8.21
C VAL B 26 27.99 0.02 -7.18
N TRP B 27 29.06 -0.63 -7.63
CA TRP B 27 30.12 -1.04 -6.70
C TRP B 27 30.78 0.18 -6.05
N ASP B 28 31.04 1.22 -6.84
CA ASP B 28 31.66 2.43 -6.29
C ASP B 28 30.74 3.11 -5.27
N ARG B 29 29.45 3.17 -5.57
CA ARG B 29 28.51 3.78 -4.63
C ARG B 29 28.38 2.95 -3.36
N LYS B 30 28.41 1.62 -3.49
CA LYS B 30 28.41 0.76 -2.31
C LYS B 30 29.64 1.03 -1.45
N ALA B 31 30.80 1.18 -2.07
CA ALA B 31 32.00 1.52 -1.31
C ALA B 31 31.86 2.88 -0.63
N ASP B 32 31.29 3.86 -1.34
CA ASP B 32 31.12 5.19 -0.76
C ASP B 32 30.19 5.15 0.44
N MET B 33 29.19 4.27 0.42
CA MET B 33 28.29 4.16 1.55
C MET B 33 29.01 3.65 2.80
N LYS B 34 30.14 2.97 2.65
CA LYS B 34 30.93 2.47 3.77
C LYS B 34 30.09 1.61 4.72
N VAL B 35 30.34 1.71 6.03
CA VAL B 35 29.62 0.91 7.01
C VAL B 35 28.18 1.40 7.08
N GLN B 36 27.24 0.55 6.69
CA GLN B 36 25.85 0.92 6.68
C GLN B 36 25.27 0.91 8.10
N CYS B 37 24.20 1.68 8.30
CA CYS B 37 23.67 1.88 9.63
C CYS B 37 23.26 0.57 10.28
N GLY B 38 23.76 0.33 11.50
CA GLY B 38 23.43 -0.90 12.18
C GLY B 38 21.97 -1.03 12.53
N PHE B 39 21.34 0.08 12.94
CA PHE B 39 19.93 0.04 13.29
C PHE B 39 19.06 -0.34 12.09
N GLY B 40 19.29 0.30 10.94
CA GLY B 40 18.54 -0.04 9.75
C GLY B 40 18.84 -1.45 9.25
N SER B 41 20.09 -1.87 9.39
CA SER B 41 20.46 -3.22 8.96
C SER B 41 19.76 -4.27 9.80
N ALA B 42 19.58 -4.01 11.11
CA ALA B 42 18.88 -4.95 11.97
C ALA B 42 17.36 -4.77 11.95
N GLY B 43 16.86 -3.71 11.33
CA GLY B 43 15.43 -3.46 11.26
C GLY B 43 14.82 -2.88 12.51
N VAL B 44 15.63 -2.34 13.43
CA VAL B 44 15.14 -1.79 14.69
C VAL B 44 14.95 -0.27 14.63
N CYS B 45 15.01 0.32 13.45
CA CYS B 45 14.71 1.73 13.27
C CYS B 45 13.29 1.87 12.75
N CYS B 46 12.56 2.85 13.27
CA CYS B 46 11.20 3.10 12.83
C CYS B 46 11.03 4.56 12.48
N ARG B 47 10.31 4.81 11.40
CA ARG B 47 9.98 6.16 10.98
C ARG B 47 8.51 6.28 10.58
N ASN B 48 7.66 5.42 11.16
CA ASN B 48 6.26 5.35 10.73
C ASN B 48 5.43 6.55 11.19
N CYS B 49 5.94 7.40 12.07
CA CYS B 49 5.23 8.62 12.44
C CYS B 49 6.24 9.70 12.78
N SER B 50 5.77 10.95 12.81
CA SER B 50 6.67 12.08 13.01
C SER B 50 7.00 12.32 14.47
N MET B 51 6.46 11.52 15.41
CA MET B 51 7.07 11.48 16.73
C MET B 51 8.51 10.98 16.63
N GLY B 52 8.77 10.01 15.74
CA GLY B 52 10.10 9.52 15.49
C GLY B 52 10.99 10.50 14.75
N PRO B 53 12.11 10.02 14.19
CA PRO B 53 12.54 8.61 14.10
C PRO B 53 12.91 7.96 15.44
N CYS B 54 12.57 6.68 15.60
CA CYS B 54 12.89 5.91 16.79
C CYS B 54 13.81 4.75 16.43
N ARG B 55 14.85 4.57 17.22
CA ARG B 55 15.72 3.41 17.10
C ARG B 55 15.83 2.76 18.46
N VAL B 56 15.60 1.45 18.49
CA VAL B 56 15.71 0.68 19.70
C VAL B 56 16.90 -0.27 19.54
N SER B 57 17.35 -0.80 20.65
CA SER B 57 18.55 -1.63 20.63
C SER B 57 18.29 -2.94 19.89
N PRO B 58 19.16 -3.32 18.95
CA PRO B 58 19.05 -4.66 18.35
C PRO B 58 19.42 -5.78 19.32
N VAL B 59 20.00 -5.44 20.47
CA VAL B 59 20.39 -6.40 21.49
C VAL B 59 19.38 -6.29 22.64
N PRO B 60 18.55 -7.29 22.88
CA PRO B 60 17.58 -7.18 23.98
C PRO B 60 18.25 -7.08 25.34
N GLY B 61 17.61 -6.32 26.23
CA GLY B 61 18.11 -6.13 27.58
C GLY B 61 19.12 -5.03 27.74
N LYS B 62 19.49 -4.34 26.67
CA LYS B 62 20.47 -3.26 26.70
C LYS B 62 19.90 -2.07 25.95
N GLY B 63 20.27 -0.87 26.40
CA GLY B 63 19.91 0.35 25.69
C GLY B 63 18.41 0.65 25.70
N VAL B 64 18.01 1.47 24.72
CA VAL B 64 16.61 1.86 24.57
C VAL B 64 15.79 0.67 24.10
N GLU B 65 14.70 0.38 24.79
CA GLU B 65 13.89 -0.79 24.49
C GLU B 65 12.69 -0.48 23.62
N ARG B 66 12.05 0.67 23.77
CA ARG B 66 10.81 0.94 23.06
C ARG B 66 10.89 2.26 22.33
N GLY B 67 10.16 2.34 21.22
CA GLY B 67 9.96 3.61 20.57
C GLY B 67 9.11 4.53 21.43
N ILE B 68 8.90 5.74 20.93
CA ILE B 68 8.20 6.77 21.69
C ILE B 68 6.77 6.34 21.98
N CYS B 69 6.10 5.73 21.00
CA CYS B 69 4.75 5.20 21.18
C CYS B 69 4.71 3.96 22.07
N GLY B 70 5.87 3.40 22.41
CA GLY B 70 5.97 2.18 23.19
C GLY B 70 6.19 0.90 22.40
N ALA B 71 6.39 0.99 21.09
CA ALA B 71 6.60 -0.20 20.27
C ALA B 71 7.95 -0.87 20.55
N THR B 72 7.93 -2.19 20.71
CA THR B 72 9.13 -2.97 20.99
C THR B 72 9.93 -3.21 19.71
N ALA B 73 11.12 -3.79 19.88
CA ALA B 73 11.94 -4.14 18.73
C ALA B 73 11.20 -5.14 17.83
N ASP B 74 10.53 -6.12 18.42
CA ASP B 74 9.80 -7.08 17.61
C ASP B 74 8.71 -6.39 16.78
N VAL B 75 7.99 -5.44 17.38
CA VAL B 75 6.95 -4.72 16.64
C VAL B 75 7.55 -3.93 15.48
N ILE B 76 8.66 -3.21 15.75
CA ILE B 76 9.28 -2.40 14.70
C ILE B 76 9.78 -3.28 13.56
N VAL B 77 10.44 -4.39 13.91
CA VAL B 77 10.96 -5.32 12.90
C VAL B 77 9.80 -5.91 12.08
N SER B 78 8.75 -6.37 12.76
CA SER B 78 7.65 -7.02 12.06
C SER B 78 6.94 -6.04 11.12
N ARG B 79 6.74 -4.80 11.55
CA ARG B 79 6.10 -3.81 10.66
C ARG B 79 6.98 -3.50 9.46
N ASN B 80 8.29 -3.34 9.67
CA ASN B 80 9.19 -3.10 8.54
C ASN B 80 9.15 -4.26 7.55
N PHE B 81 9.19 -5.49 8.05
CA PHE B 81 9.11 -6.65 7.16
C PHE B 81 7.80 -6.67 6.39
N ALA B 82 6.68 -6.38 7.08
CA ALA B 82 5.38 -6.37 6.42
C ALA B 82 5.32 -5.32 5.32
N ARG B 83 5.91 -4.14 5.55
CA ARG B 83 5.90 -3.11 4.51
C ARG B 83 6.76 -3.51 3.32
N MET B 84 7.87 -4.20 3.55
CA MET B 84 8.64 -4.73 2.41
C MET B 84 7.79 -5.69 1.59
N VAL B 85 7.08 -6.59 2.27
CA VAL B 85 6.21 -7.54 1.57
C VAL B 85 5.13 -6.81 0.79
N ALA B 86 4.52 -5.78 1.39
CA ALA B 86 3.46 -5.03 0.73
C ALA B 86 3.99 -4.33 -0.52
N ALA B 87 5.20 -3.76 -0.44
CA ALA B 87 5.78 -3.10 -1.61
C ALA B 87 6.05 -4.10 -2.73
N GLY B 88 6.63 -5.26 -2.41
CA GLY B 88 6.86 -6.26 -3.45
C GLY B 88 5.56 -6.74 -4.07
N THR B 89 4.54 -6.97 -3.24
CA THR B 89 3.23 -7.37 -3.75
C THR B 89 2.67 -6.28 -4.66
N ALA B 90 2.83 -5.01 -4.28
CA ALA B 90 2.32 -3.91 -5.11
C ALA B 90 2.99 -3.89 -6.48
N ALA B 91 4.31 -4.05 -6.52
CA ALA B 91 5.02 -4.05 -7.80
C ALA B 91 4.49 -5.18 -8.70
N HIS B 92 4.45 -6.41 -8.16
CA HIS B 92 3.99 -7.52 -8.98
C HIS B 92 2.52 -7.36 -9.39
N SER B 93 1.68 -6.87 -8.49
CA SER B 93 0.27 -6.73 -8.79
C SER B 93 0.03 -5.65 -9.82
N ASP B 94 0.80 -4.57 -9.79
CA ASP B 94 0.65 -3.54 -10.82
C ASP B 94 1.06 -4.10 -12.18
N HIS B 95 2.13 -4.90 -12.23
CA HIS B 95 2.50 -5.56 -13.48
C HIS B 95 1.34 -6.42 -14.00
N GLY B 96 0.78 -7.29 -13.14
CA GLY B 96 -0.32 -8.14 -13.56
C GLY B 96 -1.57 -7.37 -13.95
N ARG B 97 -1.85 -6.25 -13.26
CA ARG B 97 -2.99 -5.42 -13.60
C ARG B 97 -2.84 -4.82 -14.99
N SER B 98 -1.65 -4.34 -15.33
CA SER B 98 -1.41 -3.85 -16.69
C SER B 98 -1.63 -4.94 -17.72
N ILE B 99 -1.15 -6.16 -17.44
CA ILE B 99 -1.35 -7.25 -18.38
C ILE B 99 -2.84 -7.54 -18.56
N ALA B 100 -3.60 -7.57 -17.46
CA ALA B 100 -5.03 -7.83 -17.57
C ALA B 100 -5.73 -6.74 -18.37
N LEU B 101 -5.38 -5.47 -18.16
CA LEU B 101 -5.97 -4.40 -18.94
C LEU B 101 -5.65 -4.54 -20.43
N SER B 102 -4.41 -4.94 -20.74
CA SER B 102 -4.07 -5.20 -22.14
C SER B 102 -4.92 -6.34 -22.69
N LEU B 103 -5.13 -7.39 -21.91
CA LEU B 103 -5.98 -8.47 -22.37
C LEU B 103 -7.40 -7.96 -22.63
N TYR B 104 -7.90 -7.07 -21.76
CA TYR B 104 -9.25 -6.54 -21.93
C TYR B 104 -9.37 -5.75 -23.23
N HIS B 105 -8.27 -5.24 -23.75
CA HIS B 105 -8.34 -4.42 -24.97
C HIS B 105 -7.93 -5.17 -26.24
N THR B 106 -7.80 -6.49 -26.18
CA THR B 106 -7.43 -7.26 -27.37
C THR B 106 -8.53 -7.27 -28.42
N SER B 107 -8.12 -7.31 -29.69
CA SER B 107 -9.05 -7.38 -30.79
C SER B 107 -8.42 -8.14 -31.94
N LYS B 108 -9.27 -8.63 -32.83
CA LYS B 108 -8.80 -9.39 -33.98
C LYS B 108 -7.90 -8.56 -34.87
N ASP B 109 -8.27 -7.31 -35.15
CA ASP B 109 -7.54 -6.47 -36.07
C ASP B 109 -6.68 -5.43 -35.35
N GLY B 110 -6.48 -5.56 -34.05
CA GLY B 110 -5.70 -4.61 -33.29
C GLY B 110 -4.23 -5.02 -33.17
N ASP B 111 -3.47 -4.17 -32.47
CA ASP B 111 -2.06 -4.46 -32.24
C ASP B 111 -1.86 -5.63 -31.29
N ILE B 112 -2.77 -5.80 -30.32
CA ILE B 112 -2.69 -6.86 -29.34
C ILE B 112 -3.78 -7.86 -29.65
N LYS B 113 -3.37 -9.09 -29.95
CA LYS B 113 -4.27 -10.17 -30.32
C LYS B 113 -4.16 -11.31 -29.32
N VAL B 114 -4.90 -12.38 -29.59
CA VAL B 114 -4.79 -13.62 -28.85
C VAL B 114 -3.99 -14.61 -29.69
N LYS B 115 -2.83 -15.02 -29.18
CA LYS B 115 -1.95 -15.90 -29.93
C LYS B 115 -2.01 -17.36 -29.49
N ASP B 116 -2.54 -17.63 -28.29
CA ASP B 116 -2.66 -18.99 -27.79
C ASP B 116 -4.10 -19.19 -27.34
N GLU B 117 -4.95 -19.67 -28.26
CA GLU B 117 -6.36 -19.83 -27.97
C GLU B 117 -6.63 -20.99 -27.01
N ASN B 118 -5.85 -22.07 -27.11
CA ASN B 118 -6.03 -23.18 -26.19
C ASN B 118 -5.73 -22.77 -24.76
N LYS B 119 -4.65 -22.00 -24.56
CA LYS B 119 -4.33 -21.49 -23.24
C LYS B 119 -5.44 -20.58 -22.72
N LEU B 120 -6.00 -19.73 -23.58
CA LEU B 120 -7.09 -18.86 -23.15
C LEU B 120 -8.31 -19.68 -22.76
N LYS B 121 -8.62 -20.73 -23.49
CA LYS B 121 -9.77 -21.55 -23.14
C LYS B 121 -9.56 -22.26 -21.80
N GLU B 122 -8.36 -22.76 -21.55
CA GLU B 122 -8.09 -23.39 -20.26
C GLU B 122 -8.18 -22.37 -19.12
N VAL B 123 -7.64 -21.16 -19.33
CA VAL B 123 -7.74 -20.10 -18.33
C VAL B 123 -9.19 -19.72 -18.09
N ALA B 124 -9.99 -19.65 -19.15
CA ALA B 124 -11.40 -19.34 -19.03
C ALA B 124 -12.12 -20.41 -18.23
N LYS B 125 -11.75 -21.67 -18.43
CA LYS B 125 -12.25 -22.75 -17.59
C LYS B 125 -11.89 -22.52 -16.12
N SER B 126 -10.66 -22.07 -15.86
CA SER B 126 -10.26 -21.81 -14.49
C SER B 126 -11.03 -20.63 -13.89
N PHE B 127 -11.52 -19.71 -14.72
CA PHE B 127 -12.26 -18.55 -14.24
C PHE B 127 -13.76 -18.71 -14.41
N ASN B 128 -14.24 -19.91 -14.71
CA ASN B 128 -15.67 -20.16 -14.91
C ASN B 128 -16.26 -19.28 -16.01
N VAL B 129 -15.53 -19.15 -17.11
CA VAL B 129 -15.97 -18.40 -18.29
C VAL B 129 -16.31 -19.41 -19.37
N GLU B 130 -17.51 -19.31 -19.91
CA GLU B 130 -17.94 -20.23 -20.96
C GLU B 130 -17.17 -19.97 -22.25
N THR B 131 -16.88 -21.04 -22.99
CA THR B 131 -16.06 -20.94 -24.20
C THR B 131 -16.74 -21.55 -25.42
N GLU B 132 -17.59 -22.55 -25.21
CA GLU B 132 -18.13 -23.31 -26.33
C GLU B 132 -19.02 -22.44 -27.20
N GLY B 133 -18.76 -22.45 -28.50
CA GLY B 133 -19.54 -21.68 -29.45
C GLY B 133 -19.50 -20.19 -29.21
N ARG B 134 -18.33 -19.65 -28.84
CA ARG B 134 -18.19 -18.24 -28.53
C ARG B 134 -17.01 -17.66 -29.31
N ASP B 135 -17.12 -16.38 -29.61
CA ASP B 135 -16.02 -15.66 -30.22
C ASP B 135 -14.83 -15.60 -29.26
N ILE B 136 -13.63 -15.73 -29.83
CA ILE B 136 -12.44 -15.85 -28.99
C ILE B 136 -12.19 -14.56 -28.21
N TYR B 137 -12.45 -13.41 -28.83
CA TYR B 137 -12.19 -12.14 -28.15
C TYR B 137 -13.27 -11.81 -27.11
N ASP B 138 -14.51 -12.28 -27.30
CA ASP B 138 -15.48 -12.17 -26.22
C ASP B 138 -15.02 -12.96 -25.00
N ILE B 139 -14.51 -14.18 -25.22
CA ILE B 139 -13.95 -14.98 -24.14
C ILE B 139 -12.78 -14.24 -23.49
N ALA B 140 -11.89 -13.66 -24.30
CA ALA B 140 -10.74 -12.96 -23.75
C ALA B 140 -11.18 -11.79 -22.87
N HIS B 141 -12.18 -11.03 -23.32
CA HIS B 141 -12.66 -9.91 -22.54
C HIS B 141 -13.30 -10.37 -21.23
N ASP B 142 -14.10 -11.45 -21.26
CA ASP B 142 -14.66 -11.97 -20.01
C ASP B 142 -13.57 -12.44 -19.05
N VAL B 143 -12.56 -13.12 -19.57
CA VAL B 143 -11.45 -13.57 -18.71
C VAL B 143 -10.73 -12.38 -18.11
N ALA B 144 -10.50 -11.33 -18.91
CA ALA B 144 -9.86 -10.13 -18.39
C ALA B 144 -10.70 -9.46 -17.31
N LYS B 145 -12.02 -9.44 -17.48
CA LYS B 145 -12.90 -8.88 -16.45
C LYS B 145 -12.78 -9.64 -15.14
N GLU B 146 -12.80 -10.98 -15.22
CA GLU B 146 -12.64 -11.79 -14.00
C GLU B 146 -11.30 -11.56 -13.33
N GLY B 147 -10.23 -11.50 -14.13
CA GLY B 147 -8.92 -11.24 -13.57
C GLY B 147 -8.83 -9.89 -12.89
N LEU B 148 -9.41 -8.86 -13.52
CA LEU B 148 -9.44 -7.53 -12.92
C LEU B 148 -10.24 -7.52 -11.63
N SER B 149 -11.35 -8.27 -11.60
CA SER B 149 -12.13 -8.34 -10.36
C SER B 149 -11.30 -8.97 -9.24
N ASN B 150 -10.39 -9.88 -9.57
CA ASN B 150 -9.51 -10.43 -8.54
C ASN B 150 -8.71 -9.34 -7.82
N TYR B 151 -8.45 -8.21 -8.49
CA TYR B 151 -7.63 -7.17 -7.87
C TYR B 151 -8.40 -6.32 -6.85
N GLY B 152 -9.70 -6.06 -7.07
CA GLY B 152 -10.37 -5.07 -6.26
C GLY B 152 -11.78 -5.43 -5.79
N LYS B 153 -12.16 -6.69 -5.86
CA LYS B 153 -13.47 -7.09 -5.37
C LYS B 153 -13.55 -6.93 -3.86
N GLN B 154 -14.68 -6.39 -3.39
CA GLN B 154 -14.90 -6.18 -1.97
C GLN B 154 -15.86 -7.19 -1.36
N LEU B 155 -16.64 -7.88 -2.17
CA LEU B 155 -17.55 -8.93 -1.73
C LEU B 155 -17.20 -10.24 -2.44
N GLY B 156 -17.29 -11.34 -1.72
CA GLY B 156 -17.03 -12.64 -2.29
C GLY B 156 -15.59 -13.08 -2.19
N GLU B 157 -15.34 -14.26 -2.74
CA GLU B 157 -14.01 -14.88 -2.72
C GLU B 157 -13.31 -14.69 -4.05
N VAL B 158 -11.98 -14.61 -3.99
CA VAL B 158 -11.15 -14.47 -5.18
C VAL B 158 -11.04 -15.81 -5.91
N THR B 159 -10.52 -15.77 -7.13
CA THR B 159 -10.36 -16.97 -7.94
C THR B 159 -8.90 -17.39 -7.95
N LEU B 160 -8.65 -18.66 -7.65
CA LEU B 160 -7.29 -19.19 -7.54
C LEU B 160 -7.10 -20.31 -8.56
N PRO B 161 -5.86 -20.52 -9.02
CA PRO B 161 -5.64 -21.51 -10.08
C PRO B 161 -5.96 -22.92 -9.62
N PRO B 162 -6.39 -23.80 -10.53
CA PRO B 162 -6.72 -25.18 -10.13
C PRO B 162 -5.51 -25.99 -9.65
N SER B 163 -4.29 -25.57 -9.97
CA SER B 163 -3.12 -26.34 -9.54
C SER B 163 -2.89 -26.23 -8.04
N LEU B 164 -3.50 -25.26 -7.37
CA LEU B 164 -3.33 -25.08 -5.93
C LEU B 164 -4.06 -26.18 -5.17
N PRO B 165 -3.39 -26.98 -4.36
CA PRO B 165 -4.06 -28.10 -3.69
C PRO B 165 -5.14 -27.66 -2.72
N GLU B 166 -6.19 -28.48 -2.62
CA GLU B 166 -7.28 -28.17 -1.71
C GLU B 166 -6.79 -28.14 -0.27
N LYS B 167 -5.86 -29.03 0.07
CA LYS B 167 -5.34 -29.04 1.43
C LYS B 167 -4.64 -27.74 1.78
N ARG B 168 -3.87 -27.18 0.84
CA ARG B 168 -3.21 -25.90 1.09
C ARG B 168 -4.22 -24.78 1.31
N LYS B 169 -5.30 -24.76 0.52
CA LYS B 169 -6.32 -23.74 0.72
C LYS B 169 -7.00 -23.90 2.08
N GLU B 170 -7.29 -25.15 2.48
CA GLU B 170 -7.90 -25.35 3.79
C GLU B 170 -6.97 -24.95 4.92
N LEU B 171 -5.68 -25.25 4.79
CA LEU B 171 -4.72 -24.82 5.79
C LEU B 171 -4.67 -23.30 5.88
N TRP B 172 -4.69 -22.62 4.74
CA TRP B 172 -4.71 -21.15 4.74
C TRP B 172 -5.96 -20.62 5.44
N ARG B 173 -7.12 -21.20 5.15
CA ARG B 173 -8.36 -20.76 5.78
C ARG B 173 -8.32 -20.96 7.28
N LYS B 174 -7.81 -22.11 7.74
CA LYS B 174 -7.72 -22.34 9.18
C LYS B 174 -6.73 -21.36 9.83
N LEU B 175 -5.64 -21.05 9.13
CA LEU B 175 -4.64 -20.16 9.70
C LEU B 175 -5.09 -18.70 9.69
N GLY B 176 -6.04 -18.34 8.83
CA GLY B 176 -6.46 -16.96 8.70
C GLY B 176 -5.69 -16.14 7.69
N VAL B 177 -4.99 -16.78 6.75
CA VAL B 177 -4.21 -16.07 5.74
C VAL B 177 -4.78 -16.28 4.34
N TYR B 178 -6.01 -16.78 4.23
CA TYR B 178 -6.60 -17.00 2.91
C TYR B 178 -6.75 -15.67 2.19
N PRO B 179 -6.23 -15.55 0.97
CA PRO B 179 -6.13 -14.22 0.33
C PRO B 179 -7.47 -13.62 -0.03
N ARG B 180 -7.50 -12.29 0.01
CA ARG B 180 -8.56 -11.46 -0.52
C ARG B 180 -8.02 -10.75 -1.77
N ALA B 181 -8.78 -9.78 -2.27
CA ALA B 181 -8.35 -9.01 -3.42
C ALA B 181 -6.98 -8.35 -3.16
N VAL B 182 -6.15 -8.30 -4.21
CA VAL B 182 -4.73 -7.97 -4.03
C VAL B 182 -4.56 -6.57 -3.44
N ASP B 183 -5.19 -5.57 -4.05
CA ASP B 183 -5.05 -4.20 -3.56
C ASP B 183 -5.63 -4.06 -2.15
N ARG B 184 -6.69 -4.81 -1.85
CA ARG B 184 -7.24 -4.80 -0.50
C ARG B 184 -6.22 -5.30 0.52
N GLU B 185 -5.47 -6.35 0.19
CA GLU B 185 -4.49 -6.88 1.13
C GLU B 185 -3.30 -5.93 1.30
N ILE B 186 -2.87 -5.30 0.21
CA ILE B 186 -1.82 -4.28 0.33
C ILE B 186 -2.28 -3.15 1.26
N ALA B 187 -3.51 -2.69 1.06
CA ALA B 187 -4.04 -1.63 1.91
C ALA B 187 -4.15 -2.09 3.36
N ALA B 188 -4.56 -3.35 3.58
CA ALA B 188 -4.64 -3.87 4.95
C ALA B 188 -3.29 -3.86 5.63
N VAL B 189 -2.25 -4.30 4.93
CA VAL B 189 -0.91 -4.28 5.52
C VAL B 189 -0.49 -2.86 5.85
N MET B 190 -0.69 -1.93 4.90
CA MET B 190 -0.30 -0.55 5.14
C MET B 190 -1.08 0.06 6.31
N HIS B 191 -2.35 -0.28 6.45
CA HIS B 191 -3.15 0.20 7.57
C HIS B 191 -2.65 -0.35 8.90
N SER B 192 -2.36 -1.64 8.97
CA SER B 192 -1.98 -2.23 10.24
C SER B 192 -0.57 -1.83 10.68
N THR B 193 0.29 -1.39 9.77
CA THR B 193 1.59 -0.87 10.20
C THR B 193 1.53 0.59 10.66
N HIS B 194 0.40 1.27 10.50
CA HIS B 194 0.28 2.67 10.93
C HIS B 194 0.48 2.79 12.46
N ILE B 195 0.97 3.94 12.90
CA ILE B 195 1.27 4.12 14.32
C ILE B 195 0.02 3.76 15.13
N GLY B 196 0.22 2.98 16.18
CA GLY B 196 -0.86 2.66 17.09
C GLY B 196 -1.90 1.70 16.54
N CYS B 197 -1.52 0.85 15.59
CA CYS B 197 -2.41 -0.21 15.14
C CYS B 197 -1.92 -1.53 15.68
N ASN B 198 -1.10 -2.27 14.94
CA ASN B 198 -0.78 -3.65 15.26
C ASN B 198 0.58 -3.67 15.92
N ALA B 199 0.64 -4.25 17.10
CA ALA B 199 1.86 -4.32 17.91
C ALA B 199 2.01 -5.74 18.44
N ASP B 200 1.86 -6.71 17.53
CA ASP B 200 2.03 -8.13 17.83
C ASP B 200 2.69 -8.80 16.63
N ALA B 201 3.89 -9.36 16.84
CA ALA B 201 4.71 -9.82 15.72
C ALA B 201 4.04 -10.96 14.95
N GLU B 202 3.42 -11.91 15.65
CA GLU B 202 2.83 -13.06 14.97
C GLU B 202 1.72 -12.62 14.01
N ALA B 203 0.83 -11.76 14.50
CA ALA B 203 -0.27 -11.27 13.66
C ALA B 203 0.26 -10.47 12.48
N MET B 204 1.32 -9.68 12.70
CA MET B 204 1.90 -8.90 11.62
C MET B 204 2.47 -9.80 10.52
N ILE B 205 3.20 -10.85 10.93
CA ILE B 205 3.76 -11.78 9.95
C ILE B 205 2.65 -12.50 9.20
N LYS B 206 1.58 -12.88 9.90
CA LYS B 206 0.46 -13.54 9.22
C LYS B 206 -0.20 -12.61 8.21
N MET B 207 -0.36 -11.33 8.56
CA MET B 207 -0.91 -10.39 7.58
C MET B 207 0.01 -10.28 6.37
N SER B 208 1.33 -10.26 6.58
CA SER B 208 2.26 -10.16 5.45
C SER B 208 2.19 -11.42 4.57
N MET B 209 2.07 -12.60 5.18
CA MET B 209 1.89 -13.83 4.40
C MET B 209 0.61 -13.78 3.58
N ARG B 210 -0.48 -13.32 4.21
CA ARG B 210 -1.75 -13.19 3.49
C ARG B 210 -1.60 -12.26 2.29
N CYS B 211 -0.91 -11.13 2.48
CA CYS B 211 -0.68 -10.21 1.38
C CYS B 211 0.17 -10.86 0.28
N SER B 212 1.23 -11.59 0.65
CA SER B 212 2.11 -12.18 -0.35
C SER B 212 1.40 -13.25 -1.18
N LEU B 213 0.41 -13.92 -0.60
CA LEU B 213 -0.35 -14.93 -1.37
C LEU B 213 -1.06 -14.30 -2.56
N THR B 214 -1.59 -13.09 -2.41
CA THR B 214 -2.23 -12.40 -3.53
C THR B 214 -1.22 -12.07 -4.62
N ASP B 215 0.07 -12.00 -4.29
CA ASP B 215 1.09 -11.86 -5.32
C ASP B 215 1.34 -13.19 -6.01
N GLY B 216 1.71 -14.22 -5.24
CA GLY B 216 2.14 -15.47 -5.82
C GLY B 216 1.07 -16.16 -6.66
N TRP B 217 -0.14 -16.25 -6.12
CA TRP B 217 -1.17 -17.04 -6.74
C TRP B 217 -2.18 -16.22 -7.55
N MET B 218 -2.21 -14.90 -7.41
CA MET B 218 -3.16 -14.09 -8.17
C MET B 218 -2.46 -13.13 -9.11
N GLY B 219 -1.61 -12.23 -8.60
CA GLY B 219 -0.99 -11.21 -9.43
C GLY B 219 0.00 -11.76 -10.45
N SER B 220 1.06 -12.40 -9.94
CA SER B 220 2.08 -12.97 -10.82
C SER B 220 1.49 -14.07 -11.70
N PHE B 221 0.60 -14.88 -11.14
CA PHE B 221 0.00 -15.99 -11.89
C PHE B 221 -0.82 -15.46 -13.06
N MET B 222 -1.70 -14.49 -12.80
CA MET B 222 -2.53 -13.93 -13.86
C MET B 222 -1.67 -13.19 -14.87
N GLY B 223 -0.66 -12.45 -14.41
CA GLY B 223 0.22 -11.79 -15.35
C GLY B 223 0.89 -12.77 -16.29
N THR B 224 1.42 -13.86 -15.74
CA THR B 224 2.08 -14.87 -16.56
C THR B 224 1.11 -15.50 -17.55
N GLU B 225 -0.07 -15.93 -17.07
CA GLU B 225 -0.97 -16.65 -17.97
C GLU B 225 -1.55 -15.75 -19.04
N PHE B 226 -1.87 -14.49 -18.71
CA PHE B 226 -2.38 -13.57 -19.73
C PHE B 226 -1.28 -13.18 -20.71
N SER B 227 -0.03 -13.06 -20.23
CA SER B 227 1.08 -12.83 -21.15
C SER B 227 1.26 -13.98 -22.10
N ASP B 228 1.09 -15.21 -21.60
CA ASP B 228 1.12 -16.36 -22.50
C ASP B 228 0.00 -16.28 -23.53
N ILE B 229 -1.21 -15.89 -23.09
CA ILE B 229 -2.35 -15.83 -24.00
C ILE B 229 -2.10 -14.81 -25.11
N MET B 230 -1.58 -13.64 -24.76
CA MET B 230 -1.44 -12.55 -25.72
C MET B 230 -0.19 -12.71 -26.57
N PHE B 231 0.92 -13.16 -25.99
CA PHE B 231 2.20 -13.15 -26.68
C PHE B 231 2.72 -14.55 -26.99
N GLY B 232 2.00 -15.60 -26.60
CA GLY B 232 2.41 -16.95 -26.91
C GLY B 232 3.03 -17.67 -25.74
N THR B 233 2.69 -18.94 -25.57
CA THR B 233 3.30 -19.75 -24.53
C THR B 233 4.75 -20.06 -24.90
N PRO B 234 5.72 -19.84 -24.02
CA PRO B 234 7.11 -20.13 -24.34
C PRO B 234 7.34 -21.61 -24.61
N HIS B 235 8.23 -21.89 -25.55
CA HIS B 235 8.70 -23.24 -25.82
C HIS B 235 10.23 -23.21 -25.88
N SER B 236 10.84 -24.39 -25.90
CA SER B 236 12.29 -24.47 -25.89
C SER B 236 12.86 -23.70 -27.08
N ILE B 237 13.82 -22.83 -26.79
CA ILE B 237 14.37 -21.92 -27.79
C ILE B 237 15.81 -21.57 -27.41
N ASP B 238 16.63 -21.37 -28.43
CA ASP B 238 18.02 -21.01 -28.25
C ASP B 238 18.21 -19.50 -28.22
N THR B 239 19.23 -19.05 -27.50
CA THR B 239 19.57 -17.63 -27.45
C THR B 239 21.04 -17.52 -27.05
N GLU B 240 21.53 -16.28 -26.99
CA GLU B 240 22.87 -15.97 -26.52
C GLU B 240 22.78 -14.98 -25.36
N ALA B 241 23.75 -15.05 -24.44
CA ALA B 241 23.71 -14.28 -23.21
C ALA B 241 25.06 -13.61 -22.98
N ASN B 242 25.03 -12.58 -22.14
CA ASN B 242 26.14 -11.75 -21.68
C ASN B 242 26.44 -10.61 -22.66
N LEU B 243 27.28 -9.66 -22.23
CA LEU B 243 27.44 -8.39 -22.92
C LEU B 243 28.05 -8.54 -24.31
N GLY B 244 28.64 -9.69 -24.62
CA GLY B 244 29.21 -9.89 -25.94
C GLY B 244 28.20 -9.87 -27.06
N VAL B 245 26.91 -9.98 -26.73
CA VAL B 245 25.88 -9.98 -27.77
C VAL B 245 25.73 -8.62 -28.44
N LEU B 246 26.29 -7.56 -27.88
CA LEU B 246 26.24 -6.25 -28.54
C LEU B 246 27.08 -6.25 -29.81
N GLU B 247 26.62 -5.55 -30.83
CA GLU B 247 27.29 -5.47 -32.12
C GLU B 247 27.87 -4.08 -32.29
N LYS B 248 29.15 -4.01 -32.66
CA LYS B 248 29.78 -2.73 -32.90
C LYS B 248 29.20 -2.04 -34.13
N ASN B 249 28.95 -2.81 -35.19
CA ASN B 249 28.54 -2.26 -36.48
C ASN B 249 27.04 -2.18 -36.66
N SER B 250 26.25 -2.49 -35.63
CA SER B 250 24.80 -2.42 -35.73
C SER B 250 24.25 -1.46 -34.69
N VAL B 251 23.05 -0.95 -34.94
CA VAL B 251 22.33 -0.24 -33.89
C VAL B 251 22.08 -1.19 -32.74
N ASN B 252 22.35 -0.75 -31.52
CA ASN B 252 22.16 -1.58 -30.33
C ASN B 252 21.03 -0.96 -29.53
N VAL B 253 19.94 -1.70 -29.37
CA VAL B 253 18.77 -1.26 -28.62
C VAL B 253 18.59 -2.24 -27.47
N VAL B 254 18.71 -1.74 -26.25
CA VAL B 254 18.67 -2.55 -25.04
C VAL B 254 17.35 -2.26 -24.33
N LEU B 255 16.56 -3.30 -24.10
CA LEU B 255 15.27 -3.21 -23.42
C LEU B 255 15.46 -3.64 -21.98
N HIS B 256 15.18 -2.74 -21.05
CA HIS B 256 15.38 -2.96 -19.63
C HIS B 256 14.07 -2.69 -18.90
N GLY B 257 13.78 -3.48 -17.87
CA GLY B 257 12.53 -3.34 -17.13
C GLY B 257 11.75 -4.62 -16.97
N HIS B 258 10.43 -4.52 -16.81
CA HIS B 258 9.65 -5.70 -16.49
C HIS B 258 8.39 -5.89 -17.33
N GLU B 259 7.77 -4.82 -17.80
CA GLU B 259 6.47 -4.95 -18.45
C GLU B 259 6.63 -5.41 -19.89
N PRO B 260 6.00 -6.52 -20.30
CA PRO B 260 6.34 -7.14 -21.58
C PRO B 260 5.69 -6.52 -22.81
N LEU B 261 4.58 -5.77 -22.67
CA LEU B 261 3.91 -5.27 -23.87
C LEU B 261 4.82 -4.35 -24.68
N LEU B 262 5.53 -3.45 -24.01
CA LEU B 262 6.43 -2.55 -24.73
C LEU B 262 7.53 -3.31 -25.46
N SER B 263 8.15 -4.29 -24.79
CA SER B 263 9.24 -5.02 -25.43
C SER B 263 8.72 -5.88 -26.59
N GLU B 264 7.53 -6.45 -26.44
CA GLU B 264 6.91 -7.18 -27.54
C GLU B 264 6.69 -6.25 -28.74
N MET B 265 6.17 -5.06 -28.49
CA MET B 265 5.94 -4.13 -29.59
C MET B 265 7.25 -3.64 -30.20
N VAL B 266 8.30 -3.47 -29.40
CA VAL B 266 9.61 -3.10 -29.95
C VAL B 266 10.17 -4.22 -30.82
N VAL B 267 10.01 -5.47 -30.39
CA VAL B 267 10.46 -6.59 -31.20
C VAL B 267 9.71 -6.60 -32.52
N GLU B 268 8.40 -6.39 -32.48
CA GLU B 268 7.62 -6.35 -33.72
C GLU B 268 8.05 -5.17 -34.60
N ALA B 269 8.31 -4.00 -34.00
CA ALA B 269 8.72 -2.83 -34.76
C ALA B 269 10.09 -3.02 -35.40
N ALA B 270 10.97 -3.79 -34.78
CA ALA B 270 12.31 -3.99 -35.32
C ALA B 270 12.30 -4.65 -36.69
N SER B 271 11.25 -5.38 -37.04
CA SER B 271 11.12 -5.99 -38.35
C SER B 271 10.40 -5.10 -39.35
N ASP B 272 10.03 -3.89 -38.97
CA ASP B 272 9.37 -2.97 -39.89
C ASP B 272 10.32 -2.59 -41.01
N PRO B 273 9.92 -2.71 -42.29
CA PRO B 273 10.86 -2.39 -43.38
C PRO B 273 11.39 -0.97 -43.36
N GLU B 274 10.57 0.00 -42.97
CA GLU B 274 11.06 1.38 -42.93
C GLU B 274 12.14 1.56 -41.89
N LEU B 275 11.99 0.95 -40.72
CA LEU B 275 13.00 1.09 -39.67
C LEU B 275 14.29 0.35 -40.03
N VAL B 276 14.18 -0.81 -40.68
CA VAL B 276 15.37 -1.52 -41.13
C VAL B 276 16.10 -0.71 -42.19
N GLU B 277 15.35 -0.11 -43.11
CA GLU B 277 15.97 0.75 -44.11
C GLU B 277 16.63 1.96 -43.46
N LEU B 278 15.99 2.54 -42.45
CA LEU B 278 16.57 3.67 -41.73
C LEU B 278 17.86 3.28 -41.02
N ALA B 279 17.87 2.09 -40.40
CA ALA B 279 19.08 1.61 -39.77
C ALA B 279 20.20 1.44 -40.79
N LYS B 280 19.88 0.92 -41.98
CA LYS B 280 20.88 0.84 -43.03
C LYS B 280 21.36 2.23 -43.46
N SER B 281 20.45 3.19 -43.52
CA SER B 281 20.80 4.52 -44.02
C SER B 281 21.62 5.33 -43.02
N VAL B 282 21.53 5.03 -41.72
CA VAL B 282 22.33 5.75 -40.74
C VAL B 282 23.71 5.10 -40.64
N GLY B 283 23.97 4.12 -41.51
CA GLY B 283 25.29 3.51 -41.57
C GLY B 283 25.48 2.25 -40.78
N ALA B 284 24.41 1.65 -40.27
CA ALA B 284 24.52 0.41 -39.50
C ALA B 284 24.14 -0.79 -40.35
N ASP B 285 24.67 -1.96 -39.96
CA ASP B 285 24.33 -3.20 -40.66
C ASP B 285 22.89 -3.58 -40.41
N GLY B 286 22.37 -3.32 -39.22
CA GLY B 286 21.00 -3.66 -38.92
C GLY B 286 20.64 -3.24 -37.51
N ILE B 287 19.55 -3.81 -36.99
CA ILE B 287 19.07 -3.52 -35.65
C ILE B 287 19.35 -4.74 -34.78
N ASN B 288 20.00 -4.53 -33.64
CA ASN B 288 20.33 -5.59 -32.70
C ASN B 288 19.60 -5.26 -31.40
N LEU B 289 18.50 -5.98 -31.17
CA LEU B 289 17.75 -5.89 -29.93
C LEU B 289 18.37 -6.83 -28.90
N CYS B 290 18.61 -6.31 -27.71
CA CYS B 290 19.12 -7.08 -26.60
C CYS B 290 18.28 -6.75 -25.38
N GLY B 291 18.07 -7.74 -24.51
CA GLY B 291 17.24 -7.54 -23.35
C GLY B 291 18.02 -7.64 -22.06
N MET B 292 17.53 -7.01 -21.00
CA MET B 292 18.14 -7.11 -19.69
C MET B 292 17.06 -7.34 -18.64
N CYS B 293 17.40 -8.08 -17.60
CA CYS B 293 16.52 -8.33 -16.45
C CYS B 293 15.25 -9.03 -16.96
N CYS B 294 14.07 -8.72 -16.40
CA CYS B 294 12.89 -9.53 -16.65
C CYS B 294 12.27 -9.28 -18.02
N THR B 295 12.30 -8.05 -18.53
CA THR B 295 11.80 -7.85 -19.88
C THR B 295 12.67 -8.58 -20.89
N GLY B 296 13.99 -8.57 -20.69
CA GLY B 296 14.86 -9.42 -21.48
C GLY B 296 14.50 -10.89 -21.35
N ASN B 297 14.18 -11.34 -20.13
CA ASN B 297 13.77 -12.73 -19.96
C ASN B 297 12.51 -13.05 -20.75
N GLU B 298 11.52 -12.15 -20.72
CA GLU B 298 10.27 -12.38 -21.45
C GLU B 298 10.51 -12.48 -22.94
N VAL B 299 11.17 -11.48 -23.52
CA VAL B 299 11.36 -11.50 -24.97
C VAL B 299 12.28 -12.64 -25.38
N SER B 300 13.19 -13.07 -24.50
CA SER B 300 14.07 -14.19 -24.81
C SER B 300 13.31 -15.53 -24.74
N MET B 301 12.43 -15.68 -23.73
CA MET B 301 11.62 -16.89 -23.63
C MET B 301 10.70 -17.04 -24.83
N ARG B 302 10.16 -15.93 -25.33
CA ARG B 302 9.16 -16.04 -26.40
C ARG B 302 9.72 -15.85 -27.80
N HIS B 303 10.89 -15.25 -27.98
CA HIS B 303 11.43 -14.99 -29.31
C HIS B 303 12.92 -15.25 -29.45
N GLY B 304 13.61 -15.63 -28.39
CA GLY B 304 15.04 -15.84 -28.49
C GLY B 304 15.85 -14.57 -28.56
N ILE B 305 15.30 -13.45 -28.10
CA ILE B 305 16.06 -12.21 -28.08
C ILE B 305 17.27 -12.39 -27.17
N LYS B 306 18.44 -11.95 -27.62
CA LYS B 306 19.65 -12.10 -26.84
C LYS B 306 19.57 -11.32 -25.53
N ILE B 307 20.13 -11.90 -24.47
CA ILE B 307 20.11 -11.30 -23.14
C ILE B 307 21.45 -10.63 -22.91
N ALA B 308 21.43 -9.31 -22.72
CA ALA B 308 22.67 -8.58 -22.53
C ALA B 308 23.25 -8.77 -21.12
N GLY B 309 22.41 -8.84 -20.10
CA GLY B 309 22.87 -9.04 -18.74
C GLY B 309 21.77 -8.82 -17.71
N ASN B 310 22.09 -9.17 -16.46
CA ASN B 310 21.15 -9.04 -15.35
C ASN B 310 21.35 -7.71 -14.60
N PHE B 311 20.75 -7.60 -13.41
CA PHE B 311 20.60 -6.32 -12.70
C PHE B 311 21.91 -5.56 -12.60
N MET B 312 22.89 -6.10 -11.88
CA MET B 312 24.08 -5.31 -11.61
C MET B 312 24.98 -5.14 -12.83
N GLN B 313 24.57 -5.63 -14.01
CA GLN B 313 25.31 -5.36 -15.24
C GLN B 313 24.73 -4.21 -16.04
N GLN B 314 23.57 -3.67 -15.67
CA GLN B 314 22.92 -2.70 -16.54
C GLN B 314 23.84 -1.51 -16.85
N GLU B 315 24.45 -0.93 -15.82
CA GLU B 315 25.37 0.18 -16.05
C GLU B 315 26.48 -0.19 -17.01
N LEU B 316 27.05 -1.39 -16.83
CA LEU B 316 28.17 -1.80 -17.68
C LEU B 316 27.76 -1.90 -19.13
N ALA B 317 26.49 -2.19 -19.42
CA ALA B 317 26.04 -2.20 -20.81
C ALA B 317 26.28 -0.84 -21.46
N VAL B 318 26.00 0.24 -20.74
CA VAL B 318 26.28 1.58 -21.27
C VAL B 318 27.78 1.83 -21.34
N VAL B 319 28.56 1.22 -20.44
CA VAL B 319 29.99 1.49 -20.38
C VAL B 319 30.68 1.02 -21.65
N THR B 320 30.10 0.03 -22.35
CA THR B 320 30.66 -0.43 -23.63
C THR B 320 30.75 0.69 -24.64
N GLY B 321 29.89 1.70 -24.54
CA GLY B 321 29.83 2.75 -25.52
C GLY B 321 29.11 2.37 -26.80
N ALA B 322 28.43 1.23 -26.82
CA ALA B 322 27.78 0.76 -28.04
C ALA B 322 26.26 0.77 -27.97
N VAL B 323 25.68 1.07 -26.82
CA VAL B 323 24.23 1.10 -26.66
C VAL B 323 23.70 2.40 -27.27
N ASP B 324 23.07 2.31 -28.44
CA ASP B 324 22.47 3.49 -29.05
C ASP B 324 21.16 3.87 -28.39
N GLY B 325 20.39 2.90 -27.93
CA GLY B 325 19.18 3.22 -27.20
C GLY B 325 18.96 2.30 -26.04
N LEU B 326 18.55 2.86 -24.90
CA LEU B 326 18.24 2.08 -23.70
C LEU B 326 16.82 2.45 -23.28
N ILE B 327 15.89 1.57 -23.57
CA ILE B 327 14.46 1.79 -23.38
C ILE B 327 14.04 1.05 -22.12
N VAL B 328 13.52 1.79 -21.14
CA VAL B 328 13.16 1.23 -19.84
C VAL B 328 11.70 1.51 -19.51
N ASP B 329 11.03 0.56 -18.87
CA ASP B 329 9.66 0.81 -18.42
C ASP B 329 9.53 1.05 -16.92
N VAL B 330 9.76 0.05 -16.07
CA VAL B 330 9.54 0.16 -14.62
C VAL B 330 10.38 -0.91 -13.92
N GLN B 331 10.74 -0.62 -12.66
CA GLN B 331 11.27 -1.60 -11.69
C GLN B 331 12.73 -1.98 -12.00
N CYS B 332 13.58 -1.94 -10.96
CA CYS B 332 14.98 -2.39 -11.05
C CYS B 332 15.78 -1.65 -12.11
N ILE B 333 15.40 -0.40 -12.37
CA ILE B 333 16.11 0.48 -13.29
C ILE B 333 16.89 1.46 -12.41
N MET B 334 18.19 1.24 -12.31
CA MET B 334 19.02 2.09 -11.48
C MET B 334 18.92 3.53 -11.99
N PRO B 335 18.49 4.48 -11.15
CA PRO B 335 18.41 5.87 -11.63
C PRO B 335 19.76 6.44 -12.04
N ALA B 336 20.85 5.90 -11.53
CA ALA B 336 22.17 6.37 -11.92
C ALA B 336 22.39 6.27 -13.42
N LEU B 337 21.66 5.38 -14.11
CA LEU B 337 21.77 5.31 -15.56
C LEU B 337 21.60 6.69 -16.21
N ALA B 338 20.65 7.48 -15.70
CA ALA B 338 20.45 8.83 -16.25
C ALA B 338 21.74 9.65 -16.24
N LYS B 339 22.45 9.64 -15.11
CA LYS B 339 23.74 10.29 -15.04
C LYS B 339 24.74 9.62 -15.98
N LEU B 340 24.78 8.29 -15.96
CA LEU B 340 25.83 7.57 -16.67
C LEU B 340 25.74 7.81 -18.18
N SER B 341 24.52 7.83 -18.73
CA SER B 341 24.34 8.04 -20.16
C SER B 341 24.82 9.41 -20.62
N LYS B 342 25.04 10.35 -19.70
CA LYS B 342 25.61 11.64 -20.09
C LYS B 342 27.04 11.48 -20.56
N SER B 343 27.77 10.50 -20.05
CA SER B 343 29.15 10.28 -20.43
C SER B 343 29.29 9.57 -21.77
N TYR B 344 28.19 9.15 -22.39
CA TYR B 344 28.21 8.47 -23.68
C TYR B 344 27.12 9.09 -24.55
N HIS B 345 26.97 8.55 -25.77
CA HIS B 345 25.95 9.04 -26.67
C HIS B 345 24.58 8.45 -26.39
N THR B 346 24.48 7.52 -25.45
CA THR B 346 23.27 6.70 -25.27
C THR B 346 22.05 7.56 -24.95
N LYS B 347 20.94 7.27 -25.65
CA LYS B 347 19.63 7.82 -25.33
C LYS B 347 18.99 6.92 -24.28
N PHE B 348 18.81 7.45 -23.08
CA PHE B 348 18.15 6.75 -21.98
C PHE B 348 16.68 7.18 -21.99
N ILE B 349 15.79 6.28 -22.44
CA ILE B 349 14.41 6.61 -22.73
C ILE B 349 13.52 5.93 -21.71
N THR B 350 12.84 6.74 -20.91
CA THR B 350 11.76 6.26 -20.06
C THR B 350 10.45 6.32 -20.83
N THR B 351 9.58 5.35 -20.59
CA THR B 351 8.35 5.20 -21.33
C THR B 351 7.11 5.06 -20.48
N SER B 352 7.22 4.94 -19.17
CA SER B 352 6.07 4.66 -18.33
C SER B 352 5.77 5.82 -17.41
N PRO B 353 4.52 6.25 -17.30
CA PRO B 353 4.21 7.28 -16.29
C PRO B 353 4.44 6.81 -14.87
N LYS B 354 4.50 5.50 -14.62
CA LYS B 354 4.80 5.02 -13.27
C LYS B 354 6.25 5.25 -12.88
N ALA B 355 7.16 5.35 -13.85
CA ALA B 355 8.59 5.42 -13.59
C ALA B 355 9.17 6.61 -14.38
N HIS B 356 9.07 7.80 -13.81
CA HIS B 356 9.80 8.94 -14.34
C HIS B 356 11.16 8.98 -13.70
N ILE B 357 12.17 9.26 -14.51
CA ILE B 357 13.54 9.42 -14.04
C ILE B 357 14.07 10.76 -14.51
N THR B 358 14.55 11.57 -13.57
CA THR B 358 15.01 12.91 -13.90
C THR B 358 16.20 12.85 -14.85
N ASP B 359 16.22 13.77 -15.81
CA ASP B 359 17.25 13.93 -16.83
C ASP B 359 17.29 12.80 -17.85
N SER B 360 16.26 11.94 -17.89
CA SER B 360 16.12 10.98 -18.97
C SER B 360 15.14 11.55 -20.00
N ILE B 361 15.19 10.98 -21.20
CA ILE B 361 14.29 11.37 -22.27
C ILE B 361 12.99 10.57 -22.12
N TYR B 362 11.89 11.28 -21.91
CA TYR B 362 10.61 10.64 -21.65
C TYR B 362 9.78 10.59 -22.94
N MET B 363 9.46 9.37 -23.38
CA MET B 363 8.59 9.13 -24.54
C MET B 363 7.54 8.15 -24.07
N GLU B 364 6.38 8.68 -23.66
CA GLU B 364 5.36 7.85 -23.06
C GLU B 364 4.87 6.78 -24.02
N PHE B 365 4.94 5.52 -23.58
CA PHE B 365 4.45 4.42 -24.39
C PHE B 365 2.92 4.43 -24.39
N ASP B 366 2.34 4.62 -25.56
CA ASP B 366 0.90 4.75 -25.74
C ASP B 366 0.30 3.35 -25.90
N GLU B 367 -0.41 2.89 -24.86
CA GLU B 367 -1.04 1.58 -24.90
C GLU B 367 -2.19 1.54 -25.90
N GLU B 368 -2.78 2.69 -26.24
CA GLU B 368 -3.87 2.70 -27.22
C GLU B 368 -3.36 2.38 -28.62
N ASN B 369 -2.16 2.85 -28.97
CA ASN B 369 -1.52 2.53 -30.25
C ASN B 369 -0.13 1.99 -29.97
N PRO B 370 -0.04 0.78 -29.41
CA PRO B 370 1.27 0.29 -28.96
C PRO B 370 2.32 0.19 -30.06
N LEU B 371 1.92 -0.27 -31.25
CA LEU B 371 2.91 -0.51 -32.29
C LEU B 371 3.48 0.80 -32.82
N ASP B 372 2.63 1.79 -33.08
CA ASP B 372 3.11 3.08 -33.57
C ASP B 372 3.99 3.77 -32.53
N SER B 373 3.60 3.71 -31.26
CA SER B 373 4.41 4.31 -30.21
C SER B 373 5.77 3.61 -30.11
N ALA B 374 5.79 2.28 -30.17
CA ALA B 374 7.05 1.54 -30.14
C ALA B 374 7.91 1.88 -31.35
N LYS B 375 7.30 2.05 -32.53
CA LYS B 375 8.05 2.43 -33.71
C LYS B 375 8.69 3.79 -33.55
N LYS B 376 7.98 4.75 -32.96
CA LYS B 376 8.57 6.07 -32.73
C LYS B 376 9.76 6.00 -31.77
N ILE B 377 9.61 5.26 -30.68
CA ILE B 377 10.71 5.13 -29.71
C ILE B 377 11.92 4.46 -30.36
N LEU B 378 11.68 3.40 -31.12
CA LEU B 378 12.74 2.68 -31.79
C LEU B 378 13.42 3.54 -32.85
N LYS B 379 12.65 4.40 -33.53
CA LYS B 379 13.23 5.30 -34.51
C LYS B 379 14.17 6.30 -33.84
N GLU B 380 13.81 6.80 -32.66
CA GLU B 380 14.74 7.65 -31.92
C GLU B 380 16.04 6.89 -31.62
N ALA B 381 15.93 5.65 -31.14
CA ALA B 381 17.12 4.86 -30.86
C ALA B 381 17.97 4.65 -32.11
N ILE B 382 17.33 4.34 -33.24
CA ILE B 382 18.06 4.10 -34.48
C ILE B 382 18.76 5.36 -34.94
N LEU B 383 18.07 6.50 -34.89
CA LEU B 383 18.69 7.74 -35.31
C LEU B 383 19.87 8.13 -34.43
N ASN B 384 19.87 7.70 -33.17
CA ASN B 384 21.02 7.99 -32.31
C ASN B 384 22.30 7.28 -32.75
N PHE B 385 22.23 6.31 -33.65
CA PHE B 385 23.44 5.60 -34.08
C PHE B 385 24.45 6.54 -34.73
N LYS B 386 23.98 7.64 -35.33
CA LYS B 386 24.89 8.59 -35.94
C LYS B 386 25.78 9.28 -34.91
N ASN B 387 25.36 9.32 -33.64
CA ASN B 387 26.14 9.93 -32.59
C ASN B 387 27.11 8.97 -31.92
N ARG B 388 27.20 7.73 -32.41
CA ARG B 388 28.13 6.76 -31.87
C ARG B 388 29.56 7.22 -32.05
N ASP B 389 30.37 7.08 -31.01
CA ASP B 389 31.80 7.33 -31.07
C ASP B 389 32.48 5.97 -31.02
N GLN B 390 32.91 5.48 -32.19
CA GLN B 390 33.46 4.15 -32.28
C GLN B 390 34.82 4.03 -31.59
N SER B 391 35.49 5.15 -31.34
CA SER B 391 36.75 5.11 -30.61
C SER B 391 36.54 4.82 -29.13
N LYS B 392 35.34 5.06 -28.60
CA LYS B 392 35.00 4.77 -27.22
C LYS B 392 34.34 3.41 -27.06
N VAL B 393 34.22 2.63 -28.12
CA VAL B 393 33.46 1.38 -28.06
C VAL B 393 34.41 0.25 -27.65
N MET B 394 33.99 -0.53 -26.67
CA MET B 394 34.72 -1.75 -26.31
C MET B 394 33.66 -2.76 -25.89
N ILE B 395 33.44 -3.76 -26.72
CA ILE B 395 32.51 -4.85 -26.46
C ILE B 395 33.32 -6.10 -26.16
N PRO B 396 33.23 -6.67 -24.97
CA PRO B 396 33.96 -7.92 -24.70
C PRO B 396 33.50 -9.03 -25.64
N GLU B 397 34.47 -9.84 -26.09
CA GLU B 397 34.15 -11.00 -26.92
C GLU B 397 33.75 -12.17 -26.05
N LEU B 398 32.77 -11.98 -25.18
CA LEU B 398 32.34 -12.99 -24.23
C LEU B 398 30.81 -13.09 -24.24
N LYS B 399 30.31 -14.15 -24.86
CA LYS B 399 28.89 -14.46 -24.86
C LYS B 399 28.72 -15.97 -24.83
N CYS B 400 27.57 -16.43 -24.36
CA CYS B 400 27.38 -17.85 -24.12
C CYS B 400 26.04 -18.31 -24.67
N LYS B 401 26.02 -19.50 -25.26
CA LYS B 401 24.78 -20.07 -25.76
C LYS B 401 23.91 -20.56 -24.61
N ALA B 402 22.61 -20.32 -24.72
CA ALA B 402 21.68 -20.72 -23.68
C ALA B 402 20.43 -21.27 -24.33
N ILE B 403 19.75 -22.15 -23.62
CA ILE B 403 18.47 -22.71 -24.02
C ILE B 403 17.48 -22.38 -22.93
N LEU B 404 16.30 -21.91 -23.32
CA LEU B 404 15.30 -21.47 -22.35
C LEU B 404 13.93 -21.75 -22.94
N GLY B 405 12.90 -21.12 -22.40
CA GLY B 405 11.55 -21.33 -22.85
C GLY B 405 10.80 -22.46 -22.18
N TYR B 406 11.21 -22.87 -20.98
CA TYR B 406 10.62 -24.01 -20.29
C TYR B 406 9.44 -23.58 -19.44
N SER B 407 8.33 -23.30 -20.11
CA SER B 407 7.06 -23.17 -19.41
C SER B 407 6.61 -24.57 -18.94
N VAL B 408 5.58 -24.58 -18.09
CA VAL B 408 5.01 -25.85 -17.61
C VAL B 408 4.52 -26.68 -18.79
N GLU B 409 3.90 -26.04 -19.77
CA GLU B 409 3.44 -26.75 -20.96
C GLU B 409 4.62 -27.36 -21.71
N GLU B 410 5.71 -26.60 -21.87
CA GLU B 410 6.88 -27.11 -22.57
C GLU B 410 7.53 -28.26 -21.78
N ILE B 411 7.58 -28.14 -20.46
CA ILE B 411 8.14 -29.21 -19.63
C ILE B 411 7.30 -30.48 -19.78
N ILE B 412 5.98 -30.33 -19.78
CA ILE B 412 5.10 -31.49 -19.97
C ILE B 412 5.31 -32.11 -21.35
N ASN B 413 5.43 -31.27 -22.38
CA ASN B 413 5.70 -31.80 -23.72
C ASN B 413 7.02 -32.58 -23.75
N LYS B 414 8.07 -32.07 -23.09
CA LYS B 414 9.33 -32.80 -23.04
C LYS B 414 9.19 -34.11 -22.27
N LEU B 415 8.45 -34.09 -21.16
CA LEU B 415 8.25 -35.30 -20.36
C LEU B 415 7.46 -36.35 -21.11
N ASP B 416 6.64 -35.95 -22.07
CA ASP B 416 5.91 -36.93 -22.87
C ASP B 416 6.84 -37.88 -23.61
N LYS B 417 8.10 -37.49 -23.83
CA LYS B 417 9.04 -38.35 -24.55
C LYS B 417 9.31 -39.66 -23.82
N VAL B 418 9.36 -39.61 -22.48
CA VAL B 418 9.70 -40.78 -21.68
C VAL B 418 8.46 -41.53 -21.19
N VAL B 419 7.31 -41.29 -21.80
CA VAL B 419 6.06 -41.97 -21.44
C VAL B 419 5.87 -43.14 -22.41
N ASN B 420 5.74 -44.36 -21.86
CA ASN B 420 5.41 -45.51 -22.68
C ASN B 420 4.00 -45.35 -23.23
N THR B 421 3.85 -45.43 -24.55
CA THR B 421 2.56 -45.19 -25.18
C THR B 421 1.51 -46.20 -24.72
N GLN B 422 1.93 -47.46 -24.51
CA GLN B 422 0.99 -48.47 -24.07
C GLN B 422 0.56 -48.31 -22.62
N ILE B 423 1.21 -47.43 -21.85
CA ILE B 423 0.87 -47.20 -20.45
C ILE B 423 0.18 -45.86 -20.28
N GLY B 424 0.85 -44.77 -20.61
CA GLY B 424 0.32 -43.44 -20.43
C GLY B 424 0.23 -43.06 -18.97
N PRO B 425 -0.51 -41.98 -18.67
CA PRO B 425 -1.20 -41.06 -19.58
C PRO B 425 -0.23 -40.06 -20.20
N MET B 426 -0.64 -39.35 -21.24
CA MET B 426 0.17 -38.31 -21.85
C MET B 426 -0.21 -36.94 -21.28
N GLN B 427 0.66 -35.97 -21.49
CA GLN B 427 0.40 -34.57 -21.13
C GLN B 427 0.11 -34.38 -19.64
N THR B 428 0.95 -34.99 -18.81
CA THR B 428 0.89 -34.83 -17.36
C THR B 428 2.31 -34.61 -16.84
N VAL B 429 2.41 -34.32 -15.55
CA VAL B 429 3.69 -34.16 -14.89
C VAL B 429 4.09 -35.51 -14.29
N LYS B 430 3.38 -36.58 -14.67
CA LYS B 430 3.62 -37.88 -14.06
C LYS B 430 5.06 -38.38 -14.19
N PRO B 431 5.76 -38.27 -15.32
CA PRO B 431 7.17 -38.70 -15.34
C PRO B 431 8.04 -37.98 -14.31
N LEU B 432 7.82 -36.67 -14.11
CA LEU B 432 8.56 -35.93 -13.11
C LEU B 432 8.22 -36.43 -11.71
N ALA B 433 6.94 -36.66 -11.44
CA ALA B 433 6.54 -37.22 -10.15
C ALA B 433 7.17 -38.59 -9.94
N ASP B 434 7.25 -39.40 -11.00
CA ASP B 434 7.84 -40.73 -10.89
C ASP B 434 9.32 -40.66 -10.55
N VAL B 435 10.06 -39.79 -11.24
CA VAL B 435 11.51 -39.70 -10.97
C VAL B 435 11.74 -39.15 -9.57
N LEU B 436 10.89 -38.23 -9.10
CA LEU B 436 11.04 -37.72 -7.74
C LEU B 436 10.71 -38.78 -6.70
N VAL B 437 9.64 -39.54 -6.92
CA VAL B 437 9.25 -40.54 -5.93
C VAL B 437 10.27 -41.68 -5.89
N SER B 438 10.74 -42.13 -7.05
CA SER B 438 11.69 -43.24 -7.06
C SER B 438 13.03 -42.87 -6.42
N GLY B 439 13.37 -41.59 -6.34
CA GLY B 439 14.64 -41.19 -5.81
C GLY B 439 15.74 -41.03 -6.84
N VAL B 440 15.45 -41.24 -8.12
CA VAL B 440 16.44 -40.96 -9.15
C VAL B 440 16.80 -39.48 -9.12
N LEU B 441 15.81 -38.63 -8.95
CA LEU B 441 16.01 -37.23 -8.61
C LEU B 441 15.70 -37.06 -7.12
N ARG B 442 16.63 -36.43 -6.40
CA ARG B 442 16.44 -36.21 -4.98
C ARG B 442 15.40 -35.13 -4.73
N GLY B 443 15.28 -34.16 -5.61
CA GLY B 443 14.28 -33.12 -5.45
C GLY B 443 14.39 -32.07 -6.54
N ALA B 444 13.61 -31.02 -6.37
CA ALA B 444 13.61 -29.88 -7.28
C ALA B 444 13.79 -28.60 -6.49
N ALA B 445 14.63 -27.71 -6.99
CA ALA B 445 14.93 -26.47 -6.32
C ALA B 445 14.79 -25.30 -7.29
N ALA B 446 14.17 -24.24 -6.81
CA ALA B 446 14.01 -23.03 -7.59
C ALA B 446 15.06 -22.03 -7.12
N VAL B 447 15.85 -21.52 -8.06
CA VAL B 447 16.87 -20.51 -7.80
C VAL B 447 16.39 -19.22 -8.47
N VAL B 448 16.15 -18.20 -7.66
CA VAL B 448 15.52 -16.95 -8.09
C VAL B 448 16.26 -15.81 -7.41
N GLY B 449 15.99 -14.60 -7.85
CA GLY B 449 16.46 -13.43 -7.14
C GLY B 449 17.41 -12.59 -7.96
N CYS B 450 17.84 -11.50 -7.34
CA CYS B 450 18.63 -10.47 -7.97
C CYS B 450 20.11 -10.66 -7.70
N ASN B 451 20.90 -9.63 -7.99
CA ASN B 451 22.26 -9.49 -7.50
C ASN B 451 22.23 -8.53 -6.32
N ASN B 452 23.34 -8.43 -5.63
CA ASN B 452 23.46 -7.55 -4.49
C ASN B 452 24.93 -7.25 -4.29
N PRO B 453 25.33 -5.98 -4.20
CA PRO B 453 26.76 -5.68 -4.02
C PRO B 453 27.34 -6.32 -2.77
N LYS B 454 26.50 -6.69 -1.80
CA LYS B 454 27.00 -7.39 -0.62
C LYS B 454 27.57 -8.77 -0.94
N VAL B 455 27.23 -9.35 -2.10
CA VAL B 455 27.74 -10.66 -2.52
C VAL B 455 28.49 -10.47 -3.83
N VAL B 456 29.59 -11.20 -3.99
CA VAL B 456 30.32 -11.22 -5.26
C VAL B 456 29.32 -11.59 -6.36
N GLN B 457 29.17 -10.71 -7.34
CA GLN B 457 28.07 -10.81 -8.28
C GLN B 457 28.08 -12.14 -9.04
N ASP B 458 26.95 -12.85 -8.99
CA ASP B 458 26.69 -14.13 -9.65
C ASP B 458 27.41 -15.30 -8.99
N SER B 459 28.27 -15.03 -8.00
CA SER B 459 29.00 -16.12 -7.36
C SER B 459 28.05 -17.07 -6.64
N ALA B 460 27.18 -16.52 -5.80
CA ALA B 460 26.28 -17.35 -5.00
C ALA B 460 25.31 -18.10 -5.90
N HIS B 461 24.75 -17.44 -6.92
CA HIS B 461 23.86 -18.14 -7.85
C HIS B 461 24.55 -19.37 -8.45
N ILE B 462 25.73 -19.17 -9.02
CA ILE B 462 26.41 -20.26 -9.73
C ILE B 462 26.80 -21.37 -8.76
N GLU B 463 27.37 -21.01 -7.61
CA GLU B 463 27.78 -22.04 -6.66
C GLU B 463 26.58 -22.82 -6.16
N THR B 464 25.48 -22.15 -5.83
CA THR B 464 24.30 -22.85 -5.38
C THR B 464 23.75 -23.79 -6.45
N ILE B 465 23.67 -23.31 -7.70
CA ILE B 465 23.10 -24.13 -8.78
C ILE B 465 23.98 -25.35 -9.04
N LYS B 466 25.30 -25.17 -9.11
CA LYS B 466 26.21 -26.27 -9.38
C LYS B 466 26.15 -27.30 -8.24
N GLY B 467 26.13 -26.84 -7.00
CA GLY B 467 26.01 -27.77 -5.90
C GLY B 467 24.72 -28.56 -5.96
N LEU B 468 23.60 -27.89 -6.24
CA LEU B 468 22.31 -28.57 -6.28
C LEU B 468 22.27 -29.63 -7.39
N ILE B 469 22.72 -29.28 -8.60
CA ILE B 469 22.63 -30.25 -9.69
C ILE B 469 23.64 -31.38 -9.49
N LYS B 470 24.77 -31.09 -8.85
CA LYS B 470 25.70 -32.17 -8.51
C LYS B 470 25.06 -33.17 -7.54
N ASN B 471 24.16 -32.72 -6.67
CA ASN B 471 23.46 -33.59 -5.72
C ASN B 471 22.16 -34.17 -6.28
N ASP B 472 22.04 -34.27 -7.61
CA ASP B 472 20.86 -34.81 -8.28
C ASP B 472 19.58 -34.09 -7.85
N VAL B 473 19.67 -32.77 -7.72
CA VAL B 473 18.51 -31.93 -7.53
C VAL B 473 18.34 -31.13 -8.81
N ILE B 474 17.21 -31.32 -9.48
CA ILE B 474 16.94 -30.56 -10.70
C ILE B 474 16.60 -29.12 -10.31
N VAL B 475 17.11 -28.17 -11.08
CA VAL B 475 17.02 -26.75 -10.75
C VAL B 475 16.20 -26.04 -11.83
N VAL B 476 15.23 -25.25 -11.38
CA VAL B 476 14.53 -24.30 -12.23
C VAL B 476 14.93 -22.90 -11.81
N VAL B 477 15.18 -22.03 -12.79
CA VAL B 477 15.73 -20.71 -12.52
C VAL B 477 14.83 -19.63 -13.13
N THR B 478 14.76 -18.50 -12.46
CA THR B 478 14.05 -17.32 -12.97
C THR B 478 14.88 -16.07 -12.73
N GLY B 479 14.59 -15.05 -13.53
CA GLY B 479 15.09 -13.71 -13.28
C GLY B 479 16.60 -13.59 -13.46
N CYS B 480 17.20 -12.76 -12.60
CA CYS B 480 18.61 -12.49 -12.70
C CYS B 480 19.45 -13.74 -12.38
N ALA B 481 18.96 -14.62 -11.51
CA ALA B 481 19.63 -15.91 -11.31
C ALA B 481 19.63 -16.73 -12.59
N ALA B 482 18.52 -16.76 -13.30
CA ALA B 482 18.46 -17.47 -14.57
C ALA B 482 19.43 -16.87 -15.56
N GLN B 483 19.55 -15.53 -15.58
CA GLN B 483 20.49 -14.88 -16.49
C GLN B 483 21.94 -15.14 -16.10
N ALA B 484 22.24 -15.24 -14.80
CA ALA B 484 23.57 -15.62 -14.37
C ALA B 484 23.90 -17.04 -14.85
N ALA B 485 22.93 -17.95 -14.73
CA ALA B 485 23.12 -19.30 -15.25
C ALA B 485 23.34 -19.27 -16.77
N ALA B 486 22.60 -18.43 -17.48
CA ALA B 486 22.78 -18.32 -18.92
C ALA B 486 24.17 -17.83 -19.27
N LYS B 487 24.64 -16.78 -18.59
CA LYS B 487 25.98 -16.26 -18.87
C LYS B 487 27.06 -17.28 -18.54
N TYR B 488 26.88 -18.03 -17.45
CA TYR B 488 27.91 -18.99 -17.06
C TYR B 488 27.99 -20.19 -18.00
N GLY B 489 26.88 -20.60 -18.61
CA GLY B 489 26.84 -21.75 -19.48
C GLY B 489 26.09 -22.95 -18.93
N LEU B 490 25.32 -22.78 -17.86
CA LEU B 490 24.56 -23.90 -17.30
C LEU B 490 23.32 -24.26 -18.11
N LEU B 491 22.79 -23.32 -18.88
CA LEU B 491 21.58 -23.52 -19.68
C LEU B 491 21.95 -24.20 -20.99
N GLN B 492 22.63 -25.35 -20.90
CA GLN B 492 23.07 -26.10 -22.07
C GLN B 492 22.88 -27.58 -21.79
N LYS B 493 22.55 -28.32 -22.85
CA LYS B 493 22.41 -29.77 -22.69
C LYS B 493 23.72 -30.40 -22.28
N GLU B 494 24.83 -29.93 -22.86
CA GLU B 494 26.15 -30.42 -22.48
C GLU B 494 26.39 -30.27 -20.97
N ALA B 495 25.85 -29.22 -20.36
CA ALA B 495 26.06 -29.03 -18.92
C ALA B 495 25.62 -30.25 -18.11
N ALA B 496 24.66 -31.02 -18.61
CA ALA B 496 24.22 -32.22 -17.89
C ALA B 496 25.39 -33.15 -17.62
N GLU B 497 26.21 -33.41 -18.63
CA GLU B 497 27.34 -34.31 -18.42
C GLU B 497 28.54 -33.61 -17.77
N LYS B 498 28.50 -32.30 -17.61
CA LYS B 498 29.64 -31.59 -17.04
C LYS B 498 29.47 -31.30 -15.56
N TYR B 499 28.24 -31.13 -15.07
CA TYR B 499 28.02 -30.68 -13.71
C TYR B 499 27.07 -31.57 -12.91
N ALA B 500 26.12 -32.22 -13.58
CA ALA B 500 25.07 -32.94 -12.88
C ALA B 500 25.57 -34.25 -12.30
N GLY B 501 24.89 -34.71 -11.26
CA GLY B 501 25.15 -36.01 -10.69
C GLY B 501 24.57 -37.11 -11.58
N PRO B 502 24.76 -38.36 -11.16
CA PRO B 502 24.36 -39.48 -12.03
C PRO B 502 22.88 -39.52 -12.34
N GLY B 503 22.02 -39.39 -11.33
CA GLY B 503 20.58 -39.46 -11.58
C GLY B 503 20.08 -38.32 -12.44
N LEU B 504 20.52 -37.10 -12.15
CA LEU B 504 20.10 -35.95 -12.96
C LEU B 504 20.67 -36.04 -14.37
N ALA B 505 21.91 -36.52 -14.53
CA ALA B 505 22.47 -36.70 -15.86
C ALA B 505 21.66 -37.71 -16.66
N THR B 506 21.27 -38.82 -16.02
CA THR B 506 20.42 -39.79 -16.70
C THR B 506 19.08 -39.17 -17.08
N VAL B 507 18.46 -38.41 -16.17
CA VAL B 507 17.17 -37.79 -16.48
C VAL B 507 17.31 -36.81 -17.64
N CYS B 508 18.38 -36.00 -17.63
CA CYS B 508 18.58 -35.04 -18.70
C CYS B 508 18.80 -35.74 -20.03
N LYS B 509 19.56 -36.83 -20.03
CA LYS B 509 19.76 -37.56 -21.27
C LYS B 509 18.45 -38.16 -21.78
N LEU B 510 17.64 -38.73 -20.88
CA LEU B 510 16.39 -39.36 -21.30
C LEU B 510 15.39 -38.33 -21.83
N VAL B 511 15.26 -37.19 -21.14
CA VAL B 511 14.28 -36.18 -21.53
C VAL B 511 14.86 -35.17 -22.52
N ASP B 512 16.18 -35.16 -22.72
CA ASP B 512 16.83 -34.22 -23.63
C ASP B 512 16.59 -32.76 -23.19
N ILE B 513 16.96 -32.50 -21.94
CA ILE B 513 16.84 -31.15 -21.38
C ILE B 513 18.15 -30.81 -20.68
N PRO B 514 18.44 -29.51 -20.53
CA PRO B 514 19.56 -29.13 -19.68
C PRO B 514 19.23 -29.42 -18.22
N PRO B 515 20.23 -29.58 -17.37
CA PRO B 515 19.96 -29.78 -15.92
C PRO B 515 19.33 -28.56 -15.24
N VAL B 516 19.41 -27.38 -15.85
CA VAL B 516 18.87 -26.14 -15.28
C VAL B 516 17.84 -25.62 -16.27
N LEU B 517 16.62 -25.43 -15.81
CA LEU B 517 15.50 -25.06 -16.67
C LEU B 517 15.12 -23.60 -16.43
N HIS B 518 15.28 -22.77 -17.45
CA HIS B 518 14.93 -21.36 -17.34
C HIS B 518 13.42 -21.20 -17.54
N MET B 519 12.70 -20.90 -16.47
CA MET B 519 11.25 -20.80 -16.52
C MET B 519 10.73 -19.38 -16.71
N GLY B 520 11.60 -18.39 -16.90
CA GLY B 520 11.19 -17.07 -17.32
C GLY B 520 11.56 -15.98 -16.31
N SER B 521 10.70 -14.97 -16.23
CA SER B 521 10.95 -13.78 -15.42
C SER B 521 10.52 -14.02 -13.97
N CYS B 522 10.55 -12.96 -13.17
CA CYS B 522 10.18 -13.08 -11.75
C CYS B 522 8.70 -13.42 -11.58
N VAL B 523 7.82 -12.80 -12.37
CA VAL B 523 6.40 -13.16 -12.30
C VAL B 523 6.21 -14.62 -12.72
N ASP B 524 7.07 -15.12 -13.61
CA ASP B 524 7.02 -16.52 -14.03
C ASP B 524 7.39 -17.49 -12.92
N ILE B 525 7.80 -16.99 -11.75
CA ILE B 525 7.90 -17.87 -10.59
C ILE B 525 6.54 -18.50 -10.32
N SER B 526 5.45 -17.83 -10.71
CA SER B 526 4.13 -18.47 -10.60
C SER B 526 4.12 -19.81 -11.33
N ARG B 527 4.74 -19.89 -12.51
CA ARG B 527 4.85 -21.18 -13.21
C ARG B 527 5.41 -22.25 -12.29
N ILE B 528 6.49 -21.92 -11.55
CA ILE B 528 7.08 -22.88 -10.63
C ILE B 528 6.02 -23.37 -9.64
N LEU B 529 5.30 -22.42 -9.03
CA LEU B 529 4.20 -22.79 -8.15
C LEU B 529 3.26 -23.75 -8.87
N ASP B 530 2.84 -23.36 -10.08
CA ASP B 530 1.96 -24.22 -10.86
C ASP B 530 2.54 -25.63 -10.96
N LEU B 531 3.80 -25.73 -11.39
CA LEU B 531 4.44 -27.03 -11.53
C LEU B 531 4.37 -27.81 -10.22
N VAL B 532 4.83 -27.20 -9.13
CA VAL B 532 4.83 -27.91 -7.86
C VAL B 532 3.42 -28.35 -7.51
N GLY B 533 2.46 -27.45 -7.68
CA GLY B 533 1.08 -27.79 -7.37
C GLY B 533 0.63 -29.01 -8.12
N ARG B 534 0.92 -29.06 -9.43
CA ARG B 534 0.49 -30.21 -10.22
C ARG B 534 1.10 -31.48 -9.64
N VAL B 535 2.40 -31.45 -9.33
CA VAL B 535 3.04 -32.63 -8.76
C VAL B 535 2.32 -33.03 -7.47
N ALA B 536 2.05 -32.05 -6.62
CA ALA B 536 1.36 -32.36 -5.37
C ALA B 536 -0.01 -32.96 -5.65
N ASN B 537 -0.75 -32.36 -6.59
CA ASN B 537 -2.07 -32.87 -6.91
C ASN B 537 -1.99 -34.26 -7.53
N LEU B 538 -0.88 -34.59 -8.18
CA LEU B 538 -0.76 -35.93 -8.74
C LEU B 538 -0.46 -36.94 -7.65
N LEU B 539 0.19 -36.52 -6.58
CA LEU B 539 0.56 -37.43 -5.52
C LEU B 539 -0.44 -37.40 -4.37
N GLY B 540 -1.46 -36.55 -4.43
CA GLY B 540 -2.43 -36.48 -3.37
C GLY B 540 -1.88 -36.01 -2.04
N VAL B 541 -0.92 -35.08 -2.06
CA VAL B 541 -0.31 -34.53 -0.87
C VAL B 541 -0.26 -33.01 -0.98
N ASP B 542 0.03 -32.36 0.14
CA ASP B 542 0.24 -30.94 0.15
C ASP B 542 1.64 -30.62 -0.35
N MET B 543 1.82 -29.37 -0.80
CA MET B 543 3.10 -28.96 -1.34
C MET B 543 4.21 -28.96 -0.29
N SER B 544 3.86 -28.92 0.99
CA SER B 544 4.84 -28.99 2.07
C SER B 544 5.36 -30.40 2.31
N ASP B 545 4.75 -31.42 1.72
CA ASP B 545 5.22 -32.79 1.84
C ASP B 545 6.27 -33.17 0.79
N LEU B 546 6.51 -32.33 -0.20
CA LEU B 546 7.40 -32.65 -1.30
C LEU B 546 8.84 -32.23 -1.00
N PRO B 547 9.83 -32.94 -1.58
CA PRO B 547 11.24 -32.53 -1.44
C PRO B 547 11.59 -31.41 -2.42
N VAL B 548 11.06 -30.22 -2.15
CA VAL B 548 11.26 -29.05 -2.99
C VAL B 548 11.77 -27.91 -2.12
N ALA B 549 12.42 -26.94 -2.77
CA ALA B 549 12.94 -25.80 -2.03
C ALA B 549 13.09 -24.63 -2.98
N GLY B 550 13.18 -23.44 -2.41
CA GLY B 550 13.49 -22.25 -3.17
C GLY B 550 14.69 -21.56 -2.54
N VAL B 551 15.50 -20.96 -3.41
CA VAL B 551 16.72 -20.26 -3.00
C VAL B 551 16.75 -18.88 -3.63
N ALA B 552 17.13 -17.88 -2.85
CA ALA B 552 17.35 -16.52 -3.33
C ALA B 552 18.76 -16.13 -2.90
N PRO B 553 19.79 -16.61 -3.60
CA PRO B 553 21.17 -16.43 -3.11
C PRO B 553 21.61 -14.97 -2.99
N GLU B 554 21.15 -14.07 -3.86
CA GLU B 554 21.69 -12.70 -3.94
C GLU B 554 20.56 -11.67 -4.07
N TRP B 555 19.45 -11.87 -3.38
CA TRP B 555 18.28 -11.00 -3.56
C TRP B 555 18.51 -9.59 -3.00
N MET B 556 17.83 -8.62 -3.61
CA MET B 556 17.91 -7.24 -3.14
C MET B 556 16.55 -6.55 -2.99
N SER B 557 15.57 -6.93 -3.81
CA SER B 557 14.35 -6.15 -3.97
C SER B 557 13.28 -6.54 -2.96
N GLU B 558 12.35 -5.61 -2.74
CA GLU B 558 11.15 -5.92 -1.96
C GLU B 558 10.33 -7.01 -2.64
N LYS B 559 10.34 -7.04 -3.97
CA LYS B 559 9.69 -8.12 -4.70
C LYS B 559 10.25 -9.47 -4.29
N ALA B 560 11.56 -9.57 -4.09
CA ALA B 560 12.16 -10.82 -3.64
C ALA B 560 11.63 -11.23 -2.27
N VAL B 561 11.43 -10.25 -1.37
CA VAL B 561 10.89 -10.53 -0.03
C VAL B 561 9.47 -11.09 -0.16
N ALA B 562 8.65 -10.44 -0.97
CA ALA B 562 7.28 -10.93 -1.16
C ALA B 562 7.29 -12.33 -1.76
N ILE B 563 8.20 -12.59 -2.71
CA ILE B 563 8.29 -13.89 -3.36
C ILE B 563 8.65 -14.97 -2.33
N GLY B 564 9.69 -14.72 -1.55
CA GLY B 564 10.07 -15.69 -0.53
C GLY B 564 8.95 -15.93 0.47
N THR B 565 8.24 -14.87 0.84
CA THR B 565 7.15 -15.02 1.79
C THR B 565 6.05 -15.91 1.23
N TYR B 566 5.63 -15.67 -0.02
CA TYR B 566 4.55 -16.49 -0.54
C TYR B 566 5.02 -17.91 -0.88
N VAL B 567 6.29 -18.09 -1.22
CA VAL B 567 6.81 -19.44 -1.45
C VAL B 567 6.79 -20.24 -0.15
N VAL B 568 7.22 -19.63 0.96
CA VAL B 568 7.14 -20.30 2.26
C VAL B 568 5.68 -20.54 2.65
N THR B 569 4.81 -19.55 2.44
CA THR B 569 3.40 -19.70 2.81
C THR B 569 2.73 -20.80 2.01
N SER B 570 3.15 -21.00 0.76
CA SER B 570 2.64 -22.10 -0.05
C SER B 570 3.13 -23.47 0.42
N GLY B 571 4.12 -23.52 1.29
CA GLY B 571 4.64 -24.76 1.83
C GLY B 571 5.98 -25.20 1.27
N ILE B 572 6.82 -24.26 0.85
CA ILE B 572 8.12 -24.56 0.25
C ILE B 572 9.19 -23.83 1.04
N ASP B 573 10.11 -24.58 1.63
CA ASP B 573 11.22 -24.00 2.38
C ASP B 573 12.05 -23.11 1.48
N THR B 574 12.46 -21.95 2.02
CA THR B 574 13.19 -20.96 1.25
C THR B 574 14.49 -20.58 1.96
N TRP B 575 15.59 -20.63 1.22
CA TRP B 575 16.89 -20.20 1.68
C TRP B 575 17.18 -18.80 1.15
N LEU B 576 17.63 -17.91 2.02
CA LEU B 576 17.99 -16.54 1.65
C LEU B 576 19.49 -16.37 1.79
N GLY B 577 20.16 -16.01 0.69
CA GLY B 577 21.58 -15.78 0.71
C GLY B 577 22.00 -14.41 1.22
N VAL B 578 21.04 -13.50 1.40
CA VAL B 578 21.27 -12.18 1.97
C VAL B 578 20.34 -12.03 3.17
N ALA B 579 20.90 -11.68 4.31
CA ALA B 579 20.08 -11.55 5.52
C ALA B 579 19.08 -10.41 5.37
N PRO B 580 17.79 -10.65 5.62
CA PRO B 580 16.83 -9.54 5.65
C PRO B 580 16.94 -8.78 6.96
N PRO B 581 16.55 -7.50 7.00
CA PRO B 581 16.70 -6.70 8.23
C PRO B 581 15.74 -7.11 9.35
N VAL B 582 15.96 -8.29 9.93
CA VAL B 582 15.12 -8.81 11.01
C VAL B 582 15.92 -9.27 12.22
N THR B 583 17.26 -9.23 12.18
CA THR B 583 18.05 -9.76 13.29
C THR B 583 17.83 -8.97 14.57
N GLY B 584 17.36 -7.73 14.48
CA GLY B 584 17.09 -6.96 15.68
C GLY B 584 15.89 -7.43 16.47
N GLY B 585 14.95 -8.14 15.85
CA GLY B 585 13.79 -8.67 16.54
C GLY B 585 13.87 -10.18 16.73
N PRO B 586 14.20 -10.62 17.93
CA PRO B 586 14.34 -12.07 18.17
C PRO B 586 13.06 -12.84 17.90
N GLU B 587 11.91 -12.27 18.24
CA GLU B 587 10.64 -12.94 17.99
C GLU B 587 10.38 -13.10 16.51
N VAL B 588 10.70 -12.09 15.69
CA VAL B 588 10.49 -12.19 14.25
C VAL B 588 11.41 -13.25 13.64
N VAL B 589 12.66 -13.29 14.10
CA VAL B 589 13.58 -14.33 13.63
C VAL B 589 13.03 -15.71 13.98
N ASP B 590 12.54 -15.87 15.21
CA ASP B 590 11.99 -17.15 15.64
C ASP B 590 10.75 -17.53 14.83
N ILE B 591 9.89 -16.56 14.51
CA ILE B 591 8.71 -16.83 13.70
C ILE B 591 9.13 -17.30 12.30
N LEU B 592 10.01 -16.54 11.66
CA LEU B 592 10.36 -16.80 10.26
C LEU B 592 11.15 -18.09 10.10
N THR B 593 12.03 -18.41 11.04
CA THR B 593 12.92 -19.54 10.87
C THR B 593 12.52 -20.75 11.68
N ASN B 594 11.69 -20.60 12.71
CA ASN B 594 11.26 -21.75 13.50
C ASN B 594 9.75 -21.95 13.50
N LYS B 595 8.95 -20.94 13.89
CA LYS B 595 7.53 -21.15 14.13
C LYS B 595 6.71 -21.25 12.85
N MET B 596 7.26 -20.79 11.72
CA MET B 596 6.53 -20.85 10.47
C MET B 596 6.25 -22.30 10.07
N GLU B 597 7.13 -23.23 10.44
CA GLU B 597 6.93 -24.61 10.05
C GLU B 597 5.67 -25.19 10.70
N ASP B 598 5.37 -24.78 11.92
CA ASP B 598 4.13 -25.21 12.55
C ASP B 598 2.91 -24.65 11.82
N TRP B 599 3.02 -23.45 11.26
CA TRP B 599 1.87 -22.83 10.60
C TRP B 599 1.62 -23.40 9.21
N VAL B 600 2.63 -23.37 8.33
CA VAL B 600 2.42 -23.68 6.92
C VAL B 600 3.30 -24.83 6.44
N GLY B 601 4.03 -25.48 7.34
CA GLY B 601 4.86 -26.61 7.01
C GLY B 601 6.18 -26.28 6.35
N ALA B 602 6.50 -25.00 6.18
CA ALA B 602 7.77 -24.57 5.63
C ALA B 602 8.28 -23.39 6.45
N LYS B 603 9.52 -22.98 6.18
CA LYS B 603 10.14 -21.90 6.94
C LYS B 603 11.31 -21.31 6.16
N PHE B 604 11.77 -20.14 6.62
CA PHE B 604 12.93 -19.49 6.02
C PHE B 604 14.22 -20.08 6.60
N PHE B 605 15.23 -20.14 5.76
CA PHE B 605 16.60 -20.48 6.15
C PHE B 605 17.49 -19.33 5.70
N ILE B 606 18.25 -18.76 6.62
CA ILE B 606 19.20 -17.69 6.31
C ILE B 606 20.60 -18.29 6.30
N GLU B 607 21.22 -18.28 5.13
CA GLU B 607 22.55 -18.88 4.96
C GLU B 607 23.29 -18.12 3.87
N THR B 608 24.36 -17.45 4.26
CA THR B 608 25.18 -16.64 3.35
C THR B 608 26.32 -17.43 2.69
N ASP B 609 26.54 -18.67 3.10
CA ASP B 609 27.55 -19.52 2.50
C ASP B 609 26.86 -20.44 1.51
N PRO B 610 27.09 -20.32 0.20
CA PRO B 610 26.32 -21.16 -0.75
C PRO B 610 26.54 -22.66 -0.56
N HIS B 611 27.77 -23.10 -0.26
CA HIS B 611 28.02 -24.52 -0.05
C HIS B 611 27.24 -25.06 1.15
N LYS B 612 27.23 -24.31 2.25
CA LYS B 612 26.45 -24.70 3.40
C LYS B 612 24.96 -24.72 3.07
N ALA B 613 24.50 -23.75 2.27
CA ALA B 613 23.11 -23.73 1.85
C ALA B 613 22.75 -24.98 1.06
N VAL B 614 23.63 -25.41 0.15
CA VAL B 614 23.37 -26.62 -0.61
C VAL B 614 23.29 -27.82 0.32
N GLU B 615 24.22 -27.91 1.27
CA GLU B 615 24.17 -29.02 2.23
C GLU B 615 22.86 -29.02 3.01
N GLN B 616 22.45 -27.85 3.50
CA GLN B 616 21.21 -27.76 4.27
C GLN B 616 19.99 -28.11 3.41
N ILE B 617 19.99 -27.67 2.15
CA ILE B 617 18.88 -27.99 1.26
C ILE B 617 18.78 -29.49 1.04
N VAL B 618 19.91 -30.15 0.82
CA VAL B 618 19.92 -31.60 0.60
C VAL B 618 19.43 -32.32 1.86
N ASN B 619 19.89 -31.89 3.04
CA ASN B 619 19.43 -32.54 4.27
C ASN B 619 17.94 -32.36 4.50
N ARG B 620 17.42 -31.16 4.26
CA ARG B 620 16.01 -30.90 4.44
C ARG B 620 15.18 -31.72 3.44
N MET B 621 15.62 -31.80 2.20
CA MET B 621 14.92 -32.61 1.21
C MET B 621 14.92 -34.08 1.60
N ASN B 622 16.04 -34.58 2.12
CA ASN B 622 16.10 -35.98 2.53
C ASN B 622 15.15 -36.24 3.69
N GLU B 623 15.09 -35.33 4.67
CA GLU B 623 14.20 -35.56 5.80
C GLU B 623 12.73 -35.47 5.37
N LYS B 624 12.39 -34.58 4.43
CA LYS B 624 11.02 -34.56 3.93
C LYS B 624 10.70 -35.83 3.13
N ARG B 625 11.68 -36.35 2.40
CA ARG B 625 11.48 -37.63 1.71
C ARG B 625 11.21 -38.75 2.70
N LYS B 626 11.99 -38.81 3.79
CA LYS B 626 11.78 -39.85 4.79
C LYS B 626 10.42 -39.70 5.46
N LYS B 627 9.97 -38.47 5.66
CA LYS B 627 8.62 -38.25 6.16
C LYS B 627 7.58 -38.78 5.18
N LEU B 628 7.79 -38.53 3.89
CA LEU B 628 6.86 -38.98 2.87
C LEU B 628 6.98 -40.46 2.55
N GLY B 629 8.05 -41.12 3.00
CA GLY B 629 8.24 -42.53 2.72
C GLY B 629 8.93 -42.87 1.42
N ILE B 630 9.37 -41.88 0.66
CA ILE B 630 10.06 -42.13 -0.61
C ILE B 630 11.57 -42.10 -0.41
N LYS C 3 11.52 21.89 29.31
CA LYS C 3 10.25 22.55 28.93
C LYS C 3 9.06 21.87 29.60
N ALA C 4 7.93 22.56 29.64
CA ALA C 4 6.71 21.99 30.18
C ALA C 4 6.20 20.87 29.30
N LYS C 5 5.60 19.86 29.93
CA LYS C 5 5.07 18.73 29.19
C LYS C 5 3.70 19.03 28.59
N SER C 6 2.91 19.90 29.22
CA SER C 6 1.57 20.20 28.72
C SER C 6 1.11 21.52 29.31
N ILE C 7 0.10 22.12 28.67
CA ILE C 7 -0.57 23.28 29.24
C ILE C 7 -1.78 22.91 30.07
N ASP C 8 -2.21 21.64 30.04
CA ASP C 8 -3.39 21.19 30.74
C ASP C 8 -3.04 20.80 32.16
N GLN C 9 -3.73 21.39 33.12
CA GLN C 9 -3.40 21.17 34.52
C GLN C 9 -3.70 19.73 34.96
N ALA C 10 -4.80 19.15 34.49
CA ALA C 10 -5.10 17.76 34.83
C ALA C 10 -4.02 16.81 34.29
N THR C 11 -3.54 17.08 33.09
CA THR C 11 -2.42 16.32 32.54
C THR C 11 -1.20 16.41 33.44
N LEU C 12 -0.91 17.61 33.94
CA LEU C 12 0.25 17.81 34.83
C LEU C 12 0.09 17.08 36.15
N GLN C 13 -1.11 17.11 36.74
CA GLN C 13 -1.32 16.38 37.99
C GLN C 13 -1.12 14.88 37.78
N LEU C 14 -1.64 14.34 36.69
CA LEU C 14 -1.47 12.91 36.42
C LEU C 14 -0.03 12.57 36.05
N LEU C 15 0.72 13.48 35.44
CA LEU C 15 2.13 13.23 35.20
C LEU C 15 2.89 13.16 36.52
N ASP C 16 2.56 14.02 37.47
CA ASP C 16 3.14 13.90 38.80
C ASP C 16 2.78 12.54 39.42
N LYS C 17 1.53 12.12 39.28
CA LYS C 17 1.12 10.82 39.82
C LYS C 17 1.89 9.68 39.14
N ALA C 18 2.07 9.75 37.83
CA ALA C 18 2.80 8.70 37.11
C ALA C 18 4.24 8.64 37.56
N LYS C 19 4.84 9.80 37.83
CA LYS C 19 6.18 9.81 38.41
C LYS C 19 6.19 9.16 39.78
N GLN C 20 5.19 9.44 40.62
CA GLN C 20 5.13 8.81 41.94
C GLN C 20 4.90 7.31 41.85
N ASP C 21 4.17 6.86 40.85
CA ASP C 21 3.84 5.45 40.68
C ASP C 21 4.95 4.66 39.99
N GLY C 22 5.99 5.32 39.50
CA GLY C 22 7.06 4.61 38.86
C GLY C 22 6.75 4.07 37.47
N VAL C 23 5.79 4.66 36.77
CA VAL C 23 5.46 4.23 35.42
C VAL C 23 5.96 5.28 34.44
N GLU C 24 6.26 4.84 33.23
CA GLU C 24 6.79 5.74 32.21
C GLU C 24 5.72 6.12 31.21
N THR C 25 5.80 7.34 30.73
CA THR C 25 4.85 7.87 29.78
C THR C 25 5.52 8.06 28.42
N VAL C 26 4.74 8.61 27.50
CA VAL C 26 5.26 8.96 26.18
C VAL C 26 6.33 10.05 26.32
N TRP C 27 6.15 10.96 27.27
CA TRP C 27 7.17 11.98 27.51
C TRP C 27 8.48 11.33 27.96
N ASP C 28 8.41 10.35 28.86
CA ASP C 28 9.63 9.67 29.32
C ASP C 28 10.33 8.94 28.17
N ARG C 29 9.57 8.27 27.31
CA ARG C 29 10.17 7.57 26.18
C ARG C 29 10.77 8.57 25.18
N LYS C 30 10.11 9.70 24.97
CA LYS C 30 10.69 10.73 24.13
C LYS C 30 12.01 11.23 24.70
N ALA C 31 12.08 11.43 26.01
CA ALA C 31 13.34 11.82 26.63
C ALA C 31 14.40 10.73 26.46
N ASP C 32 14.02 9.47 26.62
CA ASP C 32 14.97 8.37 26.46
C ASP C 32 15.51 8.30 25.04
N MET C 33 14.70 8.66 24.05
CA MET C 33 15.18 8.63 22.68
C MET C 33 16.26 9.67 22.44
N LYS C 34 16.35 10.71 23.28
CA LYS C 34 17.37 11.75 23.16
C LYS C 34 17.41 12.36 21.76
N VAL C 35 18.61 12.68 21.27
CA VAL C 35 18.75 13.30 19.95
C VAL C 35 18.40 12.27 18.89
N GLN C 36 17.33 12.52 18.16
CA GLN C 36 16.89 11.58 17.14
C GLN C 36 17.77 11.68 15.89
N CYS C 37 17.80 10.59 15.12
CA CYS C 37 18.73 10.49 14.01
C CYS C 37 18.49 11.62 13.00
N GLY C 38 19.57 12.32 12.66
CA GLY C 38 19.46 13.44 11.73
C GLY C 38 19.06 13.02 10.33
N PHE C 39 19.57 11.88 9.86
CA PHE C 39 19.24 11.41 8.50
C PHE C 39 17.76 11.11 8.39
N GLY C 40 17.20 10.37 9.35
CA GLY C 40 15.78 10.08 9.34
C GLY C 40 14.93 11.32 9.53
N SER C 41 15.40 12.25 10.36
CA SER C 41 14.65 13.49 10.59
C SER C 41 14.57 14.31 9.31
N ALA C 42 15.64 14.33 8.51
CA ALA C 42 15.65 15.06 7.25
C ALA C 42 15.05 14.28 6.09
N GLY C 43 14.78 12.98 6.27
CA GLY C 43 14.22 12.15 5.22
C GLY C 43 15.20 11.67 4.18
N VAL C 44 16.51 11.74 4.45
CA VAL C 44 17.54 11.35 3.50
C VAL C 44 18.05 9.92 3.76
N CYS C 45 17.36 9.16 4.60
CA CYS C 45 17.68 7.75 4.79
C CYS C 45 16.71 6.92 3.98
N CYS C 46 17.22 5.88 3.33
CA CYS C 46 16.39 4.98 2.54
C CYS C 46 16.64 3.54 2.96
N ARG C 47 15.57 2.77 3.02
CA ARG C 47 15.67 1.34 3.31
C ARG C 47 14.77 0.54 2.38
N ASN C 48 14.50 1.05 1.18
CA ASN C 48 13.56 0.42 0.29
C ASN C 48 14.07 -0.88 -0.35
N CYS C 49 15.36 -1.20 -0.23
CA CYS C 49 15.87 -2.48 -0.72
C CYS C 49 17.02 -2.92 0.16
N SER C 50 17.38 -4.20 0.05
CA SER C 50 18.41 -4.76 0.91
C SER C 50 19.82 -4.49 0.41
N MET C 51 19.99 -3.78 -0.70
CA MET C 51 21.30 -3.17 -0.97
C MET C 51 21.62 -2.16 0.12
N GLY C 52 20.60 -1.41 0.58
CA GLY C 52 20.76 -0.49 1.67
C GLY C 52 20.96 -1.15 3.03
N PRO C 53 20.80 -0.39 4.11
CA PRO C 53 20.31 1.00 4.20
C PRO C 53 21.26 2.04 3.59
N CYS C 54 20.71 3.05 2.92
CA CYS C 54 21.49 4.14 2.33
C CYS C 54 21.08 5.44 3.00
N ARG C 55 22.08 6.23 3.36
CA ARG C 55 21.88 7.58 3.86
C ARG C 55 22.74 8.52 3.05
N VAL C 56 22.11 9.57 2.54
CA VAL C 56 22.80 10.59 1.79
C VAL C 56 22.78 11.88 2.61
N SER C 57 23.66 12.79 2.23
CA SER C 57 23.81 14.01 3.00
C SER C 57 22.56 14.88 2.90
N PRO C 58 22.03 15.38 4.02
CA PRO C 58 20.96 16.39 3.94
C PRO C 58 21.43 17.73 3.43
N VAL C 59 22.73 17.97 3.34
CA VAL C 59 23.30 19.21 2.85
C VAL C 59 23.82 18.96 1.43
N PRO C 60 23.23 19.54 0.39
CA PRO C 60 23.73 19.30 -0.97
C PRO C 60 25.15 19.81 -1.14
N GLY C 61 25.91 19.08 -1.95
CA GLY C 61 27.29 19.42 -2.25
C GLY C 61 28.31 18.91 -1.27
N LYS C 62 27.89 18.23 -0.21
CA LYS C 62 28.76 17.71 0.83
C LYS C 62 28.44 16.23 1.04
N GLY C 63 29.48 15.44 1.33
CA GLY C 63 29.27 14.07 1.72
C GLY C 63 28.75 13.17 0.61
N VAL C 64 28.15 12.05 1.03
CA VAL C 64 27.59 11.10 0.08
C VAL C 64 26.35 11.71 -0.56
N GLU C 65 26.29 11.65 -1.89
CA GLU C 65 25.22 12.28 -2.65
C GLU C 65 24.12 11.32 -3.06
N ARG C 66 24.47 10.08 -3.41
CA ARG C 66 23.49 9.15 -3.94
C ARG C 66 23.50 7.84 -3.16
N GLY C 67 22.35 7.19 -3.13
CA GLY C 67 22.26 5.84 -2.63
C GLY C 67 22.97 4.88 -3.56
N ILE C 68 22.96 3.60 -3.16
CA ILE C 68 23.70 2.60 -3.91
C ILE C 68 23.14 2.44 -5.32
N CYS C 69 21.80 2.44 -5.45
CA CYS C 69 21.15 2.38 -6.76
C CYS C 69 21.33 3.64 -7.59
N GLY C 70 21.84 4.72 -7.00
CA GLY C 70 21.99 6.01 -7.63
C GLY C 70 20.94 7.04 -7.27
N ALA C 71 20.01 6.74 -6.37
CA ALA C 71 18.95 7.68 -6.02
C ALA C 71 19.48 8.88 -5.27
N THR C 72 19.06 10.07 -5.66
CA THR C 72 19.47 11.32 -5.03
C THR C 72 18.69 11.57 -3.75
N ALA C 73 19.09 12.62 -3.04
CA ALA C 73 18.37 13.00 -1.83
C ALA C 73 16.93 13.36 -2.14
N ASP C 74 16.70 14.08 -3.25
CA ASP C 74 15.32 14.42 -3.60
C ASP C 74 14.48 13.18 -3.86
N VAL C 75 15.05 12.18 -4.55
CA VAL C 75 14.32 10.94 -4.81
C VAL C 75 13.99 10.22 -3.50
N ILE C 76 14.97 10.13 -2.60
CA ILE C 76 14.76 9.42 -1.34
C ILE C 76 13.69 10.12 -0.50
N VAL C 77 13.78 11.46 -0.43
CA VAL C 77 12.81 12.25 0.32
C VAL C 77 11.42 12.09 -0.28
N SER C 78 11.31 12.20 -1.61
CA SER C 78 10.00 12.13 -2.25
C SER C 78 9.36 10.78 -2.06
N ARG C 79 10.14 9.69 -2.17
CA ARG C 79 9.59 8.37 -1.96
C ARG C 79 9.13 8.17 -0.52
N ASN C 80 9.93 8.63 0.46
CA ASN C 80 9.52 8.53 1.85
C ASN C 80 8.21 9.29 2.11
N PHE C 81 8.10 10.51 1.56
CA PHE C 81 6.87 11.29 1.72
C PHE C 81 5.68 10.57 1.09
N ALA C 82 5.86 10.03 -0.11
CA ALA C 82 4.78 9.33 -0.79
C ALA C 82 4.32 8.12 0.01
N ARG C 83 5.26 7.40 0.63
CA ARG C 83 4.87 6.24 1.44
C ARG C 83 4.12 6.67 2.69
N MET C 84 4.50 7.81 3.28
CA MET C 84 3.69 8.31 4.40
C MET C 84 2.27 8.60 3.96
N VAL C 85 2.11 9.24 2.79
CA VAL C 85 0.78 9.53 2.27
C VAL C 85 0.00 8.24 2.01
N ALA C 86 0.67 7.23 1.44
CA ALA C 86 0.00 5.97 1.15
C ALA C 86 -0.46 5.29 2.43
N ALA C 87 0.36 5.32 3.47
CA ALA C 87 -0.04 4.72 4.74
C ALA C 87 -1.25 5.45 5.36
N GLY C 88 -1.24 6.78 5.35
CA GLY C 88 -2.38 7.52 5.86
C GLY C 88 -3.65 7.25 5.07
N THR C 89 -3.53 7.22 3.75
CA THR C 89 -4.66 6.90 2.89
C THR C 89 -5.18 5.50 3.18
N ALA C 90 -4.28 4.54 3.42
CA ALA C 90 -4.69 3.17 3.73
C ALA C 90 -5.49 3.12 5.02
N ALA C 91 -5.02 3.81 6.07
CA ALA C 91 -5.76 3.80 7.33
C ALA C 91 -7.18 4.35 7.14
N HIS C 92 -7.28 5.52 6.53
CA HIS C 92 -8.61 6.13 6.35
C HIS C 92 -9.50 5.27 5.44
N SER C 93 -8.93 4.70 4.38
CA SER C 93 -9.72 3.90 3.45
C SER C 93 -10.20 2.61 4.07
N ASP C 94 -9.39 1.99 4.93
CA ASP C 94 -9.84 0.80 5.63
C ASP C 94 -10.99 1.13 6.58
N HIS C 95 -10.90 2.26 7.27
CA HIS C 95 -12.02 2.71 8.09
C HIS C 95 -13.31 2.86 7.26
N GLY C 96 -13.22 3.58 6.15
CA GLY C 96 -14.38 3.77 5.30
C GLY C 96 -14.91 2.46 4.71
N ARG C 97 -14.01 1.53 4.39
CA ARG C 97 -14.42 0.23 3.86
C ARG C 97 -15.22 -0.56 4.90
N SER C 98 -14.76 -0.55 6.16
CA SER C 98 -15.54 -1.21 7.20
C SER C 98 -16.92 -0.57 7.33
N ILE C 99 -16.99 0.76 7.27
CA ILE C 99 -18.30 1.42 7.36
C ILE C 99 -19.19 1.01 6.18
N ALA C 100 -18.63 0.95 4.97
CA ALA C 100 -19.44 0.58 3.81
C ALA C 100 -19.94 -0.86 3.92
N LEU C 101 -19.10 -1.76 4.41
CA LEU C 101 -19.55 -3.14 4.62
C LEU C 101 -20.66 -3.20 5.66
N SER C 102 -20.53 -2.43 6.74
CA SER C 102 -21.59 -2.37 7.74
C SER C 102 -22.89 -1.86 7.13
N LEU C 103 -22.80 -0.84 6.27
CA LEU C 103 -23.99 -0.36 5.57
C LEU C 103 -24.60 -1.46 4.70
N TYR C 104 -23.76 -2.23 4.00
CA TYR C 104 -24.28 -3.32 3.18
C TYR C 104 -25.03 -4.36 4.00
N HIS C 105 -24.66 -4.55 5.26
CA HIS C 105 -25.29 -5.52 6.14
C HIS C 105 -26.37 -4.92 7.04
N THR C 106 -27.00 -3.84 6.63
CA THR C 106 -28.07 -3.24 7.42
C THR C 106 -29.39 -3.95 7.14
N SER C 107 -30.24 -4.01 8.16
CA SER C 107 -31.56 -4.60 8.01
C SER C 107 -32.52 -3.93 8.98
N LYS C 108 -33.81 -4.08 8.69
CA LYS C 108 -34.84 -3.48 9.51
C LYS C 108 -34.82 -4.05 10.92
N ASP C 109 -34.68 -5.36 11.07
CA ASP C 109 -34.74 -6.01 12.37
C ASP C 109 -33.36 -6.38 12.91
N GLY C 110 -32.28 -5.88 12.30
CA GLY C 110 -30.95 -6.20 12.75
C GLY C 110 -30.40 -5.21 13.76
N ASP C 111 -29.16 -5.46 14.19
CA ASP C 111 -28.50 -4.56 15.12
C ASP C 111 -28.15 -3.23 14.47
N ILE C 112 -27.84 -3.24 13.18
CA ILE C 112 -27.45 -2.06 12.43
C ILE C 112 -28.59 -1.70 11.49
N LYS C 113 -29.18 -0.54 11.70
CA LYS C 113 -30.33 -0.06 10.93
C LYS C 113 -29.94 1.24 10.20
N VAL C 114 -30.93 1.80 9.50
CA VAL C 114 -30.81 3.11 8.87
C VAL C 114 -31.55 4.10 9.77
N LYS C 115 -30.82 5.07 10.33
CA LYS C 115 -31.45 6.01 11.24
C LYS C 115 -31.74 7.36 10.60
N ASP C 116 -31.11 7.67 9.47
CA ASP C 116 -31.32 8.94 8.76
C ASP C 116 -31.66 8.61 7.30
N GLU C 117 -32.95 8.43 7.03
CA GLU C 117 -33.38 8.06 5.68
C GLU C 117 -33.21 9.20 4.69
N ASN C 118 -33.41 10.44 5.13
CA ASN C 118 -33.22 11.58 4.23
C ASN C 118 -31.77 11.67 3.77
N LYS C 119 -30.82 11.51 4.70
CA LYS C 119 -29.42 11.52 4.32
C LYS C 119 -29.10 10.37 3.37
N LEU C 120 -29.67 9.19 3.61
CA LEU C 120 -29.45 8.07 2.71
C LEU C 120 -29.99 8.37 1.31
N LYS C 121 -31.17 8.99 1.22
CA LYS C 121 -31.71 9.30 -0.08
C LYS C 121 -30.87 10.34 -0.81
N GLU C 122 -30.36 11.34 -0.09
CA GLU C 122 -29.46 12.30 -0.74
C GLU C 122 -28.17 11.65 -1.21
N VAL C 123 -27.58 10.76 -0.41
CA VAL C 123 -26.38 10.05 -0.81
C VAL C 123 -26.66 9.16 -2.03
N ALA C 124 -27.83 8.51 -2.05
CA ALA C 124 -28.22 7.68 -3.18
C ALA C 124 -28.35 8.51 -4.45
N LYS C 125 -28.89 9.73 -4.32
CA LYS C 125 -28.88 10.67 -5.44
C LYS C 125 -27.45 10.94 -5.90
N SER C 126 -26.52 11.13 -4.96
CA SER C 126 -25.13 11.37 -5.34
C SER C 126 -24.48 10.15 -6.00
N PHE C 127 -24.97 8.94 -5.72
CA PHE C 127 -24.42 7.73 -6.30
C PHE C 127 -25.28 7.19 -7.45
N ASN C 128 -26.23 7.98 -7.95
CA ASN C 128 -27.10 7.54 -9.05
C ASN C 128 -27.88 6.28 -8.69
N VAL C 129 -28.41 6.23 -7.48
CA VAL C 129 -29.23 5.12 -7.00
C VAL C 129 -30.67 5.63 -6.90
N GLU C 130 -31.58 4.94 -7.57
CA GLU C 130 -32.99 5.31 -7.54
C GLU C 130 -33.56 5.08 -6.15
N THR C 131 -34.45 5.97 -5.72
CA THR C 131 -35.04 5.89 -4.39
C THR C 131 -36.57 5.90 -4.40
N GLU C 132 -37.22 6.42 -5.43
CA GLU C 132 -38.67 6.58 -5.40
C GLU C 132 -39.37 5.23 -5.43
N GLY C 133 -40.30 5.04 -4.48
CA GLY C 133 -41.05 3.80 -4.41
C GLY C 133 -40.21 2.58 -4.18
N ARG C 134 -39.17 2.69 -3.35
CA ARG C 134 -38.26 1.59 -3.08
C ARG C 134 -38.13 1.41 -1.56
N ASP C 135 -37.89 0.17 -1.17
CA ASP C 135 -37.59 -0.14 0.21
C ASP C 135 -36.29 0.53 0.64
N ILE C 136 -36.27 1.04 1.87
CA ILE C 136 -35.14 1.84 2.32
C ILE C 136 -33.87 1.00 2.41
N TYR C 137 -34.00 -0.27 2.81
CA TYR C 137 -32.82 -1.12 2.94
C TYR C 137 -32.30 -1.61 1.60
N ASP C 138 -33.17 -1.76 0.60
CA ASP C 138 -32.68 -2.02 -0.76
C ASP C 138 -31.84 -0.84 -1.25
N ILE C 139 -32.30 0.38 -0.99
CA ILE C 139 -31.52 1.57 -1.33
C ILE C 139 -30.20 1.58 -0.58
N ALA C 140 -30.23 1.25 0.71
CA ALA C 140 -29.00 1.25 1.49
C ALA C 140 -27.99 0.24 0.93
N HIS C 141 -28.48 -0.94 0.56
CA HIS C 141 -27.57 -1.95 0.01
C HIS C 141 -27.00 -1.51 -1.34
N ASP C 142 -27.82 -0.91 -2.20
CA ASP C 142 -27.30 -0.40 -3.47
C ASP C 142 -26.25 0.68 -3.25
N VAL C 143 -26.51 1.59 -2.31
CA VAL C 143 -25.55 2.65 -2.01
C VAL C 143 -24.24 2.05 -1.48
N ALA C 144 -24.34 1.05 -0.61
CA ALA C 144 -23.13 0.40 -0.10
C ALA C 144 -22.36 -0.28 -1.22
N LYS C 145 -23.06 -0.90 -2.18
CA LYS C 145 -22.39 -1.51 -3.32
C LYS C 145 -21.62 -0.48 -4.14
N GLU C 146 -22.24 0.67 -4.41
CA GLU C 146 -21.55 1.72 -5.16
C GLU C 146 -20.33 2.24 -4.40
N GLY C 147 -20.48 2.44 -3.09
CA GLY C 147 -19.37 2.90 -2.28
C GLY C 147 -18.21 1.91 -2.28
N LEU C 148 -18.53 0.61 -2.15
CA LEU C 148 -17.50 -0.42 -2.20
C LEU C 148 -16.82 -0.45 -3.56
N SER C 149 -17.57 -0.27 -4.63
CA SER C 149 -16.96 -0.23 -5.96
C SER C 149 -15.97 0.93 -6.06
N ASN C 150 -16.23 2.03 -5.35
CA ASN C 150 -15.26 3.12 -5.34
C ASN C 150 -13.89 2.65 -4.85
N TYR C 151 -13.84 1.61 -4.01
CA TYR C 151 -12.56 1.18 -3.44
C TYR C 151 -11.73 0.37 -4.43
N GLY C 152 -12.34 -0.44 -5.28
CA GLY C 152 -11.57 -1.40 -6.06
C GLY C 152 -11.94 -1.56 -7.52
N LYS C 153 -12.69 -0.62 -8.09
CA LYS C 153 -13.03 -0.71 -9.51
C LYS C 153 -11.78 -0.53 -10.38
N GLN C 154 -11.65 -1.38 -11.40
CA GLN C 154 -10.52 -1.31 -12.31
C GLN C 154 -10.88 -0.68 -13.66
N LEU C 155 -12.16 -0.61 -13.98
CA LEU C 155 -12.65 0.04 -15.18
C LEU C 155 -13.61 1.15 -14.81
N GLY C 156 -13.57 2.25 -15.56
CA GLY C 156 -14.46 3.36 -15.35
C GLY C 156 -13.94 4.37 -14.36
N GLU C 157 -14.76 5.39 -14.12
CA GLU C 157 -14.42 6.49 -13.23
C GLU C 157 -15.10 6.30 -11.89
N VAL C 158 -14.45 6.80 -10.84
CA VAL C 158 -14.98 6.73 -9.48
C VAL C 158 -16.07 7.78 -9.30
N THR C 159 -16.82 7.69 -8.21
CA THR C 159 -17.90 8.61 -7.91
C THR C 159 -17.47 9.60 -6.83
N LEU C 160 -17.66 10.89 -7.10
CA LEU C 160 -17.22 11.94 -6.19
C LEU C 160 -18.42 12.78 -5.71
N PRO C 161 -18.34 13.37 -4.53
CA PRO C 161 -19.49 14.09 -3.99
C PRO C 161 -19.85 15.29 -4.84
N PRO C 162 -21.13 15.66 -4.90
CA PRO C 162 -21.54 16.83 -5.70
C PRO C 162 -20.98 18.17 -5.20
N SER C 163 -20.52 18.25 -3.95
CA SER C 163 -20.00 19.51 -3.43
C SER C 163 -18.66 19.88 -4.06
N LEU C 164 -17.97 18.94 -4.68
CA LEU C 164 -16.69 19.21 -5.30
C LEU C 164 -16.85 20.04 -6.56
N PRO C 165 -16.25 21.22 -6.66
CA PRO C 165 -16.47 22.07 -7.84
C PRO C 165 -15.98 21.45 -9.14
N GLU C 166 -16.69 21.75 -10.23
CA GLU C 166 -16.29 21.24 -11.53
C GLU C 166 -14.92 21.76 -11.93
N LYS C 167 -14.61 23.00 -11.56
CA LYS C 167 -13.31 23.56 -11.89
C LYS C 167 -12.18 22.77 -11.23
N ARG C 168 -12.37 22.36 -9.97
CA ARG C 168 -11.36 21.57 -9.29
C ARG C 168 -11.17 20.21 -9.96
N LYS C 169 -12.27 19.58 -10.39
CA LYS C 169 -12.15 18.31 -11.12
C LYS C 169 -11.36 18.50 -12.40
N GLU C 170 -11.67 19.55 -13.15
CA GLU C 170 -10.97 19.78 -14.41
C GLU C 170 -9.49 20.08 -14.19
N LEU C 171 -9.18 20.86 -13.15
CA LEU C 171 -7.79 21.11 -12.81
C LEU C 171 -7.05 19.82 -12.47
N TRP C 172 -7.70 18.94 -11.69
CA TRP C 172 -7.09 17.65 -11.38
C TRP C 172 -6.84 16.83 -12.64
N ARG C 173 -7.81 16.79 -13.55
CA ARG C 173 -7.66 16.02 -14.79
C ARG C 173 -6.51 16.57 -15.63
N LYS C 174 -6.40 17.88 -15.75
CA LYS C 174 -5.31 18.46 -16.52
C LYS C 174 -3.98 18.20 -15.85
N LEU C 175 -3.93 18.22 -14.52
CA LEU C 175 -2.67 17.99 -13.83
C LEU C 175 -2.27 16.52 -13.86
N GLY C 176 -3.21 15.60 -14.06
CA GLY C 176 -2.91 14.19 -14.00
C GLY C 176 -3.04 13.54 -12.64
N VAL C 177 -3.76 14.16 -11.70
CA VAL C 177 -3.93 13.64 -10.36
C VAL C 177 -5.38 13.26 -10.08
N TYR C 178 -6.20 13.16 -11.11
CA TYR C 178 -7.60 12.81 -10.91
C TYR C 178 -7.70 11.40 -10.32
N PRO C 179 -8.40 11.24 -9.20
CA PRO C 179 -8.31 9.96 -8.47
C PRO C 179 -8.93 8.79 -9.21
N ARG C 180 -8.35 7.62 -8.95
CA ARG C 180 -8.89 6.31 -9.30
C ARG C 180 -9.36 5.63 -8.02
N ALA C 181 -9.69 4.34 -8.11
CA ALA C 181 -10.11 3.57 -6.94
C ALA C 181 -9.04 3.63 -5.84
N VAL C 182 -9.50 3.69 -4.58
CA VAL C 182 -8.59 4.02 -3.47
C VAL C 182 -7.46 3.00 -3.33
N ASP C 183 -7.80 1.72 -3.25
CA ASP C 183 -6.76 0.70 -3.09
C ASP C 183 -5.82 0.66 -4.29
N ARG C 184 -6.35 0.93 -5.50
CA ARG C 184 -5.51 1.00 -6.68
C ARG C 184 -4.49 2.12 -6.56
N GLU C 185 -4.89 3.27 -6.03
CA GLU C 185 -3.94 4.39 -5.90
C GLU C 185 -2.90 4.10 -4.82
N ILE C 186 -3.31 3.47 -3.72
CA ILE C 186 -2.34 3.05 -2.70
C ILE C 186 -1.32 2.08 -3.30
N ALA C 187 -1.80 1.11 -4.07
CA ALA C 187 -0.91 0.14 -4.70
C ALA C 187 0.01 0.83 -5.69
N ALA C 188 -0.50 1.80 -6.45
CA ALA C 188 0.34 2.52 -7.39
C ALA C 188 1.46 3.27 -6.69
N VAL C 189 1.14 3.95 -5.59
CA VAL C 189 2.19 4.66 -4.84
C VAL C 189 3.23 3.67 -4.32
N MET C 190 2.78 2.55 -3.76
CA MET C 190 3.74 1.57 -3.26
C MET C 190 4.59 0.98 -4.39
N HIS C 191 4.01 0.81 -5.58
CA HIS C 191 4.78 0.30 -6.71
C HIS C 191 5.85 1.29 -7.16
N SER C 192 5.49 2.56 -7.29
CA SER C 192 6.44 3.52 -7.86
C SER C 192 7.58 3.87 -6.91
N THR C 193 7.45 3.61 -5.61
CA THR C 193 8.55 3.80 -4.67
C THR C 193 9.49 2.60 -4.60
N HIS C 194 9.14 1.47 -5.22
CA HIS C 194 10.02 0.31 -5.25
C HIS C 194 11.36 0.65 -5.92
N ILE C 195 12.42 -0.03 -5.49
CA ILE C 195 13.76 0.30 -5.97
C ILE C 195 13.75 0.28 -7.51
N GLY C 196 14.33 1.29 -8.12
CA GLY C 196 14.44 1.29 -9.56
C GLY C 196 13.17 1.60 -10.30
N CYS C 197 12.21 2.30 -9.68
CA CYS C 197 11.05 2.78 -10.40
C CYS C 197 11.12 4.30 -10.58
N ASN C 198 10.25 5.03 -9.88
CA ASN C 198 10.16 6.50 -10.00
C ASN C 198 11.34 7.16 -9.28
N ALA C 199 12.19 7.86 -10.04
CA ALA C 199 13.29 8.67 -9.55
C ALA C 199 13.20 10.12 -10.02
N ASP C 200 12.00 10.70 -9.88
CA ASP C 200 11.72 12.10 -10.21
C ASP C 200 10.75 12.66 -9.18
N ALA C 201 11.22 13.66 -8.42
CA ALA C 201 10.47 14.15 -7.25
C ALA C 201 9.12 14.73 -7.63
N GLU C 202 9.04 15.48 -8.73
CA GLU C 202 7.78 16.12 -9.09
C GLU C 202 6.70 15.07 -9.38
N ALA C 203 7.04 14.05 -10.17
CA ALA C 203 6.10 12.99 -10.48
C ALA C 203 5.72 12.21 -9.22
N MET C 204 6.67 12.00 -8.32
CA MET C 204 6.39 11.29 -7.08
C MET C 204 5.39 12.05 -6.22
N ILE C 205 5.59 13.37 -6.08
CA ILE C 205 4.67 14.20 -5.30
C ILE C 205 3.28 14.20 -5.94
N LYS C 206 3.22 14.26 -7.27
CA LYS C 206 1.92 14.23 -7.95
C LYS C 206 1.21 12.90 -7.72
N MET C 207 1.96 11.79 -7.74
CA MET C 207 1.34 10.50 -7.42
C MET C 207 0.81 10.48 -6.00
N SER C 208 1.55 11.06 -5.05
CA SER C 208 1.09 11.09 -3.65
C SER C 208 -0.17 11.96 -3.51
N MET C 209 -0.24 13.09 -4.22
CA MET C 209 -1.45 13.92 -4.22
C MET C 209 -2.63 13.14 -4.79
N ARG C 210 -2.41 12.43 -5.89
CA ARG C 210 -3.47 11.62 -6.48
C ARG C 210 -3.98 10.60 -5.48
N CYS C 211 -3.06 9.94 -4.77
CA CYS C 211 -3.46 8.97 -3.74
C CYS C 211 -4.24 9.65 -2.61
N SER C 212 -3.79 10.82 -2.14
CA SER C 212 -4.47 11.47 -1.02
C SER C 212 -5.89 11.91 -1.38
N LEU C 213 -6.13 12.23 -2.65
CA LEU C 213 -7.48 12.60 -3.06
C LEU C 213 -8.49 11.47 -2.82
N THR C 214 -8.07 10.22 -3.05
CA THR C 214 -8.94 9.08 -2.76
C THR C 214 -9.25 8.96 -1.26
N ASP C 215 -8.41 9.52 -0.39
CA ASP C 215 -8.73 9.58 1.03
C ASP C 215 -9.75 10.69 1.29
N GLY C 216 -9.40 11.92 0.90
CA GLY C 216 -10.20 13.07 1.30
C GLY C 216 -11.61 13.03 0.73
N TRP C 217 -11.74 12.73 -0.56
CA TRP C 217 -13.03 12.85 -1.21
C TRP C 217 -13.76 11.53 -1.39
N MET C 218 -13.11 10.39 -1.19
CA MET C 218 -13.79 9.10 -1.33
C MET C 218 -13.82 8.32 -0.03
N GLY C 219 -12.67 8.01 0.57
CA GLY C 219 -12.64 7.17 1.76
C GLY C 219 -13.26 7.83 2.98
N SER C 220 -12.67 8.95 3.40
CA SER C 220 -13.19 9.67 4.55
C SER C 220 -14.60 10.18 4.32
N PHE C 221 -14.88 10.66 3.10
CA PHE C 221 -16.20 11.19 2.78
C PHE C 221 -17.26 10.11 2.90
N MET C 222 -17.02 8.96 2.28
CA MET C 222 -17.98 7.86 2.33
C MET C 222 -18.10 7.32 3.75
N GLY C 223 -16.98 7.22 4.47
CA GLY C 223 -17.07 6.79 5.85
C GLY C 223 -17.96 7.71 6.67
N THR C 224 -17.76 9.02 6.54
CA THR C 224 -18.56 9.99 7.28
C THR C 224 -20.04 9.91 6.90
N GLU C 225 -20.34 9.90 5.60
CA GLU C 225 -21.74 9.95 5.20
C GLU C 225 -22.47 8.65 5.54
N PHE C 226 -21.81 7.50 5.39
CA PHE C 226 -22.44 6.24 5.77
C PHE C 226 -22.59 6.13 7.29
N SER C 227 -21.64 6.66 8.04
CA SER C 227 -21.79 6.71 9.50
C SER C 227 -22.97 7.59 9.89
N ASP C 228 -23.16 8.71 9.20
CA ASP C 228 -24.35 9.52 9.46
C ASP C 228 -25.62 8.73 9.14
N ILE C 229 -25.62 8.00 8.02
CA ILE C 229 -26.80 7.24 7.62
C ILE C 229 -27.15 6.19 8.68
N MET C 230 -26.15 5.46 9.15
CA MET C 230 -26.40 4.35 10.05
C MET C 230 -26.61 4.80 11.49
N PHE C 231 -25.86 5.79 11.96
CA PHE C 231 -25.88 6.16 13.37
C PHE C 231 -26.48 7.53 13.62
N GLY C 232 -26.91 8.24 12.58
CA GLY C 232 -27.55 9.52 12.76
C GLY C 232 -26.65 10.70 12.44
N THR C 233 -27.20 11.70 11.79
CA THR C 233 -26.45 12.92 11.52
C THR C 233 -26.25 13.71 12.82
N PRO C 234 -25.03 14.13 13.14
CA PRO C 234 -24.80 14.90 14.38
C PRO C 234 -25.55 16.23 14.36
N HIS C 235 -26.02 16.63 15.53
CA HIS C 235 -26.61 17.95 15.76
C HIS C 235 -26.00 18.54 17.03
N SER C 236 -26.32 19.82 17.26
CA SER C 236 -25.80 20.52 18.43
C SER C 236 -26.11 19.74 19.69
N ILE C 237 -25.07 19.47 20.48
CA ILE C 237 -25.20 18.65 21.68
C ILE C 237 -24.15 19.05 22.69
N ASP C 238 -24.51 18.98 23.97
CA ASP C 238 -23.61 19.31 25.07
C ASP C 238 -22.88 18.06 25.56
N THR C 239 -21.68 18.27 26.08
CA THR C 239 -20.88 17.18 26.64
C THR C 239 -19.88 17.80 27.62
N GLU C 240 -19.13 16.92 28.28
CA GLU C 240 -18.04 17.31 29.16
C GLU C 240 -16.74 16.70 28.67
N ALA C 241 -15.62 17.38 28.93
CA ALA C 241 -14.33 17.00 28.41
C ALA C 241 -13.28 17.07 29.53
N ASN C 242 -12.18 16.34 29.28
CA ASN C 242 -10.98 16.18 30.11
C ASN C 242 -11.14 15.06 31.14
N LEU C 243 -10.03 14.67 31.77
CA LEU C 243 -9.98 13.44 32.55
C LEU C 243 -10.88 13.47 33.77
N GLY C 244 -11.35 14.63 34.19
CA GLY C 244 -12.24 14.76 35.33
C GLY C 244 -13.58 14.06 35.15
N VAL C 245 -13.94 13.70 33.92
CA VAL C 245 -15.21 13.04 33.67
C VAL C 245 -15.28 11.63 34.25
N LEU C 246 -14.14 11.06 34.62
CA LEU C 246 -14.12 9.74 35.25
C LEU C 246 -14.77 9.81 36.63
N GLU C 247 -15.49 8.75 36.99
CA GLU C 247 -16.20 8.65 38.25
C GLU C 247 -15.50 7.64 39.15
N LYS C 248 -15.24 8.04 40.40
CA LYS C 248 -14.63 7.13 41.35
C LYS C 248 -15.58 6.00 41.73
N ASN C 249 -16.85 6.32 41.93
CA ASN C 249 -17.85 5.39 42.45
C ASN C 249 -18.61 4.64 41.36
N SER C 250 -18.24 4.78 40.09
CA SER C 250 -18.89 4.10 39.00
C SER C 250 -17.87 3.28 38.21
N VAL C 251 -18.36 2.26 37.51
CA VAL C 251 -17.54 1.58 36.51
C VAL C 251 -17.15 2.58 35.43
N ASN C 252 -15.86 2.63 35.09
CA ASN C 252 -15.38 3.53 34.05
C ASN C 252 -14.91 2.73 32.85
N VAL C 253 -15.63 2.91 31.73
CA VAL C 253 -15.32 2.23 30.49
C VAL C 253 -14.86 3.28 29.49
N VAL C 254 -13.62 3.16 29.03
CA VAL C 254 -13.00 4.13 28.15
C VAL C 254 -12.91 3.53 26.75
N LEU C 255 -13.49 4.19 25.76
CA LEU C 255 -13.48 3.74 24.38
C LEU C 255 -12.42 4.52 23.62
N HIS C 256 -11.43 3.82 23.09
CA HIS C 256 -10.29 4.43 22.42
C HIS C 256 -10.15 3.82 21.02
N GLY C 257 -9.80 4.63 20.04
CA GLY C 257 -9.68 4.15 18.68
C GLY C 257 -10.41 4.99 17.65
N HIS C 258 -10.81 4.35 16.55
CA HIS C 258 -11.40 5.11 15.45
C HIS C 258 -12.68 4.51 14.88
N GLU C 259 -12.86 3.19 14.98
CA GLU C 259 -14.01 2.55 14.34
C GLU C 259 -15.27 2.82 15.14
N PRO C 260 -16.32 3.41 14.53
CA PRO C 260 -17.47 3.84 15.33
C PRO C 260 -18.49 2.75 15.62
N LEU C 261 -18.55 1.66 14.85
CA LEU C 261 -19.57 0.65 15.08
C LEU C 261 -19.43 0.03 16.47
N LEU C 262 -18.21 -0.30 16.88
CA LEU C 262 -18.01 -0.89 18.20
C LEU C 262 -18.44 0.06 19.30
N SER C 263 -18.07 1.33 19.20
CA SER C 263 -18.42 2.29 20.25
C SER C 263 -19.92 2.54 20.27
N GLU C 264 -20.56 2.58 19.10
CA GLU C 264 -22.02 2.69 19.05
C GLU C 264 -22.68 1.51 19.75
N MET C 265 -22.20 0.28 19.47
CA MET C 265 -22.80 -0.88 20.12
C MET C 265 -22.52 -0.89 21.63
N VAL C 266 -21.36 -0.42 22.06
CA VAL C 266 -21.07 -0.33 23.49
C VAL C 266 -22.00 0.69 24.16
N VAL C 267 -22.24 1.82 23.50
CA VAL C 267 -23.17 2.81 24.06
C VAL C 267 -24.56 2.20 24.18
N GLU C 268 -25.02 1.48 23.15
CA GLU C 268 -26.33 0.84 23.23
C GLU C 268 -26.36 -0.22 24.34
N ALA C 269 -25.29 -1.00 24.48
CA ALA C 269 -25.25 -2.04 25.50
C ALA C 269 -25.22 -1.46 26.91
N ALA C 270 -24.65 -0.26 27.08
CA ALA C 270 -24.58 0.34 28.40
C ALA C 270 -25.97 0.61 29.00
N SER C 271 -26.99 0.73 28.17
CA SER C 271 -28.36 0.92 28.65
C SER C 271 -29.10 -0.41 28.85
N ASP C 272 -28.44 -1.54 28.62
CA ASP C 272 -29.09 -2.83 28.82
C ASP C 272 -29.40 -3.02 30.29
N PRO C 273 -30.64 -3.39 30.65
CA PRO C 273 -31.00 -3.51 32.08
C PRO C 273 -30.15 -4.53 32.83
N GLU C 274 -29.76 -5.61 32.17
CA GLU C 274 -28.98 -6.63 32.86
C GLU C 274 -27.60 -6.10 33.20
N LEU C 275 -26.98 -5.36 32.28
CA LEU C 275 -25.65 -4.82 32.53
C LEU C 275 -25.68 -3.72 33.59
N VAL C 276 -26.74 -2.90 33.59
CA VAL C 276 -26.87 -1.89 34.64
C VAL C 276 -27.06 -2.54 36.00
N GLU C 277 -27.87 -3.60 36.06
CA GLU C 277 -28.04 -4.35 37.30
C GLU C 277 -26.72 -4.97 37.74
N LEU C 278 -25.94 -5.51 36.80
CA LEU C 278 -24.64 -6.09 37.12
C LEU C 278 -23.68 -5.04 37.67
N ALA C 279 -23.67 -3.85 37.07
CA ALA C 279 -22.84 -2.77 37.61
C ALA C 279 -23.26 -2.41 39.02
N LYS C 280 -24.56 -2.38 39.29
CA LYS C 280 -25.03 -2.16 40.66
C LYS C 280 -24.57 -3.28 41.59
N SER C 281 -24.56 -4.52 41.09
CA SER C 281 -24.27 -5.66 41.96
C SER C 281 -22.80 -5.76 42.32
N VAL C 282 -21.91 -5.13 41.56
CA VAL C 282 -20.48 -5.19 41.86
C VAL C 282 -20.10 -4.00 42.74
N GLY C 283 -21.10 -3.26 43.21
CA GLY C 283 -20.86 -2.16 44.12
C GLY C 283 -20.62 -0.81 43.48
N ALA C 284 -20.97 -0.64 42.21
CA ALA C 284 -20.77 0.63 41.52
C ALA C 284 -22.09 1.37 41.39
N ASP C 285 -22.00 2.70 41.33
CA ASP C 285 -23.19 3.53 41.15
C ASP C 285 -23.81 3.33 39.77
N GLY C 286 -23.00 3.00 38.77
CA GLY C 286 -23.52 2.79 37.43
C GLY C 286 -22.38 2.62 36.45
N ILE C 287 -22.69 2.81 35.17
CA ILE C 287 -21.73 2.69 34.09
C ILE C 287 -21.44 4.08 33.55
N ASN C 288 -20.16 4.42 33.47
CA ASN C 288 -19.72 5.71 32.97
C ASN C 288 -18.85 5.44 31.75
N LEU C 289 -19.44 5.65 30.58
CA LEU C 289 -18.71 5.55 29.32
C LEU C 289 -18.01 6.88 29.03
N CYS C 290 -16.74 6.81 28.70
CA CYS C 290 -15.97 7.97 28.31
C CYS C 290 -15.21 7.61 27.04
N GLY C 291 -15.02 8.57 26.16
CA GLY C 291 -14.38 8.33 24.88
C GLY C 291 -13.06 9.08 24.80
N MET C 292 -12.15 8.57 23.97
CA MET C 292 -10.88 9.21 23.70
C MET C 292 -10.61 9.19 22.20
N CYS C 293 -9.93 10.22 21.72
CA CYS C 293 -9.50 10.34 20.32
C CYS C 293 -10.75 10.30 19.42
N CYS C 294 -10.66 9.66 18.24
CA CYS C 294 -11.71 9.82 17.23
C CYS C 294 -12.97 9.03 17.54
N THR C 295 -12.86 7.85 18.13
CA THR C 295 -14.07 7.12 18.53
C THR C 295 -14.83 7.89 19.60
N GLY C 296 -14.09 8.48 20.54
CA GLY C 296 -14.72 9.39 21.48
C GLY C 296 -15.38 10.57 20.80
N ASN C 297 -14.73 11.12 19.76
CA ASN C 297 -15.35 12.21 19.00
C ASN C 297 -16.66 11.76 18.37
N GLU C 298 -16.69 10.57 17.78
CA GLU C 298 -17.91 10.08 17.12
C GLU C 298 -19.04 9.91 18.13
N VAL C 299 -18.79 9.19 19.22
CA VAL C 299 -19.88 8.96 20.17
C VAL C 299 -20.29 10.25 20.87
N SER C 300 -19.37 11.21 21.00
CA SER C 300 -19.73 12.50 21.59
C SER C 300 -20.55 13.36 20.64
N MET C 301 -20.20 13.37 19.35
CA MET C 301 -20.97 14.11 18.36
C MET C 301 -22.39 13.57 18.26
N ARG C 302 -22.57 12.26 18.35
CA ARG C 302 -23.89 11.69 18.12
C ARG C 302 -24.69 11.42 19.39
N HIS C 303 -24.07 11.34 20.56
CA HIS C 303 -24.80 11.01 21.78
C HIS C 303 -24.37 11.83 22.98
N GLY C 304 -23.38 12.72 22.86
CA GLY C 304 -22.94 13.48 24.00
C GLY C 304 -22.12 12.71 25.00
N ILE C 305 -21.50 11.60 24.59
CA ILE C 305 -20.63 10.85 25.48
C ILE C 305 -19.47 11.74 25.89
N LYS C 306 -19.15 11.73 27.18
CA LYS C 306 -18.06 12.57 27.69
C LYS C 306 -16.72 12.16 27.08
N ILE C 307 -15.87 13.15 26.80
CA ILE C 307 -14.57 12.92 26.20
C ILE C 307 -13.52 12.94 27.30
N ALA C 308 -12.83 11.81 27.48
CA ALA C 308 -11.83 11.72 28.54
C ALA C 308 -10.55 12.46 28.16
N GLY C 309 -10.14 12.42 26.90
CA GLY C 309 -8.93 13.10 26.47
C GLY C 309 -8.52 12.69 25.06
N ASN C 310 -7.52 13.39 24.55
CA ASN C 310 -6.97 13.18 23.20
C ASN C 310 -5.72 12.27 23.26
N PHE C 311 -4.97 12.20 22.15
CA PHE C 311 -3.93 11.19 21.96
C PHE C 311 -2.97 11.08 23.14
N MET C 312 -2.19 12.12 23.41
CA MET C 312 -1.13 12.00 24.40
C MET C 312 -1.66 11.95 25.84
N GLN C 313 -2.97 11.92 26.05
CA GLN C 313 -3.53 11.70 27.37
C GLN C 313 -3.93 10.26 27.63
N GLN C 314 -3.91 9.39 26.60
CA GLN C 314 -4.46 8.05 26.79
C GLN C 314 -3.80 7.35 27.97
N GLU C 315 -2.47 7.35 28.02
CA GLU C 315 -1.78 6.71 29.15
C GLU C 315 -2.24 7.30 30.48
N LEU C 316 -2.36 8.62 30.57
CA LEU C 316 -2.74 9.24 31.83
C LEU C 316 -4.14 8.81 32.28
N ALA C 317 -5.02 8.46 31.34
CA ALA C 317 -6.32 7.95 31.73
C ALA C 317 -6.17 6.71 32.61
N VAL C 318 -5.25 5.80 32.25
CA VAL C 318 -4.99 4.63 33.09
C VAL C 318 -4.32 5.01 34.40
N VAL C 319 -3.52 6.09 34.40
CA VAL C 319 -2.74 6.47 35.59
C VAL C 319 -3.65 6.88 36.74
N THR C 320 -4.87 7.33 36.43
CA THR C 320 -5.85 7.68 37.46
C THR C 320 -6.15 6.49 38.36
N GLY C 321 -6.03 5.28 37.84
CA GLY C 321 -6.40 4.10 38.59
C GLY C 321 -7.89 3.82 38.62
N ALA C 322 -8.66 4.53 37.81
CA ALA C 322 -10.11 4.40 37.83
C ALA C 322 -10.69 3.77 36.56
N VAL C 323 -9.85 3.46 35.57
CA VAL C 323 -10.34 2.86 34.34
C VAL C 323 -10.47 1.34 34.55
N ASP C 324 -11.70 0.87 34.64
CA ASP C 324 -11.98 -0.56 34.78
C ASP C 324 -11.77 -1.27 33.46
N GLY C 325 -12.24 -0.66 32.36
CA GLY C 325 -12.03 -1.30 31.08
C GLY C 325 -11.65 -0.31 29.99
N LEU C 326 -10.58 -0.59 29.26
CA LEU C 326 -10.15 0.26 28.15
C LEU C 326 -10.30 -0.56 26.88
N ILE C 327 -11.31 -0.22 26.08
CA ILE C 327 -11.67 -0.98 24.89
C ILE C 327 -11.13 -0.24 23.68
N VAL C 328 -10.30 -0.90 22.87
CA VAL C 328 -9.64 -0.25 21.75
C VAL C 328 -9.92 -1.00 20.45
N ASP C 329 -10.17 -0.26 19.35
CA ASP C 329 -10.28 -0.93 18.06
C ASP C 329 -9.02 -0.87 17.18
N VAL C 330 -8.65 0.32 16.66
CA VAL C 330 -7.53 0.45 15.71
C VAL C 330 -7.02 1.89 15.75
N GLN C 331 -5.74 2.08 15.41
CA GLN C 331 -5.12 3.37 15.09
C GLN C 331 -4.89 4.25 16.32
N CYS C 332 -3.68 4.79 16.45
CA CYS C 332 -3.33 5.76 17.50
C CYS C 332 -3.53 5.19 18.91
N ILE C 333 -3.39 3.89 19.03
CA ILE C 333 -3.45 3.18 20.31
C ILE C 333 -2.01 2.86 20.66
N MET C 334 -1.46 3.61 21.62
CA MET C 334 -0.09 3.41 22.03
C MET C 334 0.07 1.99 22.56
N PRO C 335 0.96 1.18 21.98
CA PRO C 335 1.13 -0.18 22.49
C PRO C 335 1.59 -0.21 23.95
N ALA C 336 2.28 0.83 24.41
CA ALA C 336 2.72 0.87 25.80
C ALA C 336 1.56 0.72 26.77
N LEU C 337 0.34 1.05 26.35
CA LEU C 337 -0.81 0.86 27.22
C LEU C 337 -0.82 -0.54 27.81
N ALA C 338 -0.53 -1.56 27.00
CA ALA C 338 -0.52 -2.92 27.53
C ALA C 338 0.39 -3.04 28.74
N LYS C 339 1.64 -2.61 28.60
CA LYS C 339 2.57 -2.63 29.73
C LYS C 339 2.01 -1.80 30.89
N LEU C 340 1.50 -0.61 30.59
CA LEU C 340 0.97 0.26 31.63
C LEU C 340 -0.17 -0.41 32.39
N SER C 341 -1.00 -1.18 31.67
CA SER C 341 -2.16 -1.81 32.28
C SER C 341 -1.77 -2.83 33.34
N LYS C 342 -0.53 -3.32 33.31
CA LYS C 342 -0.07 -4.26 34.32
C LYS C 342 0.10 -3.58 35.68
N SER C 343 0.38 -2.28 35.69
CA SER C 343 0.59 -1.57 36.95
C SER C 343 -0.71 -1.20 37.65
N TYR C 344 -1.86 -1.46 37.02
CA TYR C 344 -3.16 -1.17 37.59
C TYR C 344 -4.07 -2.36 37.33
N HIS C 345 -5.31 -2.27 37.81
CA HIS C 345 -6.30 -3.32 37.59
C HIS C 345 -6.91 -3.29 36.20
N THR C 346 -6.63 -2.28 35.40
CA THR C 346 -7.33 -2.04 34.15
C THR C 346 -7.26 -3.23 33.18
N LYS C 347 -8.42 -3.60 32.63
CA LYS C 347 -8.47 -4.60 31.55
C LYS C 347 -8.33 -3.87 30.23
N PHE C 348 -7.23 -4.11 29.54
CA PHE C 348 -6.93 -3.53 28.24
C PHE C 348 -7.40 -4.51 27.16
N ILE C 349 -8.49 -4.17 26.47
CA ILE C 349 -9.17 -5.11 25.59
C ILE C 349 -9.01 -4.64 24.16
N THR C 350 -8.31 -5.44 23.35
CA THR C 350 -8.29 -5.27 21.91
C THR C 350 -9.45 -6.05 21.31
N THR C 351 -10.04 -5.52 20.25
CA THR C 351 -11.23 -6.08 19.64
C THR C 351 -11.13 -6.29 18.14
N SER C 352 -10.10 -5.82 17.48
CA SER C 352 -10.05 -5.89 16.05
C SER C 352 -8.94 -6.81 15.57
N PRO C 353 -9.21 -7.67 14.58
CA PRO C 353 -8.12 -8.51 14.03
C PRO C 353 -7.03 -7.69 13.37
N LYS C 354 -7.30 -6.44 13.00
CA LYS C 354 -6.29 -5.60 12.39
C LYS C 354 -5.31 -5.00 13.39
N ALA C 355 -5.62 -5.04 14.69
CA ALA C 355 -4.87 -4.31 15.70
C ALA C 355 -4.61 -5.18 16.93
N HIS C 356 -4.08 -6.39 16.73
CA HIS C 356 -3.59 -7.19 17.85
C HIS C 356 -2.47 -6.46 18.57
N ILE C 357 -2.52 -6.50 19.90
CA ILE C 357 -1.47 -5.92 20.75
C ILE C 357 -1.03 -6.98 21.76
N THR C 358 0.27 -7.24 21.81
CA THR C 358 0.80 -8.29 22.67
C THR C 358 0.52 -7.96 24.13
N ASP C 359 0.14 -8.99 24.89
CA ASP C 359 -0.15 -8.94 26.32
C ASP C 359 -1.44 -8.18 26.63
N SER C 360 -2.27 -7.90 25.64
CA SER C 360 -3.60 -7.36 25.90
C SER C 360 -4.61 -8.50 25.83
N ILE C 361 -5.77 -8.27 26.44
CA ILE C 361 -6.88 -9.22 26.40
C ILE C 361 -7.62 -9.03 25.08
N TYR C 362 -7.64 -10.06 24.26
CA TYR C 362 -8.25 -9.98 22.94
C TYR C 362 -9.66 -10.57 22.98
N MET C 363 -10.64 -9.74 22.65
CA MET C 363 -12.05 -10.15 22.57
C MET C 363 -12.54 -9.63 21.23
N GLU C 364 -12.49 -10.49 20.22
CA GLU C 364 -12.79 -10.05 18.87
C GLU C 364 -14.22 -9.55 18.76
N PHE C 365 -14.37 -8.33 18.27
CA PHE C 365 -15.69 -7.76 18.06
C PHE C 365 -16.35 -8.42 16.85
N ASP C 366 -17.46 -9.12 17.08
CA ASP C 366 -18.15 -9.86 16.04
C ASP C 366 -19.15 -8.93 15.38
N GLU C 367 -18.90 -8.60 14.11
CA GLU C 367 -19.79 -7.72 13.36
C GLU C 367 -21.06 -8.43 12.92
N GLU C 368 -21.07 -9.77 12.92
CA GLU C 368 -22.29 -10.50 12.61
C GLU C 368 -23.34 -10.30 13.69
N ASN C 369 -22.92 -10.27 14.96
CA ASN C 369 -23.82 -10.00 16.08
C ASN C 369 -23.21 -8.87 16.91
N PRO C 370 -23.21 -7.65 16.38
CA PRO C 370 -22.47 -6.57 17.05
C PRO C 370 -22.94 -6.28 18.47
N LEU C 371 -24.25 -6.33 18.73
CA LEU C 371 -24.76 -5.93 20.04
C LEU C 371 -24.36 -6.94 21.12
N ASP C 372 -24.50 -8.23 20.83
CA ASP C 372 -24.13 -9.26 21.80
C ASP C 372 -22.63 -9.25 22.08
N SER C 373 -21.84 -9.05 21.04
CA SER C 373 -20.39 -8.96 21.21
C SER C 373 -20.01 -7.77 22.08
N ALA C 374 -20.63 -6.61 21.83
CA ALA C 374 -20.39 -5.44 22.65
C ALA C 374 -20.83 -5.69 24.09
N LYS C 375 -21.95 -6.40 24.28
CA LYS C 375 -22.44 -6.70 25.61
C LYS C 375 -21.46 -7.57 26.39
N LYS C 376 -20.89 -8.59 25.76
CA LYS C 376 -19.93 -9.44 26.50
C LYS C 376 -18.65 -8.68 26.82
N ILE C 377 -18.16 -7.86 25.89
CA ILE C 377 -16.98 -7.04 26.17
C ILE C 377 -17.25 -6.08 27.33
N LEU C 378 -18.41 -5.43 27.31
CA LEU C 378 -18.78 -4.50 28.36
C LEU C 378 -18.96 -5.22 29.69
N LYS C 379 -19.48 -6.44 29.67
CA LYS C 379 -19.62 -7.22 30.89
C LYS C 379 -18.26 -7.53 31.50
N GLU C 380 -17.28 -7.85 30.67
CA GLU C 380 -15.93 -8.03 31.20
C GLU C 380 -15.44 -6.75 31.88
N ALA C 381 -15.65 -5.61 31.23
CA ALA C 381 -15.23 -4.34 31.82
C ALA C 381 -15.95 -4.09 33.15
N ILE C 382 -17.26 -4.37 33.21
CA ILE C 382 -18.03 -4.15 34.43
C ILE C 382 -17.57 -5.07 35.55
N LEU C 383 -17.33 -6.35 35.25
CA LEU C 383 -16.87 -7.26 36.28
C LEU C 383 -15.50 -6.88 36.81
N ASN C 384 -14.67 -6.21 36.00
CA ASN C 384 -13.37 -5.78 36.52
C ASN C 384 -13.48 -4.71 37.62
N PHE C 385 -14.66 -4.11 37.82
CA PHE C 385 -14.79 -3.09 38.85
C PHE C 385 -14.50 -3.65 40.23
N LYS C 386 -14.71 -4.95 40.43
CA LYS C 386 -14.42 -5.55 41.73
C LYS C 386 -12.93 -5.55 42.05
N ASN C 387 -12.08 -5.45 41.04
CA ASN C 387 -10.63 -5.42 41.23
C ASN C 387 -10.09 -4.00 41.39
N ARG C 388 -10.96 -3.01 41.45
CA ARG C 388 -10.53 -1.63 41.66
C ARG C 388 -9.87 -1.49 43.02
N ASP C 389 -8.74 -0.78 43.04
CA ASP C 389 -8.07 -0.41 44.29
C ASP C 389 -8.31 1.09 44.49
N GLN C 390 -9.26 1.42 45.35
CA GLN C 390 -9.64 2.82 45.54
C GLN C 390 -8.56 3.66 46.20
N SER C 391 -7.59 3.03 46.87
CA SER C 391 -6.47 3.78 47.46
C SER C 391 -5.50 4.29 46.41
N LYS C 392 -5.48 3.68 45.23
CA LYS C 392 -4.65 4.11 44.13
C LYS C 392 -5.36 5.07 43.18
N VAL C 393 -6.60 5.44 43.48
CA VAL C 393 -7.41 6.24 42.58
C VAL C 393 -7.15 7.72 42.82
N MET C 394 -6.90 8.46 41.75
CA MET C 394 -6.81 9.92 41.81
C MET C 394 -7.37 10.45 40.50
N ILE C 395 -8.55 11.04 40.58
CA ILE C 395 -9.22 11.68 39.44
C ILE C 395 -9.16 13.19 39.67
N PRO C 396 -8.39 13.94 38.87
CA PRO C 396 -8.37 15.40 39.04
C PRO C 396 -9.77 15.99 38.82
N GLU C 397 -10.14 16.95 39.67
CA GLU C 397 -11.44 17.61 39.56
C GLU C 397 -11.38 18.72 38.51
N LEU C 398 -11.06 18.31 37.28
CA LEU C 398 -10.91 19.24 36.16
C LEU C 398 -11.68 18.71 34.95
N LYS C 399 -12.85 19.27 34.73
CA LYS C 399 -13.70 18.93 33.59
C LYS C 399 -14.20 20.23 32.99
N CYS C 400 -14.54 20.20 31.71
CA CYS C 400 -14.96 21.41 31.03
C CYS C 400 -16.18 21.14 30.14
N LYS C 401 -17.15 22.05 30.18
CA LYS C 401 -18.32 21.91 29.33
C LYS C 401 -17.99 22.25 27.89
N ALA C 402 -18.54 21.47 26.95
CA ALA C 402 -18.29 21.67 25.53
C ALA C 402 -19.58 21.46 24.76
N ILE C 403 -19.66 22.11 23.60
CA ILE C 403 -20.78 21.97 22.67
C ILE C 403 -20.20 21.52 21.34
N LEU C 404 -20.82 20.52 20.73
CA LEU C 404 -20.31 19.95 19.49
C LEU C 404 -21.49 19.48 18.66
N GLY C 405 -21.22 18.64 17.65
CA GLY C 405 -22.25 18.16 16.76
C GLY C 405 -22.48 19.00 15.54
N TYR C 406 -21.51 19.81 15.12
CA TYR C 406 -21.69 20.74 14.01
C TYR C 406 -21.32 20.07 12.69
N SER C 407 -22.21 19.19 12.24
CA SER C 407 -22.16 18.71 10.87
C SER C 407 -22.57 19.85 9.92
N VAL C 408 -22.33 19.62 8.64
CA VAL C 408 -22.74 20.60 7.62
C VAL C 408 -24.24 20.84 7.69
N GLU C 409 -25.02 19.78 7.90
CA GLU C 409 -26.47 19.94 8.03
C GLU C 409 -26.81 20.80 9.26
N GLU C 410 -26.16 20.55 10.39
CA GLU C 410 -26.42 21.33 11.59
C GLU C 410 -26.01 22.79 11.38
N ILE C 411 -24.88 23.01 10.73
CA ILE C 411 -24.43 24.38 10.45
C ILE C 411 -25.45 25.10 9.58
N ILE C 412 -25.96 24.42 8.55
CA ILE C 412 -26.97 25.03 7.68
C ILE C 412 -28.23 25.33 8.48
N ASN C 413 -28.66 24.41 9.34
CA ASN C 413 -29.83 24.67 10.18
C ASN C 413 -29.61 25.88 11.07
N LYS C 414 -28.43 26.02 11.66
CA LYS C 414 -28.15 27.20 12.48
C LYS C 414 -28.16 28.47 11.64
N LEU C 415 -27.57 28.43 10.44
CA LEU C 415 -27.54 29.59 9.56
C LEU C 415 -28.91 30.02 9.08
N ASP C 416 -29.87 29.10 9.07
CA ASP C 416 -31.24 29.44 8.66
C ASP C 416 -31.86 30.51 9.55
N LYS C 417 -31.35 30.69 10.78
CA LYS C 417 -31.95 31.68 11.67
C LYS C 417 -31.73 33.10 11.14
N VAL C 418 -30.59 33.38 10.53
CA VAL C 418 -30.26 34.74 10.12
C VAL C 418 -30.71 34.98 8.68
N VAL C 419 -31.58 34.13 8.15
CA VAL C 419 -32.14 34.28 6.81
C VAL C 419 -33.47 35.00 6.91
N ASN C 420 -33.60 36.13 6.21
CA ASN C 420 -34.89 36.79 6.13
C ASN C 420 -35.86 35.92 5.33
N THR C 421 -37.03 35.66 5.93
CA THR C 421 -37.99 34.75 5.31
C THR C 421 -38.47 35.30 3.97
N GLN C 422 -38.67 36.62 3.89
CA GLN C 422 -39.14 37.23 2.66
C GLN C 422 -38.10 37.23 1.55
N ILE C 423 -36.84 36.93 1.85
CA ILE C 423 -35.77 36.90 0.86
C ILE C 423 -35.37 35.46 0.53
N GLY C 424 -34.88 34.73 1.53
CA GLY C 424 -34.40 33.38 1.33
C GLY C 424 -33.12 33.37 0.53
N PRO C 425 -32.73 32.20 0.01
CA PRO C 425 -33.38 30.89 0.19
C PRO C 425 -33.03 30.25 1.52
N MET C 426 -33.72 29.19 1.91
CA MET C 426 -33.42 28.48 3.14
C MET C 426 -32.57 27.25 2.84
N GLN C 427 -31.95 26.72 3.89
CA GLN C 427 -31.18 25.47 3.83
C GLN C 427 -30.04 25.53 2.83
N THR C 428 -29.29 26.63 2.86
CA THR C 428 -28.08 26.80 2.06
C THR C 428 -26.98 27.34 2.96
N VAL C 429 -25.78 27.44 2.40
CA VAL C 429 -24.65 28.00 3.11
C VAL C 429 -24.56 29.49 2.77
N LYS C 430 -25.62 30.03 2.18
CA LYS C 430 -25.56 31.42 1.71
C LYS C 430 -25.26 32.43 2.83
N PRO C 431 -25.83 32.35 4.04
CA PRO C 431 -25.41 33.32 5.08
C PRO C 431 -23.91 33.30 5.39
N LEU C 432 -23.31 32.11 5.41
CA LEU C 432 -21.87 32.00 5.65
C LEU C 432 -21.09 32.62 4.50
N ALA C 433 -21.52 32.36 3.27
CA ALA C 433 -20.90 32.97 2.11
C ALA C 433 -21.03 34.48 2.16
N ASP C 434 -22.18 34.98 2.62
CA ASP C 434 -22.39 36.42 2.71
C ASP C 434 -21.46 37.06 3.72
N VAL C 435 -21.33 36.45 4.90
CA VAL C 435 -20.45 37.05 5.91
C VAL C 435 -19.01 36.99 5.45
N LEU C 436 -18.61 35.93 4.73
CA LEU C 436 -17.25 35.86 4.21
C LEU C 436 -17.02 36.90 3.12
N VAL C 437 -17.97 37.06 2.21
CA VAL C 437 -17.77 38.00 1.11
C VAL C 437 -17.77 39.43 1.63
N SER C 438 -18.68 39.76 2.54
CA SER C 438 -18.75 41.13 3.04
C SER C 438 -17.51 41.51 3.84
N GLY C 439 -16.77 40.55 4.36
CA GLY C 439 -15.62 40.86 5.19
C GLY C 439 -15.90 40.94 6.68
N VAL C 440 -17.15 40.72 7.10
CA VAL C 440 -17.42 40.64 8.53
C VAL C 440 -16.62 39.51 9.15
N LEU C 441 -16.56 38.38 8.47
CA LEU C 441 -15.61 37.32 8.78
C LEU C 441 -14.49 37.39 7.75
N ARG C 442 -13.25 37.40 8.23
CA ARG C 442 -12.11 37.44 7.35
C ARG C 442 -11.90 36.11 6.63
N GLY C 443 -12.26 35.01 7.27
CA GLY C 443 -12.11 33.72 6.63
C GLY C 443 -12.51 32.60 7.57
N ALA C 444 -12.26 31.38 7.11
CA ALA C 444 -12.50 30.16 7.87
C ALA C 444 -11.26 29.29 7.87
N ALA C 445 -10.93 28.74 9.02
CA ALA C 445 -9.73 27.93 9.19
C ALA C 445 -10.07 26.62 9.89
N ALA C 446 -9.52 25.53 9.37
CA ALA C 446 -9.70 24.22 9.96
C ALA C 446 -8.44 23.91 10.77
N VAL C 447 -8.63 23.59 12.05
CA VAL C 447 -7.56 23.19 12.95
C VAL C 447 -7.74 21.71 13.24
N VAL C 448 -6.77 20.91 12.84
CA VAL C 448 -6.85 19.46 12.87
C VAL C 448 -5.51 18.92 13.37
N GLY C 449 -5.48 17.63 13.65
CA GLY C 449 -4.21 16.98 13.90
C GLY C 449 -4.11 16.44 15.32
N CYS C 450 -2.97 15.82 15.58
CA CYS C 450 -2.71 15.10 16.80
C CYS C 450 -1.95 15.96 17.80
N ASN C 451 -1.42 15.30 18.83
CA ASN C 451 -0.38 15.87 19.69
C ASN C 451 0.95 15.31 19.23
N ASN C 452 2.02 15.87 19.77
CA ASN C 452 3.35 15.40 19.43
C ASN C 452 4.28 15.79 20.56
N PRO C 453 5.06 14.86 21.14
CA PRO C 453 5.94 15.26 22.25
C PRO C 453 6.93 16.36 21.87
N LYS C 454 7.19 16.55 20.57
CA LYS C 454 8.05 17.65 20.14
C LYS C 454 7.46 19.03 20.46
N VAL C 455 6.15 19.13 20.68
CA VAL C 455 5.48 20.38 21.03
C VAL C 455 4.84 20.23 22.40
N VAL C 456 4.87 21.30 23.19
CA VAL C 456 4.17 21.33 24.47
C VAL C 456 2.71 20.98 24.20
N GLN C 457 2.21 19.92 24.83
CA GLN C 457 0.94 19.32 24.44
C GLN C 457 -0.22 20.32 24.55
N ASP C 458 -0.96 20.46 23.44
CA ASP C 458 -2.14 21.32 23.31
C ASP C 458 -1.79 22.80 23.24
N SER C 459 -0.53 23.16 23.43
CA SER C 459 -0.16 24.57 23.41
C SER C 459 -0.39 25.16 22.02
N ALA C 460 0.14 24.51 21.00
CA ALA C 460 0.03 25.04 19.65
C ALA C 460 -1.43 25.07 19.19
N HIS C 461 -2.20 24.02 19.47
CA HIS C 461 -3.63 24.04 19.11
C HIS C 461 -4.32 25.26 19.71
N ILE C 462 -4.19 25.46 21.02
CA ILE C 462 -4.91 26.53 21.69
C ILE C 462 -4.45 27.90 21.20
N GLU C 463 -3.14 28.10 21.09
CA GLU C 463 -2.63 29.39 20.65
C GLU C 463 -3.06 29.70 19.23
N THR C 464 -3.00 28.72 18.33
CA THR C 464 -3.43 28.95 16.96
C THR C 464 -4.92 29.29 16.90
N ILE C 465 -5.75 28.55 17.64
CA ILE C 465 -7.19 28.77 17.60
C ILE C 465 -7.55 30.15 18.15
N LYS C 466 -6.95 30.51 19.29
CA LYS C 466 -7.24 31.81 19.90
C LYS C 466 -6.80 32.95 18.99
N GLY C 467 -5.61 32.83 18.39
CA GLY C 467 -5.17 33.85 17.45
C GLY C 467 -6.10 33.99 16.26
N LEU C 468 -6.52 32.86 15.69
CA LEU C 468 -7.40 32.91 14.52
C LEU C 468 -8.74 33.56 14.84
N ILE C 469 -9.37 33.16 15.95
CA ILE C 469 -10.69 33.72 16.26
C ILE C 469 -10.57 35.18 16.69
N LYS C 470 -9.45 35.56 17.30
CA LYS C 470 -9.24 36.98 17.62
C LYS C 470 -9.15 37.81 16.35
N ASN C 471 -8.66 37.25 15.25
CA ASN C 471 -8.56 37.94 13.97
C ASN C 471 -9.81 37.77 13.10
N ASP C 472 -10.97 37.48 13.71
CA ASP C 472 -12.24 37.31 13.01
C ASP C 472 -12.15 36.23 11.94
N VAL C 473 -11.44 35.15 12.24
CA VAL C 473 -11.45 33.95 11.42
C VAL C 473 -12.22 32.89 12.18
N ILE C 474 -13.32 32.43 11.60
CA ILE C 474 -14.09 31.37 12.24
C ILE C 474 -13.33 30.06 12.08
N VAL C 475 -13.33 29.26 13.15
CA VAL C 475 -12.51 28.06 13.23
C VAL C 475 -13.40 26.84 13.33
N VAL C 476 -13.15 25.85 12.49
CA VAL C 476 -13.73 24.52 12.61
C VAL C 476 -12.62 23.56 13.03
N VAL C 477 -12.93 22.68 13.98
CA VAL C 477 -11.91 21.81 14.58
C VAL C 477 -12.36 20.36 14.45
N THR C 478 -11.36 19.47 14.28
CA THR C 478 -11.60 18.04 14.26
C THR C 478 -10.53 17.33 15.09
N GLY C 479 -10.86 16.12 15.53
CA GLY C 479 -9.88 15.21 16.12
C GLY C 479 -9.32 15.70 17.45
N CYS C 480 -8.03 15.42 17.65
CA CYS C 480 -7.38 15.76 18.92
C CYS C 480 -7.28 17.27 19.14
N ALA C 481 -7.17 18.06 18.07
CA ALA C 481 -7.24 19.51 18.19
C ALA C 481 -8.61 19.95 18.71
N ALA C 482 -9.67 19.33 18.19
CA ALA C 482 -11.01 19.63 18.68
C ALA C 482 -11.12 19.27 20.14
N GLN C 483 -10.51 18.14 20.54
CA GLN C 483 -10.58 17.75 21.94
C GLN C 483 -9.74 18.67 22.83
N ALA C 484 -8.62 19.19 22.33
CA ALA C 484 -7.87 20.21 23.07
C ALA C 484 -8.71 21.47 23.28
N ALA C 485 -9.42 21.89 22.23
CA ALA C 485 -10.32 23.03 22.36
C ALA C 485 -11.43 22.75 23.38
N ALA C 486 -11.97 21.53 23.37
CA ALA C 486 -13.00 21.16 24.34
C ALA C 486 -12.47 21.23 25.76
N LYS C 487 -11.28 20.68 25.99
CA LYS C 487 -10.69 20.71 27.33
C LYS C 487 -10.43 22.14 27.79
N TYR C 488 -9.93 22.98 26.88
CA TYR C 488 -9.58 24.34 27.25
C TYR C 488 -10.80 25.22 27.55
N GLY C 489 -11.93 24.96 26.90
CA GLY C 489 -13.13 25.75 27.08
C GLY C 489 -13.51 26.62 25.90
N LEU C 490 -12.91 26.40 24.72
CA LEU C 490 -13.26 27.19 23.55
C LEU C 490 -14.58 26.78 22.92
N LEU C 491 -15.05 25.55 23.15
CA LEU C 491 -16.29 25.04 22.58
C LEU C 491 -17.49 25.48 23.43
N GLN C 492 -17.60 26.78 23.63
CA GLN C 492 -18.65 27.36 24.44
C GLN C 492 -19.17 28.64 23.79
N LYS C 493 -20.46 28.90 23.95
CA LYS C 493 -21.02 30.13 23.43
C LYS C 493 -20.36 31.33 24.09
N GLU C 494 -20.13 31.25 25.39
CA GLU C 494 -19.47 32.34 26.13
C GLU C 494 -18.10 32.67 25.53
N ALA C 495 -17.39 31.68 24.98
CA ALA C 495 -16.08 31.93 24.40
C ALA C 495 -16.13 33.01 23.33
N ALA C 496 -17.25 33.17 22.65
CA ALA C 496 -17.37 34.20 21.63
C ALA C 496 -17.06 35.58 22.19
N GLU C 497 -17.62 35.90 23.35
CA GLU C 497 -17.33 37.21 23.93
C GLU C 497 -16.02 37.26 24.70
N LYS C 498 -15.35 36.13 24.89
CA LYS C 498 -14.11 36.14 25.64
C LYS C 498 -12.87 36.16 24.76
N TYR C 499 -12.95 35.61 23.56
CA TYR C 499 -11.76 35.46 22.73
C TYR C 499 -11.92 36.02 21.32
N ALA C 500 -13.13 36.02 20.79
CA ALA C 500 -13.32 36.36 19.39
C ALA C 500 -13.20 37.87 19.17
N GLY C 501 -12.86 38.23 17.94
CA GLY C 501 -12.85 39.61 17.53
C GLY C 501 -14.26 40.12 17.28
N PRO C 502 -14.36 41.39 16.90
CA PRO C 502 -15.71 41.99 16.78
C PRO C 502 -16.60 41.32 15.75
N GLY C 503 -16.09 41.08 14.54
CA GLY C 503 -16.93 40.48 13.52
C GLY C 503 -17.38 39.07 13.88
N LEU C 504 -16.45 38.25 14.38
CA LEU C 504 -16.79 36.89 14.76
C LEU C 504 -17.71 36.87 15.98
N ALA C 505 -17.51 37.79 16.93
CA ALA C 505 -18.41 37.87 18.08
C ALA C 505 -19.83 38.22 17.64
N THR C 506 -19.95 39.17 16.72
CA THR C 506 -21.27 39.50 16.17
C THR C 506 -21.88 38.31 15.47
N VAL C 507 -21.10 37.60 14.65
CA VAL C 507 -21.63 36.44 13.95
C VAL C 507 -22.09 35.37 14.93
N CYS C 508 -21.29 35.11 15.96
CA CYS C 508 -21.66 34.10 16.94
C CYS C 508 -22.92 34.48 17.68
N LYS C 509 -23.07 35.76 18.02
CA LYS C 509 -24.29 36.21 18.69
C LYS C 509 -25.50 36.06 17.77
N LEU C 510 -25.36 36.43 16.50
CA LEU C 510 -26.48 36.35 15.57
C LEU C 510 -26.91 34.91 15.31
N VAL C 511 -25.94 34.01 15.14
CA VAL C 511 -26.24 32.62 14.81
C VAL C 511 -26.36 31.74 16.04
N ASP C 512 -25.94 32.22 17.22
CA ASP C 512 -25.98 31.44 18.46
C ASP C 512 -25.12 30.19 18.35
N ILE C 513 -23.85 30.40 18.03
CA ILE C 513 -22.89 29.31 17.92
C ILE C 513 -21.62 29.70 18.67
N PRO C 514 -20.82 28.74 19.08
CA PRO C 514 -19.50 29.05 19.60
C PRO C 514 -18.60 29.55 18.47
N PRO C 515 -17.57 30.33 18.78
CA PRO C 515 -16.62 30.73 17.74
C PRO C 515 -15.83 29.56 17.14
N VAL C 516 -15.80 28.42 17.81
CA VAL C 516 -15.06 27.24 17.36
C VAL C 516 -16.08 26.11 17.20
N LEU C 517 -16.15 25.54 16.00
CA LEU C 517 -17.16 24.54 15.69
C LEU C 517 -16.51 23.16 15.60
N HIS C 518 -16.91 22.25 16.48
CA HIS C 518 -16.38 20.89 16.49
C HIS C 518 -17.12 20.08 15.42
N MET C 519 -16.45 19.75 14.33
CA MET C 519 -17.09 19.06 13.21
C MET C 519 -16.88 17.54 13.23
N GLY C 520 -16.23 17.00 14.27
CA GLY C 520 -16.21 15.56 14.48
C GLY C 520 -14.79 15.00 14.47
N SER C 521 -14.67 13.77 13.97
CA SER C 521 -13.41 13.04 14.02
C SER C 521 -12.54 13.39 12.81
N CYS C 522 -11.44 12.65 12.64
CA CYS C 522 -10.51 12.93 11.56
C CYS C 522 -11.07 12.61 10.18
N VAL C 523 -11.91 11.59 10.07
CA VAL C 523 -12.60 11.34 8.81
C VAL C 523 -13.61 12.45 8.55
N ASP C 524 -14.17 13.04 9.60
CA ASP C 524 -15.13 14.13 9.46
C ASP C 524 -14.50 15.40 8.91
N ILE C 525 -13.17 15.42 8.71
CA ILE C 525 -12.56 16.49 7.93
C ILE C 525 -13.18 16.54 6.54
N SER C 526 -13.68 15.40 6.04
CA SER C 526 -14.40 15.43 4.78
C SER C 526 -15.55 16.43 4.85
N ARG C 527 -16.26 16.48 5.98
CA ARG C 527 -17.30 17.49 6.16
C ARG C 527 -16.79 18.88 5.86
N ILE C 528 -15.60 19.22 6.39
CA ILE C 528 -15.02 20.53 6.12
C ILE C 528 -14.90 20.74 4.62
N LEU C 529 -14.32 19.76 3.91
CA LEU C 529 -14.25 19.82 2.46
C LEU C 529 -15.63 20.09 1.89
N ASP C 530 -16.61 19.29 2.32
CA ASP C 530 -17.98 19.47 1.85
C ASP C 530 -18.42 20.92 2.05
N LEU C 531 -18.25 21.43 3.26
CA LEU C 531 -18.65 22.81 3.54
C LEU C 531 -17.97 23.77 2.58
N VAL C 532 -16.64 23.68 2.48
CA VAL C 532 -15.91 24.60 1.62
C VAL C 532 -16.41 24.47 0.19
N GLY C 533 -16.58 23.22 -0.27
CA GLY C 533 -17.05 23.03 -1.63
C GLY C 533 -18.36 23.74 -1.87
N ARG C 534 -19.31 23.58 -0.94
CA ARG C 534 -20.60 24.24 -1.10
C ARG C 534 -20.40 25.75 -1.25
N VAL C 535 -19.59 26.33 -0.36
CA VAL C 535 -19.35 27.76 -0.45
C VAL C 535 -18.79 28.12 -1.82
N ALA C 536 -17.81 27.35 -2.28
CA ALA C 536 -17.24 27.62 -3.59
C ALA C 536 -18.31 27.52 -4.66
N ASN C 537 -19.12 26.46 -4.61
CA ASN C 537 -20.17 26.29 -5.62
C ASN C 537 -21.22 27.38 -5.54
N LEU C 538 -21.40 27.98 -4.36
CA LEU C 538 -22.37 29.07 -4.27
C LEU C 538 -21.80 30.35 -4.87
N LEU C 539 -20.50 30.52 -4.84
CA LEU C 539 -19.86 31.73 -5.33
C LEU C 539 -19.35 31.57 -6.75
N GLY C 540 -19.48 30.39 -7.34
CA GLY C 540 -19.00 30.17 -8.70
C GLY C 540 -17.51 30.31 -8.88
N VAL C 541 -16.74 29.87 -7.89
CA VAL C 541 -15.28 29.91 -7.92
C VAL C 541 -14.73 28.56 -7.47
N ASP C 542 -13.44 28.37 -7.71
CA ASP C 542 -12.74 27.20 -7.21
C ASP C 542 -12.43 27.38 -5.72
N MET C 543 -12.16 26.26 -5.06
CA MET C 543 -11.86 26.31 -3.63
C MET C 543 -10.56 27.05 -3.32
N SER C 544 -9.67 27.17 -4.29
CA SER C 544 -8.41 27.90 -4.09
C SER C 544 -8.59 29.41 -4.15
N ASP C 545 -9.76 29.90 -4.54
CA ASP C 545 -10.05 31.33 -4.55
C ASP C 545 -10.60 31.84 -3.23
N LEU C 546 -10.94 30.97 -2.32
CA LEU C 546 -11.57 31.37 -1.08
C LEU C 546 -10.54 31.69 0.01
N PRO C 547 -10.88 32.59 0.94
CA PRO C 547 -9.99 32.85 2.09
C PRO C 547 -10.14 31.80 3.17
N VAL C 548 -9.65 30.58 2.87
CA VAL C 548 -9.73 29.46 3.78
C VAL C 548 -8.33 28.88 3.97
N ALA C 549 -8.16 28.15 5.06
CA ALA C 549 -6.87 27.54 5.35
C ALA C 549 -7.08 26.35 6.28
N GLY C 550 -6.08 25.47 6.32
CA GLY C 550 -6.07 24.39 7.27
C GLY C 550 -4.77 24.44 8.05
N VAL C 551 -4.86 24.05 9.32
CA VAL C 551 -3.72 24.05 10.23
C VAL C 551 -3.64 22.71 10.94
N ALA C 552 -2.43 22.18 11.05
CA ALA C 552 -2.13 20.97 11.81
C ALA C 552 -1.01 21.32 12.79
N PRO C 553 -1.34 22.01 13.89
CA PRO C 553 -0.28 22.53 14.77
C PRO C 553 0.63 21.46 15.39
N GLU C 554 0.11 20.27 15.71
CA GLU C 554 0.86 19.29 16.50
C GLU C 554 0.71 17.88 15.92
N TRP C 555 0.70 17.74 14.59
CA TRP C 555 0.43 16.44 13.97
C TRP C 555 1.58 15.45 14.18
N MET C 556 1.23 14.17 14.20
CA MET C 556 2.23 13.11 14.32
C MET C 556 2.03 11.97 13.33
N SER C 557 0.81 11.72 12.88
CA SER C 557 0.46 10.47 12.20
C SER C 557 0.64 10.60 10.67
N GLU C 558 0.79 9.44 10.02
CA GLU C 558 0.75 9.39 8.57
C GLU C 558 -0.60 9.85 8.04
N LYS C 559 -1.67 9.56 8.77
CA LYS C 559 -2.98 10.07 8.39
C LYS C 559 -2.98 11.58 8.30
N ALA C 560 -2.29 12.27 9.21
CA ALA C 560 -2.19 13.72 9.14
C ALA C 560 -1.47 14.17 7.87
N VAL C 561 -0.44 13.44 7.46
CA VAL C 561 0.27 13.77 6.22
C VAL C 561 -0.67 13.64 5.02
N ALA C 562 -1.41 12.54 4.95
CA ALA C 562 -2.35 12.36 3.85
C ALA C 562 -3.42 13.44 3.86
N ILE C 563 -3.89 13.82 5.05
CA ILE C 563 -4.92 14.86 5.18
C ILE C 563 -4.39 16.19 4.64
N GLY C 564 -3.21 16.61 5.11
CA GLY C 564 -2.65 17.85 4.61
C GLY C 564 -2.44 17.81 3.11
N THR C 565 -1.99 16.67 2.59
CA THR C 565 -1.76 16.56 1.15
C THR C 565 -3.07 16.72 0.37
N TYR C 566 -4.14 16.06 0.80
CA TYR C 566 -5.36 16.21 0.01
C TYR C 566 -6.03 17.56 0.24
N VAL C 567 -5.83 18.18 1.41
CA VAL C 567 -6.36 19.53 1.62
C VAL C 567 -5.67 20.54 0.71
N VAL C 568 -4.34 20.45 0.60
CA VAL C 568 -3.61 21.31 -0.33
C VAL C 568 -4.01 21.01 -1.78
N THR C 569 -4.13 19.72 -2.13
CA THR C 569 -4.50 19.35 -3.49
C THR C 569 -5.90 19.84 -3.84
N SER C 570 -6.80 19.91 -2.86
CA SER C 570 -8.13 20.46 -3.08
C SER C 570 -8.12 21.97 -3.27
N GLY C 571 -7.03 22.65 -2.96
CA GLY C 571 -6.90 24.08 -3.15
C GLY C 571 -6.96 24.88 -1.87
N ILE C 572 -6.54 24.30 -0.75
CA ILE C 572 -6.59 24.96 0.54
C ILE C 572 -5.19 24.96 1.13
N ASP C 573 -4.64 26.15 1.35
CA ASP C 573 -3.32 26.28 1.96
C ASP C 573 -3.31 25.64 3.34
N THR C 574 -2.24 24.92 3.63
CA THR C 574 -2.11 24.18 4.88
C THR C 574 -0.83 24.55 5.60
N TRP C 575 -0.98 24.89 6.88
CA TRP C 575 0.13 25.17 7.77
C TRP C 575 0.42 23.93 8.63
N LEU C 576 1.69 23.56 8.72
CA LEU C 576 2.11 22.42 9.53
C LEU C 576 2.94 22.93 10.70
N GLY C 577 2.50 22.63 11.91
CA GLY C 577 3.23 23.02 13.10
C GLY C 577 4.38 22.13 13.48
N VAL C 578 4.51 20.97 12.83
CA VAL C 578 5.63 20.04 13.00
C VAL C 578 6.25 19.80 11.63
N ALA C 579 7.55 20.01 11.53
CA ALA C 579 8.23 19.85 10.24
C ALA C 579 8.16 18.38 9.79
N PRO C 580 7.71 18.10 8.57
CA PRO C 580 7.80 16.73 8.05
C PRO C 580 9.21 16.42 7.59
N PRO C 581 9.60 15.13 7.56
CA PRO C 581 10.99 14.79 7.18
C PRO C 581 11.28 15.00 5.70
N VAL C 582 11.37 16.26 5.27
CA VAL C 582 11.65 16.63 3.90
C VAL C 582 12.78 17.65 3.76
N THR C 583 13.32 18.15 4.87
CA THR C 583 14.32 19.20 4.78
C THR C 583 15.58 18.73 4.06
N GLY C 584 15.83 17.43 4.00
CA GLY C 584 16.99 16.92 3.30
C GLY C 584 16.88 17.03 1.78
N GLY C 585 15.67 17.09 1.23
CA GLY C 585 15.47 17.25 -0.20
C GLY C 585 15.05 18.66 -0.61
N PRO C 586 15.98 19.47 -1.10
CA PRO C 586 15.62 20.86 -1.48
C PRO C 586 14.54 20.92 -2.55
N GLU C 587 14.57 20.01 -3.52
CA GLU C 587 13.55 20.01 -4.56
C GLU C 587 12.17 19.71 -3.98
N VAL C 588 12.10 18.76 -3.03
CA VAL C 588 10.82 18.42 -2.41
C VAL C 588 10.27 19.59 -1.59
N VAL C 589 11.15 20.27 -0.85
CA VAL C 589 10.73 21.46 -0.10
C VAL C 589 10.18 22.51 -1.06
N ASP C 590 10.90 22.74 -2.17
CA ASP C 590 10.46 23.74 -3.14
C ASP C 590 9.13 23.35 -3.77
N ILE C 591 8.93 22.06 -4.05
CA ILE C 591 7.65 21.62 -4.62
C ILE C 591 6.52 21.85 -3.62
N LEU C 592 6.71 21.40 -2.37
CA LEU C 592 5.63 21.44 -1.39
C LEU C 592 5.28 22.87 -0.97
N THR C 593 6.28 23.75 -0.88
CA THR C 593 6.04 25.08 -0.33
C THR C 593 6.00 26.18 -1.38
N ASN C 594 6.54 25.94 -2.57
CA ASN C 594 6.52 26.96 -3.62
C ASN C 594 5.80 26.50 -4.89
N LYS C 595 6.20 25.39 -5.48
CA LYS C 595 5.69 25.03 -6.81
C LYS C 595 4.25 24.52 -6.77
N MET C 596 3.82 23.97 -5.62
CA MET C 596 2.46 23.44 -5.51
C MET C 596 1.42 24.48 -5.86
N GLU C 597 1.67 25.74 -5.51
CA GLU C 597 0.69 26.78 -5.82
C GLU C 597 0.45 26.91 -7.31
N ASP C 598 1.47 26.66 -8.14
CA ASP C 598 1.26 26.69 -9.58
C ASP C 598 0.37 25.54 -10.05
N TRP C 599 0.40 24.40 -9.36
CA TRP C 599 -0.37 23.24 -9.78
C TRP C 599 -1.83 23.34 -9.34
N VAL C 600 -2.06 23.49 -8.05
CA VAL C 600 -3.41 23.38 -7.48
C VAL C 600 -3.86 24.66 -6.79
N GLY C 601 -3.08 25.72 -6.86
CA GLY C 601 -3.46 27.00 -6.28
C GLY C 601 -3.28 27.10 -4.79
N ALA C 602 -2.74 26.08 -4.13
CA ALA C 602 -2.44 26.11 -2.71
C ALA C 602 -1.08 25.48 -2.47
N LYS C 603 -0.58 25.59 -1.24
CA LYS C 603 0.74 25.07 -0.91
C LYS C 603 0.86 24.88 0.60
N PHE C 604 1.91 24.16 0.99
CA PHE C 604 2.21 23.94 2.40
C PHE C 604 2.98 25.11 2.98
N PHE C 605 2.71 25.40 4.24
CA PHE C 605 3.47 26.35 5.05
C PHE C 605 3.98 25.60 6.27
N ILE C 606 5.27 25.66 6.50
CA ILE C 606 5.89 25.02 7.67
C ILE C 606 6.23 26.13 8.66
N GLU C 607 5.58 26.11 9.81
CA GLU C 607 5.76 27.16 10.81
C GLU C 607 5.53 26.55 12.19
N THR C 608 6.59 26.49 12.98
CA THR C 608 6.55 25.92 14.32
C THR C 608 6.17 26.94 15.39
N ASP C 609 6.08 28.21 15.04
CA ASP C 609 5.66 29.24 15.97
C ASP C 609 4.20 29.52 15.74
N PRO C 610 3.30 29.22 16.69
CA PRO C 610 1.86 29.41 16.41
C PRO C 610 1.46 30.86 16.14
N HIS C 611 2.06 31.82 16.85
CA HIS C 611 1.74 33.22 16.61
C HIS C 611 2.12 33.65 15.21
N LYS C 612 3.31 33.25 14.76
CA LYS C 612 3.72 33.54 13.38
C LYS C 612 2.81 32.85 12.40
N ALA C 613 2.39 31.62 12.70
CA ALA C 613 1.46 30.91 11.83
C ALA C 613 0.14 31.67 11.70
N VAL C 614 -0.38 32.20 12.81
CA VAL C 614 -1.62 32.97 12.75
C VAL C 614 -1.41 34.21 11.88
N GLU C 615 -0.30 34.91 12.07
CA GLU C 615 -0.02 36.08 11.23
C GLU C 615 0.04 35.72 9.75
N GLN C 616 0.74 34.64 9.42
CA GLN C 616 0.85 34.22 8.02
C GLN C 616 -0.49 33.81 7.45
N ILE C 617 -1.32 33.13 8.25
CA ILE C 617 -2.64 32.72 7.78
C ILE C 617 -3.48 33.96 7.46
N VAL C 618 -3.46 34.96 8.35
CA VAL C 618 -4.24 36.17 8.10
C VAL C 618 -3.74 36.90 6.86
N ASN C 619 -2.42 37.00 6.68
CA ASN C 619 -1.88 37.67 5.50
C ASN C 619 -2.26 36.94 4.21
N ARG C 620 -2.16 35.61 4.22
CA ARG C 620 -2.50 34.84 3.04
C ARG C 620 -3.99 34.97 2.72
N MET C 621 -4.84 34.93 3.74
CA MET C 621 -6.27 35.11 3.52
C MET C 621 -6.58 36.48 2.95
N ASN C 622 -5.92 37.53 3.45
CA ASN C 622 -6.13 38.87 2.90
C ASN C 622 -5.67 38.94 1.45
N GLU C 623 -4.55 38.27 1.14
CA GLU C 623 -4.08 38.24 -0.25
C GLU C 623 -5.12 37.57 -1.16
N LYS C 624 -5.69 36.44 -0.71
CA LYS C 624 -6.68 35.78 -1.54
C LYS C 624 -7.97 36.60 -1.62
N ARG C 625 -8.32 37.32 -0.56
CA ARG C 625 -9.48 38.22 -0.63
C ARG C 625 -9.25 39.33 -1.66
N LYS C 626 -8.06 39.92 -1.67
CA LYS C 626 -7.75 40.96 -2.64
C LYS C 626 -7.75 40.41 -4.06
N LYS C 627 -7.30 39.17 -4.23
CA LYS C 627 -7.43 38.53 -5.54
C LYS C 627 -8.90 38.37 -5.93
N LEU C 628 -9.74 37.95 -4.99
CA LEU C 628 -11.15 37.70 -5.28
C LEU C 628 -11.98 38.98 -5.36
N GLY C 629 -11.44 40.12 -4.92
CA GLY C 629 -12.16 41.38 -4.94
C GLY C 629 -13.01 41.67 -3.72
N ILE C 630 -13.00 40.82 -2.70
CA ILE C 630 -13.80 41.04 -1.50
C ILE C 630 -12.97 41.68 -0.38
N MET D 1 -14.12 47.15 -5.55
CA MET D 1 -14.21 47.80 -4.22
C MET D 1 -15.18 47.04 -3.32
N ASN D 2 -14.64 46.49 -2.24
CA ASN D 2 -15.44 45.69 -1.33
C ASN D 2 -16.24 46.59 -0.39
N LEU D 3 -17.00 45.97 0.52
CA LEU D 3 -17.87 46.72 1.42
C LEU D 3 -17.08 47.69 2.30
N PHE D 4 -16.00 47.21 2.90
CA PHE D 4 -15.19 48.04 3.79
C PHE D 4 -14.61 49.25 3.07
N GLN D 5 -14.08 49.02 1.87
CA GLN D 5 -13.50 50.12 1.10
C GLN D 5 -14.57 51.08 0.62
N THR D 6 -15.76 50.59 0.29
CA THR D 6 -16.85 51.47 -0.09
C THR D 6 -17.24 52.38 1.09
N VAL D 7 -17.32 51.82 2.29
CA VAL D 7 -17.69 52.60 3.46
C VAL D 7 -16.59 53.62 3.78
N PHE D 8 -15.32 53.19 3.74
CA PHE D 8 -14.24 54.14 4.02
C PHE D 8 -14.22 55.26 2.98
N THR D 9 -14.43 54.93 1.71
CA THR D 9 -14.48 55.97 0.67
C THR D 9 -15.62 56.94 0.92
N GLY D 10 -16.79 56.42 1.28
CA GLY D 10 -17.91 57.31 1.55
C GLY D 10 -17.66 58.22 2.73
N SER D 11 -17.05 57.69 3.79
CA SER D 11 -16.76 58.50 4.97
C SER D 11 -15.75 59.60 4.63
N LYS D 12 -14.76 59.28 3.81
CA LYS D 12 -13.80 60.29 3.37
C LYS D 12 -14.46 61.39 2.54
N GLN D 13 -15.38 61.01 1.65
CA GLN D 13 -16.14 62.00 0.90
C GLN D 13 -17.01 62.87 1.81
N ALA D 14 -17.63 62.26 2.84
CA ALA D 14 -18.40 63.03 3.81
C ALA D 14 -17.51 64.00 4.59
N LEU D 15 -16.32 63.56 4.97
CA LEU D 15 -15.36 64.46 5.62
C LEU D 15 -14.94 65.60 4.69
N ALA D 16 -14.70 65.31 3.43
CA ALA D 16 -14.30 66.34 2.47
C ALA D 16 -15.39 67.40 2.31
N ALA D 17 -16.65 66.96 2.24
CA ALA D 17 -17.74 67.91 2.12
C ALA D 17 -17.92 68.72 3.40
N ALA D 18 -17.70 68.08 4.55
CA ALA D 18 -17.82 68.79 5.81
C ALA D 18 -16.73 69.86 5.94
N GLU D 19 -15.51 69.53 5.52
CA GLU D 19 -14.43 70.51 5.60
C GLU D 19 -14.71 71.69 4.67
N GLY D 20 -15.25 71.43 3.48
CA GLY D 20 -15.51 72.51 2.55
C GLY D 20 -16.58 73.47 3.04
N ILE D 21 -17.65 72.92 3.62
CA ILE D 21 -18.74 73.79 4.04
C ILE D 21 -18.36 74.51 5.33
N VAL D 22 -17.53 73.90 6.17
CA VAL D 22 -17.08 74.61 7.36
C VAL D 22 -16.19 75.77 6.95
N LYS D 23 -15.36 75.58 5.91
CA LYS D 23 -14.52 76.68 5.46
C LYS D 23 -15.37 77.85 4.98
N GLN D 24 -16.48 77.55 4.30
CA GLN D 24 -17.37 78.63 3.87
C GLN D 24 -17.96 79.37 5.06
N ALA D 25 -18.34 78.63 6.11
CA ALA D 25 -18.91 79.27 7.30
C ALA D 25 -17.89 80.15 7.99
N VAL D 26 -16.64 79.71 8.07
CA VAL D 26 -15.59 80.52 8.68
C VAL D 26 -15.34 81.78 7.88
N ASP D 27 -15.29 81.67 6.55
CA ASP D 27 -15.00 82.83 5.71
C ASP D 27 -16.13 83.84 5.69
N GLU D 28 -17.38 83.40 5.82
CA GLU D 28 -18.51 84.32 5.71
C GLU D 28 -18.99 84.82 7.07
N LYS D 29 -18.95 84.00 8.11
CA LYS D 29 -19.51 84.35 9.41
C LYS D 29 -18.46 84.47 10.51
N GLY D 30 -17.28 83.90 10.33
CA GLY D 30 -16.26 83.94 11.37
C GLY D 30 -16.46 82.87 12.42
N ARG D 31 -15.37 82.60 13.16
CA ARG D 31 -15.38 81.54 14.16
C ARG D 31 -16.16 81.91 15.40
N ASP D 32 -16.54 83.17 15.58
CA ASP D 32 -17.34 83.57 16.73
C ASP D 32 -18.83 83.51 16.48
N TYR D 33 -19.24 83.25 15.24
CA TYR D 33 -20.66 83.18 14.92
C TYR D 33 -21.29 81.95 15.57
N LYS D 34 -22.53 82.12 16.03
CA LYS D 34 -23.21 81.06 16.78
C LYS D 34 -23.60 79.90 15.86
N VAL D 35 -23.47 78.68 16.39
CA VAL D 35 -23.88 77.47 15.72
C VAL D 35 -24.97 76.81 16.56
N ALA D 36 -26.13 76.57 15.96
CA ALA D 36 -27.22 75.95 16.69
C ALA D 36 -28.21 75.34 15.71
N PHE D 37 -29.03 74.43 16.21
CA PHE D 37 -30.16 73.84 15.53
C PHE D 37 -31.46 74.42 16.10
N PRO D 38 -32.49 74.59 15.28
CA PRO D 38 -33.70 75.27 15.79
C PRO D 38 -34.40 74.45 16.85
N ASP D 39 -34.50 75.01 18.05
CA ASP D 39 -35.27 74.45 19.16
C ASP D 39 -34.79 73.04 19.57
N THR D 40 -33.59 73.00 20.14
CA THR D 40 -33.07 71.75 20.73
C THR D 40 -32.19 72.09 21.92
N ALA D 41 -32.22 71.21 22.93
CA ALA D 41 -31.35 71.36 24.09
C ALA D 41 -30.08 70.52 24.02
N TYR D 42 -29.87 69.74 22.96
CA TYR D 42 -28.74 68.83 22.83
C TYR D 42 -27.65 69.35 21.89
N SER D 43 -27.67 70.64 21.55
CA SER D 43 -26.73 71.23 20.61
C SER D 43 -26.70 70.46 19.29
N LEU D 44 -25.56 69.91 18.87
CA LEU D 44 -25.56 68.96 17.76
C LEU D 44 -25.68 67.57 18.37
N PRO D 45 -26.83 66.89 18.23
CA PRO D 45 -27.04 65.67 19.01
C PRO D 45 -26.02 64.56 18.79
N VAL D 46 -25.57 64.34 17.56
CA VAL D 46 -24.64 63.23 17.31
C VAL D 46 -23.31 63.46 18.00
N ILE D 47 -22.77 64.68 17.91
CA ILE D 47 -21.53 65.02 18.58
C ILE D 47 -21.71 65.02 20.09
N PHE D 48 -22.84 65.54 20.57
CA PHE D 48 -23.09 65.51 22.01
C PHE D 48 -23.20 64.08 22.51
N ALA D 49 -23.85 63.20 21.75
CA ALA D 49 -23.96 61.80 22.14
C ALA D 49 -22.60 61.12 22.15
N ALA D 50 -21.77 61.38 21.13
CA ALA D 50 -20.51 60.67 21.01
C ALA D 50 -19.47 61.18 22.00
N THR D 51 -19.43 62.48 22.25
CA THR D 51 -18.38 63.10 23.05
C THR D 51 -18.87 63.82 24.30
N GLY D 52 -20.15 64.18 24.37
CA GLY D 52 -20.66 64.97 25.48
C GLY D 52 -20.44 66.46 25.35
N LYS D 53 -19.78 66.91 24.29
CA LYS D 53 -19.50 68.33 24.09
C LYS D 53 -20.63 69.01 23.35
N LYS D 54 -20.98 70.20 23.81
CA LYS D 54 -21.94 71.07 23.13
C LYS D 54 -21.19 72.08 22.28
N ILE D 55 -21.58 72.20 21.02
CA ILE D 55 -20.93 73.09 20.07
C ILE D 55 -21.82 74.30 19.88
N THR D 56 -21.27 75.49 20.14
CA THR D 56 -22.03 76.72 20.13
C THR D 56 -21.58 77.73 19.07
N ASN D 57 -20.30 77.76 18.73
CA ASN D 57 -19.77 78.72 17.76
C ASN D 57 -19.18 77.97 16.57
N VAL D 58 -18.86 78.74 15.51
CA VAL D 58 -18.31 78.16 14.30
C VAL D 58 -16.91 77.59 14.55
N GLY D 59 -16.12 78.23 15.40
CA GLY D 59 -14.78 77.73 15.68
C GLY D 59 -14.80 76.32 16.26
N GLU D 60 -15.78 76.03 17.10
CA GLU D 60 -15.90 74.68 17.63
C GLU D 60 -16.45 73.74 16.57
N LEU D 61 -17.25 74.24 15.63
CA LEU D 61 -17.70 73.39 14.54
C LEU D 61 -16.50 72.94 13.71
N GLU D 62 -15.57 73.86 13.47
CA GLU D 62 -14.34 73.50 12.76
C GLU D 62 -13.51 72.51 13.56
N GLY D 63 -13.53 72.65 14.89
CA GLY D 63 -12.82 71.68 15.72
C GLY D 63 -13.51 70.34 15.85
N ALA D 64 -14.76 70.23 15.43
CA ALA D 64 -15.47 68.95 15.40
C ALA D 64 -15.08 68.06 14.23
N LEU D 65 -14.38 68.60 13.23
CA LEU D 65 -13.90 67.77 12.12
C LEU D 65 -12.88 66.72 12.60
N ASP D 66 -12.18 67.00 13.70
CA ASP D 66 -11.25 66.02 14.24
C ASP D 66 -11.98 64.78 14.77
N ILE D 67 -13.22 64.93 15.22
CA ILE D 67 -14.00 63.74 15.61
C ILE D 67 -14.22 62.84 14.41
N VAL D 68 -14.56 63.43 13.26
CA VAL D 68 -14.75 62.64 12.05
C VAL D 68 -13.45 61.98 11.66
N ARG D 69 -12.34 62.72 11.74
CA ARG D 69 -11.06 62.14 11.35
C ARG D 69 -10.69 60.98 12.25
N SER D 70 -10.91 61.11 13.55
CA SER D 70 -10.55 60.06 14.50
C SER D 70 -11.46 58.85 14.37
N LEU D 71 -12.61 58.98 13.73
CA LEU D 71 -13.51 57.84 13.59
C LEU D 71 -13.26 57.03 12.32
N ILE D 72 -12.35 57.47 11.44
CA ILE D 72 -12.06 56.77 10.20
C ILE D 72 -10.70 56.10 10.32
N VAL D 73 -10.69 54.83 10.70
CA VAL D 73 -9.48 53.99 10.71
C VAL D 73 -9.67 52.91 9.65
N GLU D 74 -8.85 52.97 8.61
CA GLU D 74 -9.04 52.11 7.43
C GLU D 74 -8.38 50.75 7.65
N GLU D 75 -9.00 49.98 8.53
CA GLU D 75 -8.63 48.60 8.78
C GLU D 75 -9.89 47.75 8.63
N GLU D 76 -9.78 46.66 7.86
CA GLU D 76 -10.95 45.87 7.48
C GLU D 76 -11.36 44.93 8.62
N MET D 77 -11.92 45.54 9.65
CA MET D 77 -12.55 44.82 10.75
C MET D 77 -13.88 45.50 11.05
N LEU D 78 -14.83 44.72 11.58
CA LEU D 78 -16.21 45.20 11.68
C LEU D 78 -16.31 46.44 12.55
N ASP D 79 -15.54 46.51 13.63
CA ASP D 79 -15.61 47.66 14.52
C ASP D 79 -15.20 48.94 13.79
N LYS D 80 -14.16 48.86 12.96
CA LYS D 80 -13.73 50.05 12.21
C LYS D 80 -14.80 50.48 11.21
N LEU D 81 -15.47 49.51 10.59
CA LEU D 81 -16.54 49.83 9.65
C LEU D 81 -17.69 50.56 10.34
N LEU D 82 -18.07 50.10 11.54
CA LEU D 82 -19.12 50.78 12.29
C LEU D 82 -18.68 52.17 12.75
N ASN D 83 -17.41 52.31 13.17
CA ASN D 83 -16.91 53.62 13.51
C ASN D 83 -16.88 54.56 12.30
N SER D 84 -16.55 54.03 11.13
CA SER D 84 -16.56 54.86 9.93
C SER D 84 -17.98 55.28 9.54
N GLY D 85 -18.96 54.41 9.74
CA GLY D 85 -20.34 54.81 9.54
C GLY D 85 -20.71 55.95 10.48
N LEU D 86 -20.26 55.87 11.73
CA LEU D 86 -20.51 56.96 12.66
C LEU D 86 -19.77 58.22 12.25
N ALA D 87 -18.61 58.07 11.59
CA ALA D 87 -17.89 59.23 11.08
C ALA D 87 -18.73 59.95 10.03
N THR D 88 -19.39 59.18 9.16
CA THR D 88 -20.29 59.77 8.18
C THR D 88 -21.46 60.48 8.86
N ALA D 89 -21.98 59.88 9.93
CA ALA D 89 -23.10 60.51 10.64
C ALA D 89 -22.68 61.83 11.29
N VAL D 90 -21.49 61.88 11.89
CA VAL D 90 -20.98 63.12 12.46
C VAL D 90 -20.71 64.14 11.37
N ALA D 91 -20.11 63.73 10.26
CA ALA D 91 -19.84 64.67 9.17
C ALA D 91 -21.14 65.23 8.60
N ALA D 92 -22.16 64.38 8.44
CA ALA D 92 -23.45 64.84 7.94
C ALA D 92 -24.06 65.85 8.89
N GLU D 93 -23.92 65.61 10.19
CA GLU D 93 -24.44 66.57 11.17
C GLU D 93 -23.71 67.91 11.06
N ILE D 94 -22.40 67.88 10.86
CA ILE D 94 -21.63 69.11 10.72
C ILE D 94 -22.08 69.88 9.46
N ILE D 95 -22.32 69.16 8.38
CA ILE D 95 -22.81 69.78 7.14
C ILE D 95 -24.18 70.43 7.36
N GLU D 96 -25.10 69.73 8.02
CA GLU D 96 -26.41 70.32 8.26
C GLU D 96 -26.34 71.52 9.21
N ALA D 97 -25.48 71.45 10.22
CA ALA D 97 -25.33 72.59 11.11
C ALA D 97 -24.79 73.79 10.33
N ALA D 98 -23.83 73.55 9.44
CA ALA D 98 -23.32 74.68 8.69
C ALA D 98 -24.37 75.22 7.75
N LYS D 99 -25.34 74.39 7.33
CA LYS D 99 -26.42 74.89 6.48
C LYS D 99 -27.22 75.94 7.21
N TYR D 100 -27.52 75.68 8.49
CA TYR D 100 -28.27 76.68 9.26
C TYR D 100 -27.44 77.91 9.56
N VAL D 101 -26.11 77.76 9.66
CA VAL D 101 -25.24 78.92 9.86
C VAL D 101 -25.21 79.80 8.61
N LEU D 102 -25.04 79.20 7.44
CA LEU D 102 -24.87 79.97 6.20
C LEU D 102 -26.18 80.64 5.78
N SER D 103 -27.30 79.92 5.81
CA SER D 103 -28.57 80.44 5.33
C SER D 103 -29.59 80.32 6.45
N ASP D 104 -30.36 81.39 6.66
CA ASP D 104 -31.20 81.44 7.85
C ASP D 104 -32.25 80.35 7.85
N ALA D 105 -32.90 80.08 6.71
CA ALA D 105 -33.84 78.97 6.63
C ALA D 105 -33.37 78.09 5.48
N PRO D 106 -32.57 77.04 5.73
CA PRO D 106 -31.98 76.36 4.57
C PRO D 106 -32.93 75.40 3.90
N TYR D 107 -34.00 74.98 4.56
CA TYR D 107 -34.95 74.03 4.00
C TYR D 107 -36.23 74.74 3.62
N ALA D 108 -36.71 74.49 2.41
CA ALA D 108 -37.99 75.02 1.97
C ALA D 108 -38.99 73.88 1.92
N GLU D 109 -40.26 74.19 2.22
CA GLU D 109 -41.28 73.15 2.22
C GLU D 109 -41.38 72.53 0.83
N PRO D 110 -41.71 71.24 0.72
CA PRO D 110 -42.17 70.31 1.76
C PRO D 110 -41.10 69.83 2.73
N CYS D 111 -39.81 70.05 2.45
CA CYS D 111 -38.76 69.55 3.35
C CYS D 111 -38.80 70.28 4.68
N VAL D 112 -38.62 69.52 5.76
CA VAL D 112 -38.69 70.09 7.10
C VAL D 112 -37.31 70.26 7.73
N GLY D 113 -36.30 69.58 7.23
CA GLY D 113 -34.97 69.72 7.80
C GLY D 113 -34.90 69.15 9.20
N PHE D 114 -34.35 69.95 10.11
CA PHE D 114 -34.15 69.51 11.48
C PHE D 114 -35.48 69.33 12.20
N ILE D 115 -35.53 68.33 13.08
CA ILE D 115 -36.72 68.03 13.88
C ILE D 115 -36.47 68.49 15.31
N SER D 116 -37.29 69.42 15.79
CA SER D 116 -37.07 70.02 17.08
C SER D 116 -37.42 69.05 18.21
N ASP D 117 -36.90 69.35 19.40
CA ASP D 117 -37.16 68.52 20.56
C ASP D 117 -38.64 68.38 20.91
N PRO D 118 -39.47 69.44 20.90
CA PRO D 118 -40.88 69.23 21.22
C PRO D 118 -41.56 68.23 20.30
N ILE D 119 -41.16 68.17 19.03
CA ILE D 119 -41.73 67.17 18.14
C ILE D 119 -41.35 65.77 18.61
N ILE D 120 -40.09 65.59 19.02
CA ILE D 120 -39.65 64.29 19.48
C ILE D 120 -40.44 63.87 20.71
N ARG D 121 -40.64 64.79 21.66
CA ARG D 121 -41.47 64.46 22.82
C ARG D 121 -42.92 64.18 22.41
N SER D 122 -43.40 64.83 21.36
CA SER D 122 -44.75 64.60 20.87
C SER D 122 -44.93 63.19 20.32
N LEU D 123 -43.97 62.72 19.53
CA LEU D 123 -44.06 61.37 18.96
C LEU D 123 -43.34 60.31 19.79
N GLY D 124 -42.71 60.70 20.90
CA GLY D 124 -42.04 59.74 21.75
C GLY D 124 -42.99 58.80 22.47
N VAL D 125 -44.12 59.32 22.93
CA VAL D 125 -45.10 58.47 23.60
C VAL D 125 -45.62 57.38 22.68
N PRO D 126 -46.05 57.67 21.44
CA PRO D 126 -46.42 56.58 20.55
C PRO D 126 -45.29 55.61 20.26
N LEU D 127 -44.04 56.06 20.30
CA LEU D 127 -42.93 55.15 20.08
C LEU D 127 -42.79 54.17 21.24
N VAL D 128 -43.12 54.59 22.45
CA VAL D 128 -42.97 53.71 23.61
C VAL D 128 -44.16 52.77 23.70
N THR D 129 -45.37 53.27 23.44
CA THR D 129 -46.56 52.43 23.57
C THR D 129 -46.76 51.50 22.38
N GLY D 130 -45.98 51.64 21.32
CA GLY D 130 -46.16 50.84 20.14
C GLY D 130 -47.20 51.35 19.17
N ASP D 131 -47.79 52.52 19.43
CA ASP D 131 -48.70 53.12 18.47
C ASP D 131 -47.99 53.44 17.17
N ILE D 132 -46.69 53.71 17.25
CA ILE D 132 -45.85 53.78 16.06
C ILE D 132 -45.03 52.50 16.03
N PRO D 133 -45.39 51.52 15.19
CA PRO D 133 -44.66 50.25 15.20
C PRO D 133 -43.20 50.38 14.82
N GLY D 134 -42.82 51.40 14.05
CA GLY D 134 -41.44 51.55 13.66
C GLY D 134 -41.25 52.82 12.85
N VAL D 135 -39.99 53.06 12.50
CA VAL D 135 -39.59 54.22 11.71
C VAL D 135 -38.99 53.72 10.40
N ALA D 136 -39.63 54.06 9.30
CA ALA D 136 -39.20 53.68 7.96
C ALA D 136 -38.41 54.84 7.36
N VAL D 137 -37.10 54.67 7.24
CA VAL D 137 -36.23 55.70 6.66
C VAL D 137 -36.05 55.34 5.19
N ILE D 138 -36.74 56.06 4.32
CA ILE D 138 -36.73 55.79 2.89
C ILE D 138 -35.90 56.87 2.21
N LEU D 139 -34.84 56.46 1.52
CA LEU D 139 -33.99 57.41 0.80
C LEU D 139 -33.64 56.86 -0.57
N GLY D 140 -33.38 57.76 -1.50
CA GLY D 140 -33.03 57.39 -2.85
C GLY D 140 -34.14 57.68 -3.84
N GLU D 141 -34.28 56.82 -4.84
CA GLU D 141 -35.33 56.97 -5.83
C GLU D 141 -35.81 55.60 -6.27
N CYS D 142 -37.13 55.44 -6.34
CA CYS D 142 -37.71 54.21 -6.85
C CYS D 142 -37.76 54.24 -8.36
N PRO D 143 -37.95 53.07 -9.00
CA PRO D 143 -38.03 53.06 -10.47
C PRO D 143 -39.14 53.90 -11.03
N ASP D 144 -40.25 54.08 -10.31
CA ASP D 144 -41.32 54.96 -10.76
C ASP D 144 -42.02 55.55 -9.54
N SER D 145 -42.79 56.60 -9.79
CA SER D 145 -43.46 57.31 -8.70
C SER D 145 -44.49 56.43 -8.02
N GLU D 146 -45.22 55.62 -8.78
CA GLU D 146 -46.25 54.77 -8.19
C GLU D 146 -45.66 53.71 -7.28
N THR D 147 -44.48 53.17 -7.62
CA THR D 147 -43.83 52.20 -6.73
C THR D 147 -43.49 52.83 -5.38
N ALA D 148 -42.95 54.05 -5.40
CA ALA D 148 -42.65 54.74 -4.15
C ALA D 148 -43.92 55.06 -3.39
N ALA D 149 -44.96 55.52 -4.09
CA ALA D 149 -46.20 55.86 -3.40
C ALA D 149 -46.81 54.62 -2.76
N LYS D 150 -46.77 53.48 -3.45
CA LYS D 150 -47.31 52.25 -2.91
C LYS D 150 -46.59 51.85 -1.64
N ILE D 151 -45.26 51.87 -1.66
CA ILE D 151 -44.50 51.45 -0.48
C ILE D 151 -44.72 52.42 0.68
N ILE D 152 -44.67 53.72 0.39
CA ILE D 152 -44.83 54.73 1.44
C ILE D 152 -46.22 54.64 2.05
N LYS D 153 -47.26 54.53 1.24
CA LYS D 153 -48.60 54.45 1.78
C LYS D 153 -48.84 53.11 2.47
N ASP D 154 -48.14 52.06 2.06
CA ASP D 154 -48.20 50.80 2.80
C ASP D 154 -47.66 50.97 4.21
N TYR D 155 -46.51 51.65 4.34
CA TYR D 155 -45.99 51.94 5.68
C TYR D 155 -46.92 52.85 6.46
N GLN D 156 -47.49 53.85 5.80
CA GLN D 156 -48.39 54.78 6.48
C GLN D 156 -49.66 54.09 6.97
N SER D 157 -50.23 53.21 6.16
CA SER D 157 -51.45 52.50 6.55
C SER D 157 -51.21 51.55 7.72
N LYS D 158 -49.96 51.15 7.95
CA LYS D 158 -49.62 50.29 9.07
C LYS D 158 -49.26 51.07 10.32
N GLY D 159 -49.35 52.40 10.29
CA GLY D 159 -49.07 53.22 11.44
C GLY D 159 -47.61 53.58 11.65
N LEU D 160 -46.72 53.18 10.75
CA LEU D 160 -45.32 53.52 10.90
C LEU D 160 -45.06 54.97 10.51
N LEU D 161 -44.10 55.57 11.19
CA LEU D 161 -43.61 56.89 10.82
C LEU D 161 -42.54 56.73 9.76
N THR D 162 -42.78 57.28 8.57
CA THR D 162 -41.84 57.19 7.46
C THR D 162 -41.22 58.55 7.21
N CYS D 163 -39.89 58.55 7.06
CA CYS D 163 -39.11 59.73 6.74
C CYS D 163 -38.52 59.57 5.34
N LEU D 164 -38.46 60.67 4.58
CA LEU D 164 -38.09 60.63 3.18
C LEU D 164 -36.85 61.47 2.93
N VAL D 165 -35.89 60.92 2.19
CA VAL D 165 -34.67 61.63 1.79
C VAL D 165 -34.47 61.42 0.30
N GLY D 166 -34.21 62.51 -0.42
CA GLY D 166 -33.89 62.40 -1.83
C GLY D 166 -35.11 62.50 -2.73
N LYS D 167 -34.96 61.93 -3.93
CA LYS D 167 -35.95 62.05 -4.98
C LYS D 167 -37.25 61.34 -4.67
N VAL D 168 -37.29 60.46 -3.67
CA VAL D 168 -38.54 59.84 -3.26
C VAL D 168 -39.53 60.88 -2.74
N ILE D 169 -39.04 62.03 -2.27
CA ILE D 169 -39.94 63.11 -1.87
C ILE D 169 -40.75 63.60 -3.07
N ASP D 170 -40.09 63.79 -4.20
CA ASP D 170 -40.80 64.21 -5.41
C ASP D 170 -41.65 63.09 -5.95
N GLN D 171 -41.14 61.86 -5.92
CA GLN D 171 -41.92 60.74 -6.43
C GLN D 171 -43.19 60.55 -5.60
N ALA D 172 -43.10 60.70 -4.29
CA ALA D 172 -44.28 60.60 -3.43
C ALA D 172 -45.26 61.73 -3.71
N ILE D 173 -44.76 62.93 -3.99
CA ILE D 173 -45.65 64.04 -4.37
C ILE D 173 -46.36 63.73 -5.69
N GLU D 174 -45.63 63.18 -6.67
CA GLU D 174 -46.25 62.73 -7.90
C GLU D 174 -47.24 61.60 -7.66
N GLY D 175 -46.94 60.73 -6.69
CA GLY D 175 -47.85 59.69 -6.27
C GLY D 175 -48.94 60.14 -5.34
N LYS D 176 -48.97 61.42 -5.00
CA LYS D 176 -50.03 62.01 -4.18
C LYS D 176 -50.11 61.37 -2.81
N VAL D 177 -48.97 61.31 -2.13
CA VAL D 177 -48.90 60.88 -0.75
C VAL D 177 -49.06 62.10 0.15
N LYS D 178 -50.00 62.04 1.08
CA LYS D 178 -50.28 63.17 1.96
C LYS D 178 -49.21 63.22 3.05
N MET D 179 -48.40 64.27 3.04
CA MET D 179 -47.24 64.38 3.92
C MET D 179 -47.58 65.30 5.09
N GLY D 180 -47.20 64.86 6.29
CA GLY D 180 -47.37 65.68 7.47
C GLY D 180 -46.90 64.92 8.70
N LEU D 181 -46.73 65.68 9.79
CA LEU D 181 -46.37 65.07 11.05
C LEU D 181 -47.51 64.23 11.60
N ASP D 182 -48.75 64.71 11.48
CA ASP D 182 -49.90 63.92 11.90
C ASP D 182 -50.16 62.80 10.92
N LEU D 183 -49.77 62.96 9.65
CA LEU D 183 -49.88 61.91 8.66
C LEU D 183 -48.69 60.98 8.67
N ARG D 184 -47.69 61.25 9.51
CA ARG D 184 -46.53 60.36 9.70
C ARG D 184 -45.76 60.13 8.40
N VAL D 185 -45.66 61.16 7.57
CA VAL D 185 -44.87 61.13 6.35
C VAL D 185 -44.05 62.42 6.34
N ILE D 186 -42.80 62.34 6.75
CA ILE D 186 -41.97 63.51 6.98
C ILE D 186 -40.87 63.53 5.91
N PRO D 187 -40.90 64.47 4.96
CA PRO D 187 -39.74 64.65 4.07
C PRO D 187 -38.69 65.51 4.73
N LEU D 188 -37.48 64.97 4.86
CA LEU D 188 -36.38 65.65 5.54
C LEU D 188 -35.60 66.58 4.63
N GLY D 189 -35.27 66.12 3.43
CA GLY D 189 -34.49 66.93 2.50
C GLY D 189 -34.03 66.13 1.31
N TYR D 190 -33.63 66.82 0.24
CA TYR D 190 -33.21 66.15 -0.98
C TYR D 190 -31.76 65.68 -0.93
N ASP D 191 -30.96 66.15 0.01
CA ASP D 191 -29.57 65.73 0.12
C ASP D 191 -29.43 64.56 1.08
N VAL D 192 -28.42 63.73 0.83
CA VAL D 192 -28.21 62.52 1.63
C VAL D 192 -27.96 62.89 3.09
N THR D 193 -27.26 63.99 3.33
CA THR D 193 -26.96 64.39 4.70
C THR D 193 -28.21 64.68 5.52
N SER D 194 -29.35 64.91 4.87
CA SER D 194 -30.59 65.15 5.59
C SER D 194 -31.07 63.92 6.34
N VAL D 195 -30.51 62.75 6.06
CA VAL D 195 -30.88 61.56 6.81
C VAL D 195 -30.43 61.66 8.26
N ILE D 196 -29.49 62.57 8.55
CA ILE D 196 -29.06 62.75 9.93
C ILE D 196 -30.18 63.30 10.78
N HIS D 197 -31.18 63.93 10.16
CA HIS D 197 -32.25 64.54 10.91
C HIS D 197 -33.18 63.49 11.51
N VAL D 198 -33.27 62.31 10.92
CA VAL D 198 -33.97 61.22 11.60
C VAL D 198 -33.02 60.43 12.52
N VAL D 199 -31.73 60.44 12.23
CA VAL D 199 -30.77 59.82 13.14
C VAL D 199 -30.76 60.53 14.49
N THR D 200 -30.78 61.85 14.48
CA THR D 200 -30.81 62.59 15.74
C THR D 200 -32.10 62.34 16.51
N ILE D 201 -33.18 61.97 15.82
CA ILE D 201 -34.40 61.58 16.52
C ILE D 201 -34.14 60.35 17.37
N ALA D 202 -33.48 59.35 16.81
CA ALA D 202 -33.14 58.18 17.60
C ALA D 202 -32.12 58.51 18.69
N ILE D 203 -31.16 59.38 18.37
CA ILE D 203 -30.14 59.76 19.36
C ILE D 203 -30.78 60.50 20.53
N ARG D 204 -31.63 61.47 20.25
CA ARG D 204 -32.26 62.21 21.33
C ARG D 204 -33.30 61.37 22.03
N ALA D 205 -33.83 60.33 21.39
CA ALA D 205 -34.70 59.42 22.11
C ALA D 205 -33.94 58.75 23.25
N ALA D 206 -32.69 58.37 23.00
CA ALA D 206 -31.87 57.87 24.09
C ALA D 206 -31.59 58.97 25.11
N LEU D 207 -31.33 60.19 24.66
CA LEU D 207 -31.04 61.29 25.59
C LEU D 207 -32.26 61.67 26.42
N ILE D 208 -33.44 61.73 25.81
CA ILE D 208 -34.63 62.21 26.50
C ILE D 208 -35.33 61.09 27.26
N PHE D 209 -35.65 59.98 26.59
CA PHE D 209 -36.41 58.91 27.21
C PHE D 209 -35.53 57.89 27.90
N GLY D 210 -34.35 57.60 27.35
CA GLY D 210 -33.46 56.66 27.99
C GLY D 210 -32.69 57.23 29.17
N GLY D 211 -32.63 58.54 29.30
CA GLY D 211 -31.90 59.15 30.40
C GLY D 211 -30.42 58.85 30.40
N ILE D 212 -29.80 58.83 29.22
CA ILE D 212 -28.38 58.55 29.07
C ILE D 212 -27.65 59.87 28.86
N LYS D 213 -26.62 60.11 29.67
CA LYS D 213 -25.87 61.34 29.56
C LYS D 213 -25.02 61.35 28.29
N GLY D 214 -24.68 62.56 27.85
CA GLY D 214 -23.84 62.69 26.67
C GLY D 214 -22.46 62.14 26.90
N GLY D 215 -21.88 61.59 25.84
CA GLY D 215 -20.58 60.96 25.91
C GLY D 215 -20.62 59.47 26.16
N GLN D 216 -21.76 58.94 26.60
CA GLN D 216 -21.92 57.50 26.79
C GLN D 216 -22.38 56.87 25.48
N LEU D 217 -21.45 56.85 24.52
CA LEU D 217 -21.80 56.46 23.16
C LEU D 217 -22.28 55.01 23.09
N ASN D 218 -21.61 54.10 23.79
CA ASN D 218 -21.99 52.70 23.73
C ASN D 218 -23.38 52.47 24.31
N ASP D 219 -23.71 53.15 25.41
CA ASP D 219 -25.05 53.05 25.97
C ASP D 219 -26.09 53.61 25.03
N ILE D 220 -25.79 54.70 24.35
CA ILE D 220 -26.72 55.28 23.39
C ILE D 220 -26.92 54.36 22.18
N LEU D 221 -25.84 53.79 21.65
CA LEU D 221 -25.98 52.84 20.55
C LEU D 221 -26.75 51.59 20.98
N LYS D 222 -26.52 51.12 22.19
CA LYS D 222 -27.30 49.99 22.70
C LYS D 222 -28.77 50.37 22.79
N TYR D 223 -29.05 51.60 23.23
CA TYR D 223 -30.43 52.02 23.37
C TYR D 223 -31.11 52.06 22.01
N THR D 224 -30.47 52.68 21.03
CA THR D 224 -31.10 52.79 19.72
C THR D 224 -31.28 51.41 19.09
N ALA D 225 -30.36 50.48 19.35
CA ALA D 225 -30.46 49.14 18.77
C ALA D 225 -31.62 48.36 19.38
N GLU D 226 -31.89 48.53 20.67
CA GLU D 226 -32.96 47.77 21.30
C GLU D 226 -34.30 48.49 21.35
N ARG D 227 -34.31 49.81 21.47
CA ARG D 227 -35.51 50.58 21.77
C ARG D 227 -36.09 51.31 20.58
N VAL D 228 -35.29 51.70 19.59
CA VAL D 228 -35.79 52.48 18.46
C VAL D 228 -35.98 51.51 17.30
N PRO D 229 -37.21 51.23 16.88
CA PRO D 229 -37.46 50.29 15.77
C PRO D 229 -37.36 50.96 14.41
N ALA D 230 -36.18 51.46 14.08
CA ALA D 230 -35.92 52.14 12.82
C ALA D 230 -35.24 51.21 11.84
N PHE D 231 -35.50 51.44 10.55
CA PHE D 231 -34.85 50.68 9.49
C PHE D 231 -34.76 51.59 8.26
N VAL D 232 -33.88 51.21 7.34
CA VAL D 232 -33.55 52.01 6.17
C VAL D 232 -33.94 51.23 4.92
N ASN D 233 -34.69 51.89 4.03
CA ASN D 233 -34.97 51.36 2.69
C ASN D 233 -34.27 52.26 1.68
N ALA D 234 -33.16 51.78 1.12
CA ALA D 234 -32.35 52.54 0.17
C ALA D 234 -32.70 52.09 -1.25
N PHE D 235 -33.36 52.96 -2.01
CA PHE D 235 -33.78 52.67 -3.37
C PHE D 235 -32.92 53.43 -4.37
N GLY D 236 -32.75 52.84 -5.55
CA GLY D 236 -31.96 53.43 -6.60
C GLY D 236 -30.48 53.20 -6.41
N PRO D 237 -29.67 53.61 -7.38
CA PRO D 237 -28.23 53.39 -7.28
C PRO D 237 -27.65 54.07 -6.05
N LEU D 238 -26.71 53.40 -5.41
CA LEU D 238 -26.15 53.82 -4.14
C LEU D 238 -24.70 54.23 -4.33
N SER D 239 -24.39 55.49 -4.01
CA SER D 239 -23.02 55.95 -4.05
C SER D 239 -22.27 55.47 -2.81
N GLU D 240 -20.96 55.72 -2.79
CA GLU D 240 -20.16 55.36 -1.64
C GLU D 240 -20.61 56.11 -0.40
N LEU D 241 -21.00 57.37 -0.55
CA LEU D 241 -21.49 58.15 0.58
C LEU D 241 -22.76 57.54 1.15
N VAL D 242 -23.67 57.09 0.28
CA VAL D 242 -24.90 56.47 0.76
C VAL D 242 -24.57 55.19 1.53
N VAL D 243 -23.64 54.39 1.01
CA VAL D 243 -23.27 53.16 1.70
C VAL D 243 -22.63 53.46 3.05
N SER D 244 -21.76 54.47 3.13
CA SER D 244 -21.16 54.82 4.40
C SER D 244 -22.19 55.34 5.40
N ALA D 245 -23.17 56.11 4.92
CA ALA D 245 -24.25 56.53 5.81
C ALA D 245 -25.08 55.33 6.26
N GLY D 246 -25.28 54.35 5.38
CA GLY D 246 -25.96 53.14 5.81
C GLY D 246 -25.17 52.42 6.88
N ALA D 247 -23.84 52.43 6.76
CA ALA D 247 -23.01 51.87 7.82
C ALA D 247 -23.23 52.61 9.13
N GLY D 248 -23.54 53.90 9.04
CA GLY D 248 -23.91 54.64 10.23
C GLY D 248 -25.23 54.17 10.81
N ALA D 249 -26.20 53.89 9.95
CA ALA D 249 -27.48 53.33 10.40
C ALA D 249 -27.28 51.96 11.05
N ILE D 250 -26.43 51.13 10.46
CA ILE D 250 -26.10 49.82 11.02
C ILE D 250 -25.39 49.98 12.36
N ALA D 251 -24.55 51.00 12.49
CA ALA D 251 -23.86 51.26 13.76
C ALA D 251 -24.87 51.55 14.85
N LEU D 252 -26.02 52.14 14.52
CA LEU D 252 -27.07 52.37 15.49
C LEU D 252 -28.02 51.19 15.65
N GLY D 253 -27.71 50.06 15.01
CA GLY D 253 -28.58 48.89 15.08
C GLY D 253 -29.75 48.90 14.14
N PHE D 254 -29.79 49.79 13.16
CA PHE D 254 -30.88 49.87 12.21
C PHE D 254 -30.52 49.10 10.95
N PRO D 255 -31.23 48.03 10.60
CA PRO D 255 -30.90 47.29 9.38
C PRO D 255 -31.18 48.10 8.13
N VAL D 256 -30.37 47.87 7.11
CA VAL D 256 -30.47 48.60 5.85
C VAL D 256 -30.96 47.63 4.78
N LEU D 257 -32.08 47.97 4.15
CA LEU D 257 -32.67 47.21 3.07
C LEU D 257 -32.53 48.01 1.79
N THR D 258 -32.25 47.33 0.69
CA THR D 258 -32.04 48.00 -0.58
C THR D 258 -32.50 47.10 -1.71
N ASP D 259 -32.78 47.72 -2.86
CA ASP D 259 -33.08 46.99 -4.08
C ASP D 259 -31.85 46.80 -4.96
N GLN D 260 -30.68 47.24 -4.49
CA GLN D 260 -29.44 47.14 -5.25
C GLN D 260 -28.65 45.92 -4.80
N VAL D 261 -27.79 45.44 -5.70
CA VAL D 261 -26.88 44.34 -5.38
C VAL D 261 -25.77 44.90 -4.48
N VAL D 262 -25.67 44.37 -3.27
CA VAL D 262 -24.69 44.82 -2.29
C VAL D 262 -24.07 43.61 -1.62
N PRO D 263 -22.92 43.79 -0.97
CA PRO D 263 -22.35 42.70 -0.16
C PRO D 263 -23.17 42.47 1.11
N GLU D 264 -24.22 41.68 0.97
CA GLU D 264 -25.19 41.49 2.03
C GLU D 264 -24.55 40.99 3.31
N VAL D 265 -25.01 41.53 4.43
CA VAL D 265 -24.65 41.09 5.78
C VAL D 265 -25.93 40.62 6.46
N PRO D 266 -26.02 39.37 6.92
CA PRO D 266 -27.28 38.88 7.49
C PRO D 266 -27.79 39.76 8.63
N THR D 267 -29.09 40.02 8.58
CA THR D 267 -29.83 40.81 9.56
C THR D 267 -29.46 42.29 9.56
N LEU D 268 -28.46 42.69 8.80
CA LEU D 268 -27.99 44.08 8.81
C LEU D 268 -28.08 44.75 7.46
N LEU D 269 -27.59 44.13 6.40
CA LEU D 269 -27.61 44.71 5.06
C LEU D 269 -28.20 43.66 4.13
N LEU D 270 -29.37 43.95 3.57
CA LEU D 270 -30.14 42.98 2.82
C LEU D 270 -30.60 43.56 1.49
N THR D 271 -30.61 42.72 0.46
CA THR D 271 -31.09 43.09 -0.86
C THR D 271 -32.45 42.46 -1.09
N GLN D 272 -33.42 43.29 -1.48
CA GLN D 272 -34.77 42.83 -1.82
C GLN D 272 -35.18 43.60 -3.08
N LYS D 273 -35.11 42.94 -4.23
CA LYS D 273 -35.52 43.56 -5.48
C LYS D 273 -37.03 43.67 -5.61
N ASP D 274 -37.77 42.71 -5.07
CA ASP D 274 -39.22 42.67 -5.20
C ASP D 274 -39.83 43.79 -4.36
N TYR D 275 -40.29 44.85 -5.03
CA TYR D 275 -40.89 45.99 -4.35
C TYR D 275 -42.21 45.62 -3.69
N ASP D 276 -42.86 44.56 -4.14
CA ASP D 276 -44.10 44.10 -3.52
C ASP D 276 -43.87 43.43 -2.17
N LYS D 277 -42.63 43.08 -1.84
CA LYS D 277 -42.32 42.44 -0.58
C LYS D 277 -41.36 43.24 0.29
N MET D 278 -40.99 44.46 -0.11
CA MET D 278 -40.02 45.25 0.64
C MET D 278 -40.55 45.64 2.02
N VAL D 279 -41.83 46.02 2.11
CA VAL D 279 -42.39 46.37 3.41
C VAL D 279 -42.38 45.17 4.36
N LYS D 280 -42.79 44.00 3.87
CA LYS D 280 -42.80 42.82 4.73
C LYS D 280 -41.38 42.38 5.08
N THR D 281 -40.44 42.55 4.13
CA THR D 281 -39.06 42.22 4.43
C THR D 281 -38.52 43.12 5.54
N SER D 282 -38.86 44.41 5.48
CA SER D 282 -38.34 45.33 6.47
C SER D 282 -38.94 45.06 7.85
N LEU D 283 -40.23 44.77 7.89
CA LEU D 283 -40.88 44.50 9.17
C LEU D 283 -40.28 43.25 9.82
N GLU D 284 -40.02 42.21 9.03
CA GLU D 284 -39.35 41.04 9.58
C GLU D 284 -37.93 41.38 10.01
N ALA D 285 -37.22 42.18 9.21
CA ALA D 285 -35.82 42.49 9.53
C ALA D 285 -35.71 43.34 10.78
N ARG D 286 -36.70 44.18 11.05
CA ARG D 286 -36.70 45.01 12.25
C ARG D 286 -37.56 44.43 13.37
N ASN D 287 -38.11 43.23 13.18
CA ASN D 287 -38.96 42.58 14.18
C ASN D 287 -40.16 43.44 14.56
N ILE D 288 -40.76 44.08 13.57
CA ILE D 288 -41.89 44.95 13.77
C ILE D 288 -43.17 44.16 13.58
N LYS D 289 -44.09 44.28 14.53
CA LYS D 289 -45.38 43.60 14.49
C LYS D 289 -46.48 44.64 14.52
N ILE D 290 -47.46 44.48 13.62
CA ILE D 290 -48.61 45.36 13.53
C ILE D 290 -49.81 44.63 14.13
N LYS D 291 -50.46 45.26 15.10
CA LYS D 291 -51.56 44.65 15.82
C LYS D 291 -52.89 44.92 15.11
N TYR E 3 40.49 11.50 21.28
CA TYR E 3 39.56 11.86 20.17
C TYR E 3 38.42 12.72 20.69
N LYS E 4 37.97 13.68 19.89
CA LYS E 4 36.91 14.59 20.31
C LYS E 4 35.89 14.75 19.19
N ILE E 5 34.62 14.65 19.55
CA ILE E 5 33.53 14.81 18.61
C ILE E 5 33.17 16.29 18.50
N THR E 6 32.56 16.67 17.38
CA THR E 6 32.26 18.06 17.08
C THR E 6 30.77 18.23 16.81
N GLU E 7 30.37 19.49 16.62
CA GLU E 7 28.97 19.81 16.34
C GLU E 7 28.49 19.27 15.00
N ASP E 8 29.41 18.84 14.13
CA ASP E 8 29.04 18.28 12.84
C ASP E 8 28.23 17.00 13.00
N CYS E 9 28.24 16.41 14.20
CA CYS E 9 27.54 15.16 14.45
C CYS E 9 26.04 15.30 14.25
N VAL E 10 25.46 14.37 13.48
CA VAL E 10 24.02 14.33 13.26
C VAL E 10 23.36 13.23 14.08
N SER E 11 24.11 12.60 14.99
CA SER E 11 23.57 11.60 15.90
C SER E 11 23.01 10.38 15.15
N CYS E 12 23.88 9.71 14.40
CA CYS E 12 23.48 8.50 13.70
C CYS E 12 23.79 7.24 14.52
N GLY E 13 24.51 7.36 15.62
CA GLY E 13 24.80 6.26 16.53
C GLY E 13 25.85 5.26 16.09
N SER E 14 26.50 5.46 14.95
CA SER E 14 27.44 4.46 14.45
C SER E 14 28.70 4.37 15.31
N CYS E 15 29.24 5.52 15.68
CA CYS E 15 30.47 5.53 16.45
C CYS E 15 30.25 4.88 17.80
N ALA E 16 29.11 5.15 18.42
CA ALA E 16 28.85 4.65 19.76
C ALA E 16 29.17 3.15 19.81
N SER E 17 28.42 2.36 19.05
CA SER E 17 28.58 0.91 19.09
C SER E 17 29.96 0.49 18.61
N GLU E 18 30.47 1.12 17.54
CA GLU E 18 31.74 0.64 16.99
C GLU E 18 32.88 0.79 17.99
N CYS E 19 32.85 1.83 18.81
CA CYS E 19 33.85 2.10 19.84
C CYS E 19 34.24 0.84 20.60
N PRO E 20 35.49 0.38 20.46
CA PRO E 20 35.96 -0.76 21.28
C PRO E 20 35.87 -0.50 22.77
N ALA E 21 36.35 0.66 23.22
CA ALA E 21 36.35 0.99 24.64
C ALA E 21 35.01 1.51 25.13
N ASP E 22 34.04 1.72 24.23
CA ASP E 22 32.71 2.20 24.60
C ASP E 22 32.78 3.55 25.32
N ALA E 23 33.73 4.38 24.92
CA ALA E 23 33.83 5.71 25.49
C ALA E 23 32.68 6.61 25.04
N ILE E 24 32.16 6.37 23.83
CA ILE E 24 31.21 7.26 23.19
C ILE E 24 29.81 7.03 23.76
N SER E 25 29.15 8.11 24.18
CA SER E 25 27.80 8.02 24.71
C SER E 25 26.93 9.13 24.12
N GLN E 26 25.64 8.85 24.00
CA GLN E 26 24.68 9.82 23.49
C GLN E 26 24.40 10.90 24.54
N GLY E 27 24.43 12.17 24.11
CA GLY E 27 24.18 13.29 25.00
C GLY E 27 23.04 14.21 24.62
N ASP E 28 23.08 15.45 25.13
CA ASP E 28 21.98 16.39 24.95
C ASP E 28 21.76 16.78 23.49
N SER E 29 22.83 17.11 22.76
CA SER E 29 22.71 17.60 21.40
C SER E 29 23.48 16.75 20.40
N GLN E 30 24.34 15.85 20.88
CA GLN E 30 25.19 15.05 20.02
C GLN E 30 25.81 13.97 20.91
N PHE E 31 26.37 12.96 20.26
CA PHE E 31 27.17 11.99 20.99
C PHE E 31 28.44 12.67 21.50
N VAL E 32 29.00 12.15 22.60
CA VAL E 32 30.19 12.71 23.22
C VAL E 32 31.19 11.60 23.49
N ILE E 33 32.46 12.01 23.57
CA ILE E 33 33.59 11.12 23.81
C ILE E 33 34.22 11.38 25.18
N ASP E 34 34.29 10.34 26.00
CA ASP E 34 34.93 10.45 27.30
C ASP E 34 36.43 10.37 27.09
N PRO E 35 37.20 11.42 27.37
CA PRO E 35 38.66 11.35 27.10
C PRO E 35 39.41 10.34 27.95
N GLU E 36 38.96 10.06 29.17
CA GLU E 36 39.71 9.19 30.06
C GLU E 36 39.73 7.75 29.58
N LYS E 37 38.68 7.30 28.89
CA LYS E 37 38.57 5.91 28.45
C LYS E 37 38.73 5.74 26.94
N CYS E 38 39.16 6.77 26.22
CA CYS E 38 39.35 6.70 24.78
C CYS E 38 40.75 6.16 24.49
N ILE E 39 40.83 5.05 23.74
CA ILE E 39 42.12 4.42 23.47
C ILE E 39 42.73 5.00 22.20
N GLU E 40 42.21 6.13 21.73
CA GLU E 40 42.77 6.82 20.58
C GLU E 40 42.83 5.95 19.32
N CYS E 41 42.02 4.89 19.23
CA CYS E 41 42.08 4.04 18.04
C CYS E 41 41.67 4.81 16.80
N GLY E 42 40.61 5.62 16.91
CA GLY E 42 40.09 6.36 15.79
C GLY E 42 39.09 5.61 14.93
N ASN E 43 38.64 4.44 15.38
CA ASN E 43 37.65 3.68 14.63
C ASN E 43 36.35 4.47 14.50
N CYS E 44 36.03 5.32 15.46
CA CYS E 44 34.82 6.14 15.37
C CYS E 44 34.91 7.10 14.18
N ALA E 45 36.05 7.74 14.00
CA ALA E 45 36.23 8.62 12.85
C ALA E 45 35.99 7.85 11.55
N ASN E 46 36.48 6.61 11.49
CA ASN E 46 36.30 5.78 10.31
C ASN E 46 34.82 5.50 10.06
N VAL E 47 34.06 5.22 11.12
CA VAL E 47 32.65 4.84 11.02
C VAL E 47 31.79 6.08 11.25
N CYS E 48 31.85 7.04 10.34
CA CYS E 48 31.06 8.25 10.43
C CYS E 48 30.69 8.79 9.05
N PRO E 49 29.39 8.89 8.73
CA PRO E 49 28.98 9.43 7.42
C PRO E 49 29.30 10.89 7.21
N VAL E 50 29.57 11.64 8.27
CA VAL E 50 29.83 13.07 8.18
C VAL E 50 31.22 13.44 8.66
N GLY E 51 31.97 12.48 9.21
CA GLY E 51 33.30 12.76 9.72
C GLY E 51 33.32 13.71 10.89
N ALA E 52 32.37 13.54 11.81
CA ALA E 52 32.34 14.41 13.00
C ALA E 52 33.47 14.10 13.95
N PRO E 53 33.78 12.83 14.28
CA PRO E 53 34.82 12.57 15.28
C PRO E 53 36.20 13.03 14.81
N VAL E 54 36.77 13.97 15.54
CA VAL E 54 38.11 14.48 15.22
C VAL E 54 39.01 14.27 16.44
FE1 SF4 F . 8.57 5.88 17.05
FE2 SF4 F . 6.24 4.44 17.40
FE3 SF4 F . 7.66 4.19 15.07
FE4 SF4 F . 6.31 6.52 15.62
S1 SF4 F . 5.42 4.45 15.27
S2 SF4 F . 8.44 6.34 14.81
S3 SF4 F . 6.58 6.64 17.88
S4 SF4 F . 8.35 3.61 17.17
FE1 RQM G . 14.82 -7.07 -10.38
FE2 RQM G . 12.62 -8.71 -12.36
FE3 RQM G . 15.63 -8.99 -8.73
FE4 RQM G . 16.51 -9.17 -11.33
S1 RQM G . 15.36 -10.78 -10.13
S2 RQM G . 17.03 -7.52 -9.75
S4 RQM G . 13.49 -8.02 -8.73
S3 RQM G . 14.84 -7.94 -12.44
NI RQM G . 13.25 -9.87 -10.22
FE1 SF4 H . 19.89 4.39 10.73
FE2 SF4 H . 18.40 5.52 8.73
FE3 SF4 H . 19.03 6.99 10.96
FE4 SF4 H . 17.24 4.93 11.16
S1 SF4 H . 16.99 6.85 9.95
S2 SF4 H . 18.95 5.37 12.58
S3 SF4 H . 18.13 3.43 9.66
S4 SF4 H . 20.47 6.15 9.39
FE1 SF4 I . 17.99 0.55 -2.18
FE2 SF4 I . 18.47 2.81 -3.67
FE3 SF4 I . 19.79 2.43 -1.27
FE4 SF4 I . 17.11 3.01 -1.29
S1 SF4 I . 18.81 4.35 -2.01
S2 SF4 I . 18.16 1.39 -0.06
S3 SF4 I . 16.43 1.91 -3.18
S4 SF4 I . 19.97 1.15 -3.16
FE1 RQM J . -4.86 9.97 15.89
FE2 RQM J . -8.09 10.02 14.84
FE3 RQM J . -4.00 12.38 15.18
FE4 RQM J . -5.79 12.29 17.27
S1 RQM J . -6.01 13.50 15.31
S2 RQM J . -3.60 11.44 17.20
S4 RQM J . -4.52 10.64 13.68
S3 RQM J . -6.87 10.25 16.83
NI RQM J . -6.61 11.80 13.89
FE1 SF4 K . 38.44 6.64 21.27
FE2 SF4 K . 38.63 4.60 19.46
FE3 SF4 K . 37.04 6.77 18.92
FE4 SF4 K . 36.31 4.98 20.86
S1 SF4 K . 36.51 4.57 18.63
S2 SF4 K . 36.26 7.25 21.01
S3 SF4 K . 38.34 4.41 21.72
S4 SF4 K . 39.31 6.75 19.16
FE1 SF4 L . 27.58 11.59 15.13
FE2 SF4 L . 29.34 10.64 13.26
FE3 SF4 L . 26.99 9.33 13.73
FE4 SF4 L . 28.97 9.29 15.61
S1 SF4 L . 29.05 8.40 13.52
S2 SF4 L . 26.75 9.65 15.98
S3 SF4 L . 29.84 11.38 15.36
S4 SF4 L . 27.23 11.43 12.89
#